data_5SZE
# 
_entry.id   5SZE 
# 
_audit_conform.dict_name       mmcif_pdbx.dic 
_audit_conform.dict_version    5.379 
_audit_conform.dict_location   http://mmcif.pdb.org/dictionaries/ascii/mmcif_pdbx.dic 
# 
loop_
_database_2.database_id 
_database_2.database_code 
_database_2.pdbx_database_accession 
_database_2.pdbx_DOI 
PDB   5SZE         pdb_00005sze 10.2210/pdb5sze/pdb 
WWPDB D_1000223380 ?            ?                   
# 
_pdbx_database_related.content_type   unspecified 
_pdbx_database_related.db_id          5SZD 
_pdbx_database_related.db_name        PDB 
_pdbx_database_related.details        . 
# 
_pdbx_database_status.status_code                     REL 
_pdbx_database_status.status_code_sf                  REL 
_pdbx_database_status.status_code_mr                  ? 
_pdbx_database_status.entry_id                        5SZE 
_pdbx_database_status.recvd_initial_deposition_date   2016-08-13 
_pdbx_database_status.SG_entry                        N 
_pdbx_database_status.deposit_site                    RCSB 
_pdbx_database_status.process_site                    RCSB 
_pdbx_database_status.status_code_cs                  ? 
_pdbx_database_status.methods_development_category    ? 
_pdbx_database_status.pdb_format_compatible           Y 
_pdbx_database_status.status_code_nmr_data            ? 
# 
loop_
_audit_author.name 
_audit_author.pdbx_ordinal 
_audit_author.identifier_ORCID 
'Stanek, K.'     1 ? 
'Patterson, J.'  2 ? 
'Randolph, P.S.' 3 ? 
'Mura, C.'       4 ? 
# 
_citation.abstract                  ? 
_citation.abstract_id_CAS           ? 
_citation.book_id_ISBN              ? 
_citation.book_publisher            ? 
_citation.book_publisher_city       ? 
_citation.book_title                ? 
_citation.coordinate_linkage        ? 
_citation.country                   ? 
_citation.database_id_Medline       ? 
_citation.details                   ? 
_citation.id                        primary 
_citation.journal_abbrev            'Acta Crystallogr D Struct Biol' 
_citation.journal_id_ASTM           ? 
_citation.journal_id_CSD            ? 
_citation.journal_id_ISSN           2059-7983 
_citation.journal_full              ? 
_citation.journal_issue             ? 
_citation.journal_volume            73 
_citation.language                  ? 
_citation.page_first                294 
_citation.page_last                 315 
_citation.title                     
;Crystal structure and RNA-binding properties of an Hfq homolog from the deep-branching Aquificae: conservation of the lateral RNA-binding mode.
;
_citation.year                      2017 
_citation.database_id_CSD           ? 
_citation.pdbx_database_id_DOI      10.1107/S2059798317000031 
_citation.pdbx_database_id_PubMed   28375142 
_citation.unpublished_flag          ? 
# 
loop_
_citation_author.citation_id 
_citation_author.name 
_citation_author.ordinal 
_citation_author.identifier_ORCID 
primary 'Stanek, K.A.'       1 ? 
primary 'Patterson-West, J.' 2 ? 
primary 'Randolph, P.S.'     3 ? 
primary 'Mura, C.'           4 ? 
# 
_cell.angle_alpha                  90.00 
_cell.angle_alpha_esd              ? 
_cell.angle_beta                   90.00 
_cell.angle_beta_esd               ? 
_cell.angle_gamma                  120.00 
_cell.angle_gamma_esd              ? 
_cell.entry_id                     5SZE 
_cell.details                      ? 
_cell.formula_units_Z              ? 
_cell.length_a                     66.190 
_cell.length_a_esd                 ? 
_cell.length_b                     66.190 
_cell.length_b_esd                 ? 
_cell.length_c                     34.210 
_cell.length_c_esd                 ? 
_cell.volume                       ? 
_cell.volume_esd                   ? 
_cell.Z_PDB                        6 
_cell.reciprocal_angle_alpha       ? 
_cell.reciprocal_angle_beta        ? 
_cell.reciprocal_angle_gamma       ? 
_cell.reciprocal_angle_alpha_esd   ? 
_cell.reciprocal_angle_beta_esd    ? 
_cell.reciprocal_angle_gamma_esd   ? 
_cell.reciprocal_length_a          ? 
_cell.reciprocal_length_b          ? 
_cell.reciprocal_length_c          ? 
_cell.reciprocal_length_a_esd      ? 
_cell.reciprocal_length_b_esd      ? 
_cell.reciprocal_length_c_esd      ? 
_cell.pdbx_unique_axis             ? 
# 
_symmetry.entry_id                         5SZE 
_symmetry.cell_setting                     ? 
_symmetry.Int_Tables_number                168 
_symmetry.space_group_name_Hall            ? 
_symmetry.space_group_name_H-M             'P 6' 
_symmetry.pdbx_full_space_group_name_H-M   ? 
# 
loop_
_entity.id 
_entity.type 
_entity.src_method 
_entity.pdbx_description 
_entity.formula_weight 
_entity.pdbx_number_of_molecules 
_entity.pdbx_ec 
_entity.pdbx_mutation 
_entity.pdbx_fragment 
_entity.details 
1 polymer     man 'RNA-binding protein Hfq'       9497.957 1  ? ? ? ? 
2 polymer     syn 
;RNA (5'-R(P*UP*UP*U)-3')
;
1792.037 1  ? ? ? ? 
3 non-polymer syn '(4R)-2-METHYLPENTANE-2,4-DIOL' 118.174  1  ? ? ? ? 
4 non-polymer syn 'DI(HYDROXYETHYL)ETHER'         106.120  1  ? ? ? ? 
5 water       nat water                           18.015   36 ? ? ? ? 
# 
loop_
_entity_poly.entity_id 
_entity_poly.type 
_entity_poly.nstd_linkage 
_entity_poly.nstd_monomer 
_entity_poly.pdbx_seq_one_letter_code 
_entity_poly.pdbx_seq_one_letter_code_can 
_entity_poly.pdbx_strand_id 
_entity_poly.pdbx_target_identifier 
1 'polypeptide(L)'   no no 
;GSHMPYKLQESFLNTARKKRVKVSVYLVNGVRLQGRIRSFDLFTILLEDGKQQTLVYKHAITTIVPHERLEIEFEEAGVP
GQG
;
;GSHMPYKLQESFLNTARKKRVKVSVYLVNGVRLQGRIRSFDLFTILLEDGKQQTLVYKHAITTIVPHERLEIEFEEAGVP
GQG
;
A ? 
2 polyribonucleotide no no UUUUUU                                                                                 UUUUUU C ? 
# 
loop_
_entity_poly_seq.entity_id 
_entity_poly_seq.num 
_entity_poly_seq.mon_id 
_entity_poly_seq.hetero 
1 1  GLY n 
1 2  SER n 
1 3  HIS n 
1 4  MET n 
1 5  PRO n 
1 6  TYR n 
1 7  LYS n 
1 8  LEU n 
1 9  GLN n 
1 10 GLU n 
1 11 SER n 
1 12 PHE n 
1 13 LEU n 
1 14 ASN n 
1 15 THR n 
1 16 ALA n 
1 17 ARG n 
1 18 LYS n 
1 19 LYS n 
1 20 ARG n 
1 21 VAL n 
1 22 LYS n 
1 23 VAL n 
1 24 SER n 
1 25 VAL n 
1 26 TYR n 
1 27 LEU n 
1 28 VAL n 
1 29 ASN n 
1 30 GLY n 
1 31 VAL n 
1 32 ARG n 
1 33 LEU n 
1 34 GLN n 
1 35 GLY n 
1 36 ARG n 
1 37 ILE n 
1 38 ARG n 
1 39 SER n 
1 40 PHE n 
1 41 ASP n 
1 42 LEU n 
1 43 PHE n 
1 44 THR n 
1 45 ILE n 
1 46 LEU n 
1 47 LEU n 
1 48 GLU n 
1 49 ASP n 
1 50 GLY n 
1 51 LYS n 
1 52 GLN n 
1 53 GLN n 
1 54 THR n 
1 55 LEU n 
1 56 VAL n 
1 57 TYR n 
1 58 LYS n 
1 59 HIS n 
1 60 ALA n 
1 61 ILE n 
1 62 THR n 
1 63 THR n 
1 64 ILE n 
1 65 VAL n 
1 66 PRO n 
1 67 HIS n 
1 68 GLU n 
1 69 ARG n 
1 70 LEU n 
1 71 GLU n 
1 72 ILE n 
1 73 GLU n 
1 74 PHE n 
1 75 GLU n 
1 76 GLU n 
1 77 ALA n 
1 78 GLY n 
1 79 VAL n 
1 80 PRO n 
1 81 GLY n 
1 82 GLN n 
1 83 GLY n 
2 1  U   n 
2 2  U   n 
2 3  U   n 
2 4  U   n 
2 5  U   n 
2 6  U   n 
# 
_entity_src_gen.entity_id                          1 
_entity_src_gen.pdbx_src_id                        1 
_entity_src_gen.pdbx_alt_source_flag               sample 
_entity_src_gen.pdbx_seq_type                      'Biological sequence' 
_entity_src_gen.pdbx_beg_seq_num                   1 
_entity_src_gen.pdbx_end_seq_num                   83 
_entity_src_gen.gene_src_common_name               ? 
_entity_src_gen.gene_src_genus                     ? 
_entity_src_gen.pdbx_gene_src_gene                 'hfq, aq_108, aq_108B' 
_entity_src_gen.gene_src_species                   ? 
_entity_src_gen.gene_src_strain                    VF5 
_entity_src_gen.gene_src_tissue                    ? 
_entity_src_gen.gene_src_tissue_fraction           ? 
_entity_src_gen.gene_src_details                   ? 
_entity_src_gen.pdbx_gene_src_fragment             ? 
_entity_src_gen.pdbx_gene_src_scientific_name      'Aquifex aeolicus (strain VF5)' 
_entity_src_gen.pdbx_gene_src_ncbi_taxonomy_id     224324 
_entity_src_gen.pdbx_gene_src_variant              ? 
_entity_src_gen.pdbx_gene_src_cell_line            ? 
_entity_src_gen.pdbx_gene_src_atcc                 ? 
_entity_src_gen.pdbx_gene_src_organ                ? 
_entity_src_gen.pdbx_gene_src_organelle            ? 
_entity_src_gen.pdbx_gene_src_cell                 ? 
_entity_src_gen.pdbx_gene_src_cellular_location    ? 
_entity_src_gen.host_org_common_name               ? 
_entity_src_gen.pdbx_host_org_scientific_name      'Escherichia coli' 
_entity_src_gen.pdbx_host_org_ncbi_taxonomy_id     562 
_entity_src_gen.host_org_genus                     ? 
_entity_src_gen.pdbx_host_org_gene                 ? 
_entity_src_gen.pdbx_host_org_organ                ? 
_entity_src_gen.host_org_species                   ? 
_entity_src_gen.pdbx_host_org_tissue               ? 
_entity_src_gen.pdbx_host_org_tissue_fraction      ? 
_entity_src_gen.pdbx_host_org_strain               ? 
_entity_src_gen.pdbx_host_org_variant              ? 
_entity_src_gen.pdbx_host_org_cell_line            ? 
_entity_src_gen.pdbx_host_org_atcc                 ? 
_entity_src_gen.pdbx_host_org_culture_collection   ? 
_entity_src_gen.pdbx_host_org_cell                 ? 
_entity_src_gen.pdbx_host_org_organelle            ? 
_entity_src_gen.pdbx_host_org_cellular_location    ? 
_entity_src_gen.pdbx_host_org_vector_type          ? 
_entity_src_gen.pdbx_host_org_vector               ? 
_entity_src_gen.host_org_details                   ? 
_entity_src_gen.expression_system_id               ? 
_entity_src_gen.plasmid_name                       ? 
_entity_src_gen.plasmid_details                    ? 
_entity_src_gen.pdbx_description                   ? 
# 
_pdbx_entity_src_syn.entity_id              2 
_pdbx_entity_src_syn.pdbx_src_id            1 
_pdbx_entity_src_syn.pdbx_alt_source_flag   sample 
_pdbx_entity_src_syn.pdbx_beg_seq_num       1 
_pdbx_entity_src_syn.pdbx_end_seq_num       6 
_pdbx_entity_src_syn.organism_scientific    unidentified 
_pdbx_entity_src_syn.organism_common_name   ? 
_pdbx_entity_src_syn.ncbi_taxonomy_id       32644 
_pdbx_entity_src_syn.details                ? 
# 
loop_
_struct_ref.id 
_struct_ref.db_name 
_struct_ref.db_code 
_struct_ref.pdbx_db_accession 
_struct_ref.pdbx_db_isoform 
_struct_ref.entity_id 
_struct_ref.pdbx_seq_one_letter_code 
_struct_ref.pdbx_align_begin 
1 UNP HFQ_AQUAE O66512 ? 1 
;MPYKLQESFLNTARKKRVKVSVYLVNGVRLQGRIRSFDLFTILLEDGKQQTLVYKHAITTIVPHERLEIEFEEAGVPGQG

;
1 
2 PDB 5SZE      5SZE   ? 2 ?                                                                                   1 
# 
loop_
_struct_ref_seq.align_id 
_struct_ref_seq.ref_id 
_struct_ref_seq.pdbx_PDB_id_code 
_struct_ref_seq.pdbx_strand_id 
_struct_ref_seq.seq_align_beg 
_struct_ref_seq.pdbx_seq_align_beg_ins_code 
_struct_ref_seq.seq_align_end 
_struct_ref_seq.pdbx_seq_align_end_ins_code 
_struct_ref_seq.pdbx_db_accession 
_struct_ref_seq.db_align_beg 
_struct_ref_seq.pdbx_db_align_beg_ins_code 
_struct_ref_seq.db_align_end 
_struct_ref_seq.pdbx_db_align_end_ins_code 
_struct_ref_seq.pdbx_auth_seq_align_beg 
_struct_ref_seq.pdbx_auth_seq_align_end 
1 1 5SZE A 4 ? 83 ? O66512 1 ? 80 ? 4 83 
2 2 5SZE C 1 ? 6  ? 5SZE   1 ? 6  ? 1 6  
# 
loop_
_struct_ref_seq_dif.align_id 
_struct_ref_seq_dif.pdbx_pdb_id_code 
_struct_ref_seq_dif.mon_id 
_struct_ref_seq_dif.pdbx_pdb_strand_id 
_struct_ref_seq_dif.seq_num 
_struct_ref_seq_dif.pdbx_pdb_ins_code 
_struct_ref_seq_dif.pdbx_seq_db_name 
_struct_ref_seq_dif.pdbx_seq_db_accession_code 
_struct_ref_seq_dif.db_mon_id 
_struct_ref_seq_dif.pdbx_seq_db_seq_num 
_struct_ref_seq_dif.details 
_struct_ref_seq_dif.pdbx_auth_seq_num 
_struct_ref_seq_dif.pdbx_ordinal 
1 5SZE GLY A 1 ? UNP O66512 ? ? 'expression tag' 1 1 
1 5SZE SER A 2 ? UNP O66512 ? ? 'expression tag' 2 2 
1 5SZE HIS A 3 ? UNP O66512 ? ? 'expression tag' 3 3 
# 
loop_
_chem_comp.id 
_chem_comp.type 
_chem_comp.mon_nstd_flag 
_chem_comp.name 
_chem_comp.pdbx_synonyms 
_chem_comp.formula 
_chem_comp.formula_weight 
ALA 'L-peptide linking' y ALANINE                         ? 'C3 H7 N O2'     89.093  
ARG 'L-peptide linking' y ARGININE                        ? 'C6 H15 N4 O2 1' 175.209 
ASN 'L-peptide linking' y ASPARAGINE                      ? 'C4 H8 N2 O3'    132.118 
ASP 'L-peptide linking' y 'ASPARTIC ACID'                 ? 'C4 H7 N O4'     133.103 
GLN 'L-peptide linking' y GLUTAMINE                       ? 'C5 H10 N2 O3'   146.144 
GLU 'L-peptide linking' y 'GLUTAMIC ACID'                 ? 'C5 H9 N O4'     147.129 
GLY 'peptide linking'   y GLYCINE                         ? 'C2 H5 N O2'     75.067  
HIS 'L-peptide linking' y HISTIDINE                       ? 'C6 H10 N3 O2 1' 156.162 
HOH non-polymer         . WATER                           ? 'H2 O'           18.015  
ILE 'L-peptide linking' y ISOLEUCINE                      ? 'C6 H13 N O2'    131.173 
LEU 'L-peptide linking' y LEUCINE                         ? 'C6 H13 N O2'    131.173 
LYS 'L-peptide linking' y LYSINE                          ? 'C6 H15 N2 O2 1' 147.195 
MET 'L-peptide linking' y METHIONINE                      ? 'C5 H11 N O2 S'  149.211 
MRD non-polymer         . '(4R)-2-METHYLPENTANE-2,4-DIOL' ? 'C6 H14 O2'      118.174 
PEG non-polymer         . 'DI(HYDROXYETHYL)ETHER'         ? 'C4 H10 O3'      106.120 
PHE 'L-peptide linking' y PHENYLALANINE                   ? 'C9 H11 N O2'    165.189 
PRO 'L-peptide linking' y PROLINE                         ? 'C5 H9 N O2'     115.130 
SER 'L-peptide linking' y SERINE                          ? 'C3 H7 N O3'     105.093 
THR 'L-peptide linking' y THREONINE                       ? 'C4 H9 N O3'     119.119 
TYR 'L-peptide linking' y TYROSINE                        ? 'C9 H11 N O3'    181.189 
U   'RNA linking'       y "URIDINE-5'-MONOPHOSPHATE"      ? 'C9 H13 N2 O9 P' 324.181 
VAL 'L-peptide linking' y VALINE                          ? 'C5 H11 N O2'    117.146 
# 
_exptl.absorpt_coefficient_mu     ? 
_exptl.absorpt_correction_T_max   ? 
_exptl.absorpt_correction_T_min   ? 
_exptl.absorpt_correction_type    ? 
_exptl.absorpt_process_details    ? 
_exptl.entry_id                   5SZE 
_exptl.crystals_number            1 
_exptl.details                    ? 
_exptl.method                     'X-RAY DIFFRACTION' 
_exptl.method_details             ? 
# 
_exptl_crystal.colour                      ? 
_exptl_crystal.density_diffrn              ? 
_exptl_crystal.density_Matthews            1.92 
_exptl_crystal.density_method              ? 
_exptl_crystal.density_percent_sol         35.81 
_exptl_crystal.description                 ? 
_exptl_crystal.F_000                       ? 
_exptl_crystal.id                          1 
_exptl_crystal.preparation                 ? 
_exptl_crystal.size_max                    ? 
_exptl_crystal.size_mid                    ? 
_exptl_crystal.size_min                    ? 
_exptl_crystal.size_rad                    ? 
_exptl_crystal.colour_lustre               ? 
_exptl_crystal.colour_modifier             ? 
_exptl_crystal.colour_primary              ? 
_exptl_crystal.density_meas                ? 
_exptl_crystal.density_meas_esd            ? 
_exptl_crystal.density_meas_gt             ? 
_exptl_crystal.density_meas_lt             ? 
_exptl_crystal.density_meas_temp           ? 
_exptl_crystal.density_meas_temp_esd       ? 
_exptl_crystal.density_meas_temp_gt        ? 
_exptl_crystal.density_meas_temp_lt        ? 
_exptl_crystal.pdbx_crystal_image_url      ? 
_exptl_crystal.pdbx_crystal_image_format   ? 
_exptl_crystal.pdbx_mosaicity              ? 
_exptl_crystal.pdbx_mosaicity_esd          ? 
# 
_exptl_crystal_grow.apparatus       ? 
_exptl_crystal_grow.atmosphere      ? 
_exptl_crystal_grow.crystal_id      1 
_exptl_crystal_grow.details         ? 
_exptl_crystal_grow.method          'VAPOR DIFFUSION, SITTING DROP' 
_exptl_crystal_grow.method_ref      ? 
_exptl_crystal_grow.pH              ? 
_exptl_crystal_grow.pressure        ? 
_exptl_crystal_grow.pressure_esd    ? 
_exptl_crystal_grow.seeding         ? 
_exptl_crystal_grow.seeding_ref     ? 
_exptl_crystal_grow.temp            295 
_exptl_crystal_grow.temp_details    ? 
_exptl_crystal_grow.temp_esd        ? 
_exptl_crystal_grow.time            ? 
_exptl_crystal_grow.pdbx_details    'sodium cacodylate, PEG 8000, MPD, guanidinium' 
_exptl_crystal_grow.pdbx_pH_range   ? 
# 
_diffrn.ambient_environment    ? 
_diffrn.ambient_temp           100 
_diffrn.ambient_temp_details   ? 
_diffrn.ambient_temp_esd       ? 
_diffrn.crystal_id             1 
_diffrn.crystal_support        ? 
_diffrn.crystal_treatment      ? 
_diffrn.details                ? 
_diffrn.id                     1 
_diffrn.ambient_pressure       ? 
_diffrn.ambient_pressure_esd   ? 
_diffrn.ambient_pressure_gt    ? 
_diffrn.ambient_pressure_lt    ? 
_diffrn.ambient_temp_gt        ? 
_diffrn.ambient_temp_lt        ? 
# 
_diffrn_detector.details                      ? 
_diffrn_detector.detector                     PIXEL 
_diffrn_detector.diffrn_id                    1 
_diffrn_detector.type                         'DECTRIS PILATUS 6M-F' 
_diffrn_detector.area_resol_mean              ? 
_diffrn_detector.dtime                        ? 
_diffrn_detector.pdbx_frames_total            ? 
_diffrn_detector.pdbx_collection_time_total   ? 
_diffrn_detector.pdbx_collection_date         2014-06-20 
# 
_diffrn_radiation.collimation                      ? 
_diffrn_radiation.diffrn_id                        1 
_diffrn_radiation.filter_edge                      ? 
_diffrn_radiation.inhomogeneity                    ? 
_diffrn_radiation.monochromator                    ? 
_diffrn_radiation.polarisn_norm                    ? 
_diffrn_radiation.polarisn_ratio                   ? 
_diffrn_radiation.probe                            ? 
_diffrn_radiation.type                             ? 
_diffrn_radiation.xray_symbol                      ? 
_diffrn_radiation.wavelength_id                    1 
_diffrn_radiation.pdbx_monochromatic_or_laue_m_l   M 
_diffrn_radiation.pdbx_wavelength_list             ? 
_diffrn_radiation.pdbx_wavelength                  ? 
_diffrn_radiation.pdbx_diffrn_protocol             'SINGLE WAVELENGTH' 
_diffrn_radiation.pdbx_analyzer                    ? 
_diffrn_radiation.pdbx_scattering_type             x-ray 
# 
_diffrn_radiation_wavelength.id           1 
_diffrn_radiation_wavelength.wavelength   0.9195 
_diffrn_radiation_wavelength.wt           1.0 
# 
_diffrn_source.current                     ? 
_diffrn_source.details                     ? 
_diffrn_source.diffrn_id                   1 
_diffrn_source.power                       ? 
_diffrn_source.size                        ? 
_diffrn_source.source                      SYNCHROTRON 
_diffrn_source.target                      ? 
_diffrn_source.type                        'APS BEAMLINE 24-ID-C' 
_diffrn_source.voltage                     ? 
_diffrn_source.take-off_angle              ? 
_diffrn_source.pdbx_wavelength_list        0.9195 
_diffrn_source.pdbx_wavelength             ? 
_diffrn_source.pdbx_synchrotron_beamline   24-ID-C 
_diffrn_source.pdbx_synchrotron_site       APS 
# 
_reflns.B_iso_Wilson_estimate            ? 
_reflns.entry_id                         5SZE 
_reflns.data_reduction_details           ? 
_reflns.data_reduction_method            ? 
_reflns.d_resolution_high                1.50 
_reflns.d_resolution_low                 34.21 
_reflns.details                          ? 
_reflns.limit_h_max                      ? 
_reflns.limit_h_min                      ? 
_reflns.limit_k_max                      ? 
_reflns.limit_k_min                      ? 
_reflns.limit_l_max                      ? 
_reflns.limit_l_min                      ? 
_reflns.number_all                       ? 
_reflns.number_obs                       13177 
_reflns.observed_criterion               ? 
_reflns.observed_criterion_F_max         ? 
_reflns.observed_criterion_F_min         ? 
_reflns.observed_criterion_I_max         ? 
_reflns.observed_criterion_I_min         ? 
_reflns.observed_criterion_sigma_F       ? 
_reflns.observed_criterion_sigma_I       ? 
_reflns.percent_possible_obs             94.9 
_reflns.R_free_details                   ? 
_reflns.Rmerge_F_all                     ? 
_reflns.Rmerge_F_obs                     ? 
_reflns.Friedel_coverage                 ? 
_reflns.number_gt                        ? 
_reflns.threshold_expression             ? 
_reflns.pdbx_redundancy                  3.5 
_reflns.pdbx_Rmerge_I_obs                ? 
_reflns.pdbx_Rmerge_I_all                ? 
_reflns.pdbx_Rsym_value                  ? 
_reflns.pdbx_netI_over_av_sigmaI         ? 
_reflns.pdbx_netI_over_sigmaI            12.3 
_reflns.pdbx_res_netI_over_av_sigmaI_2   ? 
_reflns.pdbx_res_netI_over_sigmaI_2      ? 
_reflns.pdbx_chi_squared                 ? 
_reflns.pdbx_scaling_rejects             ? 
_reflns.pdbx_d_res_high_opt              ? 
_reflns.pdbx_d_res_low_opt               ? 
_reflns.pdbx_d_res_opt_method            ? 
_reflns.phase_calculation_details        ? 
_reflns.pdbx_Rrim_I_all                  ? 
_reflns.pdbx_Rpim_I_all                  ? 
_reflns.pdbx_d_opt                       ? 
_reflns.pdbx_number_measured_all         ? 
_reflns.pdbx_diffrn_id                   1 
_reflns.pdbx_ordinal                     1 
_reflns.pdbx_CC_half                     ? 
_reflns.pdbx_R_split                     ? 
# 
_reflns_shell.d_res_high                  . 
_reflns_shell.d_res_low                   ? 
_reflns_shell.meanI_over_sigI_all         ? 
_reflns_shell.meanI_over_sigI_obs         ? 
_reflns_shell.number_measured_all         ? 
_reflns_shell.number_measured_obs         ? 
_reflns_shell.number_possible             ? 
_reflns_shell.number_unique_all           ? 
_reflns_shell.number_unique_obs           ? 
_reflns_shell.percent_possible_all        ? 
_reflns_shell.percent_possible_obs        ? 
_reflns_shell.Rmerge_F_all                ? 
_reflns_shell.Rmerge_F_obs                ? 
_reflns_shell.Rmerge_I_all                ? 
_reflns_shell.Rmerge_I_obs                ? 
_reflns_shell.meanI_over_sigI_gt          ? 
_reflns_shell.meanI_over_uI_all           ? 
_reflns_shell.meanI_over_uI_gt            ? 
_reflns_shell.number_measured_gt          ? 
_reflns_shell.number_unique_gt            ? 
_reflns_shell.percent_possible_gt         ? 
_reflns_shell.Rmerge_F_gt                 ? 
_reflns_shell.Rmerge_I_gt                 ? 
_reflns_shell.pdbx_redundancy             ? 
_reflns_shell.pdbx_Rsym_value             ? 
_reflns_shell.pdbx_chi_squared            ? 
_reflns_shell.pdbx_netI_over_sigmaI_all   ? 
_reflns_shell.pdbx_netI_over_sigmaI_obs   ? 
_reflns_shell.pdbx_Rrim_I_all             ? 
_reflns_shell.pdbx_Rpim_I_all             ? 
_reflns_shell.pdbx_rejects                ? 
_reflns_shell.pdbx_ordinal                1 
_reflns_shell.pdbx_diffrn_id              1 
_reflns_shell.pdbx_CC_half                ? 
_reflns_shell.pdbx_R_split                ? 
# 
_refine.aniso_B[1][1]                            ? 
_refine.aniso_B[1][2]                            ? 
_refine.aniso_B[1][3]                            ? 
_refine.aniso_B[2][2]                            ? 
_refine.aniso_B[2][3]                            ? 
_refine.aniso_B[3][3]                            ? 
_refine.B_iso_max                                ? 
_refine.B_iso_mean                               ? 
_refine.B_iso_min                                ? 
_refine.correlation_coeff_Fo_to_Fc               ? 
_refine.correlation_coeff_Fo_to_Fc_free          ? 
_refine.details                                  ? 
_refine.diff_density_max                         ? 
_refine.diff_density_max_esd                     ? 
_refine.diff_density_min                         ? 
_refine.diff_density_min_esd                     ? 
_refine.diff_density_rms                         ? 
_refine.diff_density_rms_esd                     ? 
_refine.entry_id                                 5SZE 
_refine.pdbx_refine_id                           'X-RAY DIFFRACTION' 
_refine.ls_abs_structure_details                 ? 
_refine.ls_abs_structure_Flack                   ? 
_refine.ls_abs_structure_Flack_esd               ? 
_refine.ls_abs_structure_Rogers                  ? 
_refine.ls_abs_structure_Rogers_esd              ? 
_refine.ls_d_res_high                            1.500 
_refine.ls_d_res_low                             34.210 
_refine.ls_extinction_coef                       ? 
_refine.ls_extinction_coef_esd                   ? 
_refine.ls_extinction_expression                 ? 
_refine.ls_extinction_method                     ? 
_refine.ls_goodness_of_fit_all                   ? 
_refine.ls_goodness_of_fit_all_esd               ? 
_refine.ls_goodness_of_fit_obs                   ? 
_refine.ls_goodness_of_fit_obs_esd               ? 
_refine.ls_hydrogen_treatment                    ? 
_refine.ls_matrix_type                           ? 
_refine.ls_number_constraints                    ? 
_refine.ls_number_parameters                     ? 
_refine.ls_number_reflns_all                     ? 
_refine.ls_number_reflns_obs                     13171 
_refine.ls_number_reflns_R_free                  662 
_refine.ls_number_reflns_R_work                  ? 
_refine.ls_number_restraints                     ? 
_refine.ls_percent_reflns_obs                    94.90 
_refine.ls_percent_reflns_R_free                 5.03 
_refine.ls_R_factor_all                          ? 
_refine.ls_R_factor_obs                          0.1457 
_refine.ls_R_factor_R_free                       0.1720 
_refine.ls_R_factor_R_free_error                 ? 
_refine.ls_R_factor_R_free_error_details         ? 
_refine.ls_R_factor_R_work                       0.1441 
_refine.ls_R_Fsqd_factor_obs                     ? 
_refine.ls_R_I_factor_obs                        ? 
_refine.ls_redundancy_reflns_all                 ? 
_refine.ls_redundancy_reflns_obs                 ? 
_refine.ls_restrained_S_all                      ? 
_refine.ls_restrained_S_obs                      ? 
_refine.ls_shift_over_esd_max                    ? 
_refine.ls_shift_over_esd_mean                   ? 
_refine.ls_structure_factor_coef                 ? 
_refine.ls_weighting_details                     ? 
_refine.ls_weighting_scheme                      ? 
_refine.ls_wR_factor_all                         ? 
_refine.ls_wR_factor_obs                         ? 
_refine.ls_wR_factor_R_free                      ? 
_refine.ls_wR_factor_R_work                      ? 
_refine.occupancy_max                            ? 
_refine.occupancy_min                            ? 
_refine.solvent_model_details                    ? 
_refine.solvent_model_param_bsol                 ? 
_refine.solvent_model_param_ksol                 ? 
_refine.ls_R_factor_gt                           ? 
_refine.ls_goodness_of_fit_gt                    ? 
_refine.ls_goodness_of_fit_ref                   ? 
_refine.ls_shift_over_su_max                     ? 
_refine.ls_shift_over_su_max_lt                  ? 
_refine.ls_shift_over_su_mean                    ? 
_refine.ls_shift_over_su_mean_lt                 ? 
_refine.pdbx_ls_sigma_I                          ? 
_refine.pdbx_ls_sigma_F                          1.35 
_refine.pdbx_ls_sigma_Fsqd                       ? 
_refine.pdbx_data_cutoff_high_absF               ? 
_refine.pdbx_data_cutoff_high_rms_absF           ? 
_refine.pdbx_data_cutoff_low_absF                ? 
_refine.pdbx_isotropic_thermal_model             ? 
_refine.pdbx_ls_cross_valid_method               'FREE R-VALUE' 
_refine.pdbx_method_to_determine_struct          'MOLECULAR REPLACEMENT' 
_refine.pdbx_starting_model                      1U1S 
_refine.pdbx_stereochemistry_target_values       ? 
_refine.pdbx_R_Free_selection_details            ? 
_refine.pdbx_stereochem_target_val_spec_case     ? 
_refine.pdbx_overall_ESU_R                       ? 
_refine.pdbx_overall_ESU_R_Free                  ? 
_refine.pdbx_solvent_vdw_probe_radii             1.11 
_refine.pdbx_solvent_ion_probe_radii             ? 
_refine.pdbx_solvent_shrinkage_radii             0.90 
_refine.pdbx_real_space_R                        ? 
_refine.pdbx_density_correlation                 ? 
_refine.pdbx_pd_number_of_powder_patterns        ? 
_refine.pdbx_pd_number_of_points                 ? 
_refine.pdbx_pd_meas_number_of_points            ? 
_refine.pdbx_pd_proc_ls_prof_R_factor            ? 
_refine.pdbx_pd_proc_ls_prof_wR_factor           ? 
_refine.pdbx_pd_Marquardt_correlation_coeff      ? 
_refine.pdbx_pd_Fsqrd_R_factor                   ? 
_refine.pdbx_pd_ls_matrix_band_width             ? 
_refine.pdbx_overall_phase_error                 19.86 
_refine.pdbx_overall_SU_R_free_Cruickshank_DPI   ? 
_refine.pdbx_overall_SU_R_free_Blow_DPI          ? 
_refine.pdbx_overall_SU_R_Blow_DPI               ? 
_refine.pdbx_TLS_residual_ADP_flag               ? 
_refine.pdbx_diffrn_id                           1 
_refine.overall_SU_B                             ? 
_refine.overall_SU_ML                            0.15 
_refine.overall_SU_R_Cruickshank_DPI             ? 
_refine.overall_SU_R_free                        ? 
_refine.overall_FOM_free_R_set                   ? 
_refine.overall_FOM_work_R_set                   ? 
_refine.pdbx_average_fsc_overall                 ? 
_refine.pdbx_average_fsc_work                    ? 
_refine.pdbx_average_fsc_free                    ? 
# 
_refine_hist.pdbx_refine_id                   'X-RAY DIFFRACTION' 
_refine_hist.cycle_id                         LAST 
_refine_hist.pdbx_number_atoms_protein        590 
_refine_hist.pdbx_number_atoms_nucleic_acid   43 
_refine_hist.pdbx_number_atoms_ligand         15 
_refine_hist.number_atoms_solvent             36 
_refine_hist.number_atoms_total               684 
_refine_hist.d_res_high                       1.500 
_refine_hist.d_res_low                        34.210 
# 
loop_
_refine_ls_restr.pdbx_refine_id 
_refine_ls_restr.criterion 
_refine_ls_restr.dev_ideal 
_refine_ls_restr.dev_ideal_target 
_refine_ls_restr.number 
_refine_ls_restr.rejects 
_refine_ls_restr.type 
_refine_ls_restr.weight 
_refine_ls_restr.pdbx_restraint_function 
'X-RAY DIFFRACTION' ? 0.005  ? 668 ? f_bond_d           ? ? 
'X-RAY DIFFRACTION' ? 0.754  ? 904 ? f_angle_d          ? ? 
'X-RAY DIFFRACTION' ? 12.301 ? 401 ? f_dihedral_angle_d ? ? 
'X-RAY DIFFRACTION' ? 0.050  ? 107 ? f_chiral_restr     ? ? 
'X-RAY DIFFRACTION' ? 0.004  ? 104 ? f_plane_restr      ? ? 
# 
loop_
_refine_ls_shell.pdbx_refine_id 
_refine_ls_shell.d_res_high 
_refine_ls_shell.d_res_low 
_refine_ls_shell.number_reflns_all 
_refine_ls_shell.number_reflns_obs 
_refine_ls_shell.number_reflns_R_free 
_refine_ls_shell.number_reflns_R_work 
_refine_ls_shell.percent_reflns_obs 
_refine_ls_shell.percent_reflns_R_free 
_refine_ls_shell.R_factor_all 
_refine_ls_shell.R_factor_obs 
_refine_ls_shell.R_factor_R_free 
_refine_ls_shell.R_factor_R_free_error 
_refine_ls_shell.R_factor_R_work 
_refine_ls_shell.redundancy_reflns_all 
_refine_ls_shell.redundancy_reflns_obs 
_refine_ls_shell.wR_factor_all 
_refine_ls_shell.wR_factor_obs 
_refine_ls_shell.wR_factor_R_free 
_refine_ls_shell.wR_factor_R_work 
_refine_ls_shell.pdbx_total_number_of_bins_used 
_refine_ls_shell.pdbx_phase_error 
_refine_ls_shell.pdbx_fsc_work 
_refine_ls_shell.pdbx_fsc_free 
'X-RAY DIFFRACTION' 1.5003 1.6162  . . 126 2466 94.00 . . . 0.2095 . 0.1343 . . . . . . . . . . 
'X-RAY DIFFRACTION' 1.6162 1.7788  . . 141 2460 95.00 . . . 0.1971 . 0.1219 . . . . . . . . . . 
'X-RAY DIFFRACTION' 1.7788 2.0362  . . 157 2474 95.00 . . . 0.1549 . 0.1198 . . . . . . . . . . 
'X-RAY DIFFRACTION' 2.0362 2.5652  . . 121 2569 97.00 . . . 0.1685 . 0.1409 . . . . . . . . . . 
'X-RAY DIFFRACTION' 2.5652 34.2189 . . 117 2540 94.00 . . . 0.1706 . 0.1581 . . . . . . . . . . 
# 
_struct.entry_id                     5SZE 
_struct.title                        'Crystal structure of Aquifex aeolicus Hfq-RNA complex at 1.5A' 
_struct.pdbx_model_details           ? 
_struct.pdbx_formula_weight          ? 
_struct.pdbx_formula_weight_method   ? 
_struct.pdbx_model_type_details      ? 
_struct.pdbx_CASP_flag               N 
# 
_struct_keywords.entry_id        5SZE 
_struct_keywords.text            'Hfq, Aquifex, RNA-binding, RNA-binding protein-RNA complex' 
_struct_keywords.pdbx_keywords   'RNA-binding protein/RNA' 
# 
loop_
_struct_asym.id 
_struct_asym.pdbx_blank_PDB_chainid_flag 
_struct_asym.pdbx_modified 
_struct_asym.entity_id 
_struct_asym.details 
A N N 1 ? 
B N N 2 ? 
C N N 3 ? 
D N N 4 ? 
E N N 5 ? 
F N N 5 ? 
# 
_struct_conf.conf_type_id            HELX_P 
_struct_conf.id                      HELX_P1 
_struct_conf.pdbx_PDB_helix_id       AA1 
_struct_conf.beg_label_comp_id       LYS 
_struct_conf.beg_label_asym_id       A 
_struct_conf.beg_label_seq_id        7 
_struct_conf.pdbx_beg_PDB_ins_code   ? 
_struct_conf.end_label_comp_id       LYS 
_struct_conf.end_label_asym_id       A 
_struct_conf.end_label_seq_id        19 
_struct_conf.pdbx_end_PDB_ins_code   ? 
_struct_conf.beg_auth_comp_id        LYS 
_struct_conf.beg_auth_asym_id        A 
_struct_conf.beg_auth_seq_id         7 
_struct_conf.end_auth_comp_id        LYS 
_struct_conf.end_auth_asym_id        A 
_struct_conf.end_auth_seq_id         19 
_struct_conf.pdbx_PDB_helix_class    1 
_struct_conf.details                 ? 
_struct_conf.pdbx_PDB_helix_length   13 
# 
_struct_conf_type.id          HELX_P 
_struct_conf_type.criteria    ? 
_struct_conf_type.reference   ? 
# 
_struct_sheet.id               AA1 
_struct_sheet.type             ? 
_struct_sheet.number_strands   5 
_struct_sheet.details          ? 
# 
loop_
_struct_sheet_order.sheet_id 
_struct_sheet_order.range_id_1 
_struct_sheet_order.range_id_2 
_struct_sheet_order.offset 
_struct_sheet_order.sense 
AA1 1 2 ? anti-parallel 
AA1 2 3 ? anti-parallel 
AA1 3 4 ? anti-parallel 
AA1 4 5 ? anti-parallel 
# 
loop_
_struct_sheet_range.sheet_id 
_struct_sheet_range.id 
_struct_sheet_range.beg_label_comp_id 
_struct_sheet_range.beg_label_asym_id 
_struct_sheet_range.beg_label_seq_id 
_struct_sheet_range.pdbx_beg_PDB_ins_code 
_struct_sheet_range.end_label_comp_id 
_struct_sheet_range.end_label_asym_id 
_struct_sheet_range.end_label_seq_id 
_struct_sheet_range.pdbx_end_PDB_ins_code 
_struct_sheet_range.beg_auth_comp_id 
_struct_sheet_range.beg_auth_asym_id 
_struct_sheet_range.beg_auth_seq_id 
_struct_sheet_range.end_auth_comp_id 
_struct_sheet_range.end_auth_asym_id 
_struct_sheet_range.end_auth_seq_id 
AA1 1 GLN A 52 ? TYR A 57 ? GLN A 52 TYR A 57 
AA1 2 THR A 44 ? ASP A 49 ? THR A 44 ASP A 49 
AA1 3 ARG A 32 ? PHE A 40 ? ARG A 32 PHE A 40 
AA1 4 LYS A 22 ? LEU A 27 ? LYS A 22 LEU A 27 
AA1 5 ILE A 61 ? PRO A 66 ? ILE A 61 PRO A 66 
# 
loop_
_pdbx_struct_sheet_hbond.sheet_id 
_pdbx_struct_sheet_hbond.range_id_1 
_pdbx_struct_sheet_hbond.range_id_2 
_pdbx_struct_sheet_hbond.range_1_label_atom_id 
_pdbx_struct_sheet_hbond.range_1_label_comp_id 
_pdbx_struct_sheet_hbond.range_1_label_asym_id 
_pdbx_struct_sheet_hbond.range_1_label_seq_id 
_pdbx_struct_sheet_hbond.range_1_PDB_ins_code 
_pdbx_struct_sheet_hbond.range_1_auth_atom_id 
_pdbx_struct_sheet_hbond.range_1_auth_comp_id 
_pdbx_struct_sheet_hbond.range_1_auth_asym_id 
_pdbx_struct_sheet_hbond.range_1_auth_seq_id 
_pdbx_struct_sheet_hbond.range_2_label_atom_id 
_pdbx_struct_sheet_hbond.range_2_label_comp_id 
_pdbx_struct_sheet_hbond.range_2_label_asym_id 
_pdbx_struct_sheet_hbond.range_2_label_seq_id 
_pdbx_struct_sheet_hbond.range_2_PDB_ins_code 
_pdbx_struct_sheet_hbond.range_2_auth_atom_id 
_pdbx_struct_sheet_hbond.range_2_auth_comp_id 
_pdbx_struct_sheet_hbond.range_2_auth_asym_id 
_pdbx_struct_sheet_hbond.range_2_auth_seq_id 
AA1 1 2 O VAL A 56 ? O VAL A 56 N ILE A 45 ? N ILE A 45 
AA1 2 3 O LEU A 46 ? O LEU A 46 N SER A 39 ? N SER A 39 
AA1 3 4 O LEU A 33 ? O LEU A 33 N VAL A 25 ? N VAL A 25 
AA1 4 5 N TYR A 26 ? N TYR A 26 O THR A 62 ? O THR A 62 
# 
loop_
_struct_site.id 
_struct_site.pdbx_evidence_code 
_struct_site.pdbx_auth_asym_id 
_struct_site.pdbx_auth_comp_id 
_struct_site.pdbx_auth_seq_id 
_struct_site.pdbx_auth_ins_code 
_struct_site.pdbx_num_residues 
_struct_site.details 
AC1 Software A MRD 101 ? 6 'binding site for residue MRD A 101' 
AC2 Software A PEG 102 ? 6 'binding site for residue PEG A 102' 
# 
loop_
_struct_site_gen.id 
_struct_site_gen.site_id 
_struct_site_gen.pdbx_num_res 
_struct_site_gen.label_comp_id 
_struct_site_gen.label_asym_id 
_struct_site_gen.label_seq_id 
_struct_site_gen.pdbx_auth_ins_code 
_struct_site_gen.auth_comp_id 
_struct_site_gen.auth_asym_id 
_struct_site_gen.auth_seq_id 
_struct_site_gen.label_atom_id 
_struct_site_gen.label_alt_id 
_struct_site_gen.symmetry 
_struct_site_gen.details 
1  AC1 6 GLN A 9  ? GLN A 9   . ? 5_555 ? 
2  AC1 6 LEU A 42 ? LEU A 42  . ? 5_555 ? 
3  AC1 6 PHE A 43 ? PHE A 43  . ? 1_555 ? 
4  AC1 6 TYR A 57 ? TYR A 57  . ? 1_555 ? 
5  AC1 6 HIS A 59 ? HIS A 59  . ? 1_555 ? 
6  AC1 6 HOH E .  ? HOH A 212 . ? 1_555 ? 
7  AC2 6 TYR A 26 ? TYR A 26  . ? 1_555 ? 
8  AC2 6 LEU A 27 ? LEU A 27  . ? 1_555 ? 
9  AC2 6 ASN A 29 ? ASN A 29  . ? 6_555 ? 
10 AC2 6 THR A 62 ? THR A 62  . ? 1_555 ? 
11 AC2 6 THR A 63 ? THR A 63  . ? 1_555 ? 
12 AC2 6 HOH E .  ? HOH A 206 . ? 6_555 ? 
# 
_atom_sites.entry_id                    5SZE 
_atom_sites.fract_transf_matrix[1][1]   -0.00095817 
_atom_sites.fract_transf_matrix[1][2]   0.01040275 
_atom_sites.fract_transf_matrix[1][3]   -0.01397165 
_atom_sites.fract_transf_matrix[2][1]   0.00645814 
_atom_sites.fract_transf_matrix[2][2]   0.01618958 
_atom_sites.fract_transf_matrix[2][3]   0.00071970 
_atom_sites.fract_transf_matrix[3][1]   0.02591738 
_atom_sites.fract_transf_matrix[3][2]   -0.00993091 
_atom_sites.fract_transf_matrix[3][3]   -0.00917158 
_atom_sites.fract_transf_vector[1]      0.287506 
_atom_sites.fract_transf_vector[2]      0.300326 
_atom_sites.fract_transf_vector[3]      0.795569 
# 
loop_
_atom_type.symbol 
C 
N 
O 
P 
S 
# 
loop_
_atom_site.group_PDB 
_atom_site.id 
_atom_site.type_symbol 
_atom_site.label_atom_id 
_atom_site.label_alt_id 
_atom_site.label_comp_id 
_atom_site.label_asym_id 
_atom_site.label_entity_id 
_atom_site.label_seq_id 
_atom_site.pdbx_PDB_ins_code 
_atom_site.Cartn_x 
_atom_site.Cartn_y 
_atom_site.Cartn_z 
_atom_site.occupancy 
_atom_site.B_iso_or_equiv 
_atom_site.pdbx_formal_charge 
_atom_site.auth_seq_id 
_atom_site.auth_comp_id 
_atom_site.auth_asym_id 
_atom_site.auth_atom_id 
_atom_site.pdbx_PDB_model_num 
ATOM   1   N N     . HIS A 1 3  ? -10.338 8.835   23.517  1.00 69.01  ? 3   HIS A N     1 
ATOM   2   C CA    . HIS A 1 3  ? -9.464  7.672   23.619  1.00 62.49  ? 3   HIS A CA    1 
ATOM   3   C C     . HIS A 1 3  ? -9.894  6.570   22.662  1.00 54.08  ? 3   HIS A C     1 
ATOM   4   O O     . HIS A 1 3  ? -9.924  5.394   23.023  1.00 50.82  ? 3   HIS A O     1 
ATOM   5   C CB    . HIS A 1 3  ? -9.445  7.148   25.053  1.00 62.48  ? 3   HIS A CB    1 
ATOM   6   C CG    . HIS A 1 3  ? -8.780  8.078   26.018  1.00 63.12  ? 3   HIS A CG    1 
ATOM   7   N ND1   . HIS A 1 3  ? -7.440  7.995   26.326  1.00 63.08  ? 3   HIS A ND1   1 
ATOM   8   C CD2   . HIS A 1 3  ? -9.267  9.123   26.727  1.00 63.69  ? 3   HIS A CD2   1 
ATOM   9   C CE1   . HIS A 1 3  ? -7.131  8.943   27.192  1.00 63.40  ? 3   HIS A CE1   1 
ATOM   10  N NE2   . HIS A 1 3  ? -8.222  9.641   27.451  1.00 63.96  ? 3   HIS A NE2   1 
ATOM   11  N N     . MET A 1 4  ? -10.222 6.961   21.437  1.00 49.26  ? 4   MET A N     1 
ATOM   12  C CA    . MET A 1 4  ? -10.601 5.961   20.458  1.00 46.31  ? 4   MET A CA    1 
ATOM   13  C C     . MET A 1 4  ? -9.408  5.586   19.590  1.00 40.55  ? 4   MET A C     1 
ATOM   14  O O     . MET A 1 4  ? -8.525  6.415   19.345  1.00 37.80  ? 4   MET A O     1 
ATOM   15  C CB    . MET A 1 4  ? -11.741 6.475   19.577  1.00 49.36  ? 4   MET A CB    1 
ATOM   16  C CG    . MET A 1 4  ? -12.984 6.831   20.370  1.00 52.79  ? 4   MET A CG    1 
ATOM   17  S SD    . MET A 1 4  ? -14.466 6.863   19.360  1.00 55.06  ? 4   MET A SD    1 
ATOM   18  C CE    . MET A 1 4  ? -14.401 5.224   18.636  1.00 57.47  ? 4   MET A CE    1 
ATOM   19  N N     . PRO A 1 5  ? -9.348  4.338   19.128  1.00 37.67  ? 5   PRO A N     1 
ATOM   20  C CA    . PRO A 1 5  ? -8.212  3.915   18.298  1.00 34.75  ? 5   PRO A CA    1 
ATOM   21  C C     . PRO A 1 5  ? -8.280  4.554   16.918  1.00 33.32  ? 5   PRO A C     1 
ATOM   22  O O     . PRO A 1 5  ? -9.295  4.453   16.224  1.00 35.32  ? 5   PRO A O     1 
ATOM   23  C CB    . PRO A 1 5  ? -8.375  2.392   18.224  1.00 35.22  ? 5   PRO A CB    1 
ATOM   24  C CG    . PRO A 1 5  ? -9.835  2.160   18.444  1.00 36.65  ? 5   PRO A CG    1 
ATOM   25  C CD    . PRO A 1 5  ? -10.283 3.231   19.398  1.00 36.73  ? 5   PRO A CD    1 
ATOM   26  N N     . TYR A 1 6  ? -7.195  5.222   16.528  1.00 30.27  ? 6   TYR A N     1 
ATOM   27  C CA    . TYR A 1 6  ? -7.110  5.770   15.180  1.00 28.77  ? 6   TYR A CA    1 
ATOM   28  C C     . TYR A 1 6  ? -7.000  4.642   14.160  1.00 24.54  ? 6   TYR A C     1 
ATOM   29  O O     . TYR A 1 6  ? -6.395  3.598   14.416  1.00 24.89  ? 6   TYR A O     1 
ATOM   30  C CB    . TYR A 1 6  ? -5.908  6.707   15.034  1.00 32.51  ? 6   TYR A CB    1 
ATOM   31  C CG    . TYR A 1 6  ? -5.916  7.934   15.923  0.81 36.52  ? 6   TYR A CG    1 
ATOM   32  C CD1   . TYR A 1 6  ? -7.067  8.336   16.593  0.95 37.63  ? 6   TYR A CD1   1 
ATOM   33  C CD2   . TYR A 1 6  ? -4.766  8.694   16.084  0.56 38.40  ? 6   TYR A CD2   1 
ATOM   34  C CE1   . TYR A 1 6  ? -7.065  9.455   17.404  1.00 39.04  ? 6   TYR A CE1   1 
ATOM   35  C CE2   . TYR A 1 6  ? -4.754  9.812   16.891  1.00 40.07  ? 6   TYR A CE2   1 
ATOM   36  C CZ    . TYR A 1 6  ? -5.905  10.190  17.548  0.70 39.88  ? 6   TYR A CZ    1 
ATOM   37  O OH    . TYR A 1 6  ? -5.893  11.307  18.352  0.49 40.67  ? 6   TYR A OH    1 
ATOM   38  N N     . LYS A 1 7  ? -7.590  4.868   12.987  1.00 22.14  ? 7   LYS A N     1 
ATOM   39  C CA    . LYS A 1 7  ? -7.597  3.887   11.899  1.00 21.10  ? 7   LYS A CA    1 
ATOM   40  C C     . LYS A 1 7  ? -6.271  3.958   11.138  1.00 18.04  ? 7   LYS A C     1 
ATOM   41  O O     . LYS A 1 7  ? -6.159  4.555   10.063  1.00 18.63  ? 7   LYS A O     1 
ATOM   42  C CB    . LYS A 1 7  ? -8.785  4.135   10.978  1.00 28.46  ? 7   LYS A CB    1 
ATOM   43  C CG    . LYS A 1 7  ? -10.143 4.075   11.671  1.00 36.66  ? 7   LYS A CG    1 
ATOM   44  C CD    . LYS A 1 7  ? -11.279 4.373   10.697  1.00 42.82  ? 7   LYS A CD    1 
ATOM   45  C CE    . LYS A 1 7  ? -12.642 4.213   11.361  1.00 48.07  ? 7   LYS A CE    1 
ATOM   46  N NZ    . LYS A 1 7  ? -12.868 5.208   12.445  1.00 49.61  ? 7   LYS A NZ    1 
ATOM   47  N N     . LEU A 1 8  ? -5.249  3.309   11.706  1.00 15.48  ? 8   LEU A N     1 
ATOM   48  C CA    . LEU A 1 8  ? -3.888  3.425   11.176  1.00 13.92  ? 8   LEU A CA    1 
ATOM   49  C C     . LEU A 1 8  ? -3.780  2.867   9.764   1.00 13.12  ? 8   LEU A C     1 
ATOM   50  O O     . LEU A 1 8  ? -3.254  3.532   8.865   1.00 13.70  ? 8   LEU A O     1 
ATOM   51  C CB    . LEU A 1 8  ? -2.892  2.712   12.097  1.00 15.75  ? 8   LEU A CB    1 
ATOM   52  C CG    . LEU A 1 8  ? -1.493  2.503   11.499  1.00 15.03  ? 8   LEU A CG    1 
ATOM   53  C CD1   . LEU A 1 8  ? -0.771  3.841   11.233  1.00 15.53  ? 8   LEU A CD1   1 
ATOM   54  C CD2   . LEU A 1 8  ? -0.649  1.577   12.391  1.00 15.69  ? 8   LEU A CD2   1 
ATOM   55  N N     . GLN A 1 9  ? -4.243  1.633   9.551   1.00 14.54  ? 9   GLN A N     1 
ATOM   56  C CA    . GLN A 1 9  ? -4.058  1.009   8.244   1.00 12.93  ? 9   GLN A CA    1 
ATOM   57  C C     . GLN A 1 9  ? -4.729  1.824   7.146   1.00 13.56  ? 9   GLN A C     1 
ATOM   58  O O     . GLN A 1 9  ? -4.119  2.110   6.109   1.00 13.76  ? 9   GLN A O     1 
ATOM   59  C CB    . GLN A 1 9  ? -4.596  -0.423  8.247   1.00 13.28  ? 9   GLN A CB    1 
ATOM   60  C CG    . GLN A 1 9  ? -4.332  -1.089  6.914   1.00 14.62  ? 9   GLN A CG    1 
ATOM   61  C CD    . GLN A 1 9  ? -4.886  -2.497  6.760   1.00 12.90  ? 9   GLN A CD    1 
ATOM   62  O OE1   . GLN A 1 9  ? -4.781  -3.064  5.685   1.00 15.21  ? 9   GLN A OE1   1 
ATOM   63  N NE2   . GLN A 1 9  ? -5.461  -3.065  7.821   1.00 14.76  ? 9   GLN A NE2   1 
ATOM   64  N N     . GLU A 1 10 ? -5.985  2.211   7.361   1.00 14.07  ? 10  GLU A N     1 
ATOM   65  C CA    . GLU A 1 10 ? -6.715  2.956   6.343   1.00 15.90  ? 10  GLU A CA    1 
ATOM   66  C C     . GLU A 1 10 ? -6.085  4.323   6.106   1.00 15.30  ? 10  GLU A C     1 
ATOM   67  O O     . GLU A 1 10 ? -6.003  4.785   4.963   1.00 15.78  ? 10  GLU A O     1 
ATOM   68  C CB    . GLU A 1 10 ? -8.180  3.087   6.757   1.00 21.76  ? 10  GLU A CB    1 
ATOM   69  C CG    . GLU A 1 10 ? -8.881  1.732   6.989   1.00 31.57  ? 10  GLU A CG    1 
ATOM   70  C CD    . GLU A 1 10 ? -8.846  1.233   8.451   1.00 35.93  ? 10  GLU A CD    1 
ATOM   71  O OE1   . GLU A 1 10 ? -7.853  1.465   9.176   1.00 33.91  ? 10  GLU A OE1   1 
ATOM   72  O OE2   . GLU A 1 10 ? -9.835  0.592   8.871   1.00 39.85  ? 10  GLU A OE2   1 
ATOM   73  N N     . SER A 1 11 ? -5.610  4.978   7.167   1.00 14.42  ? 11  SER A N     1 
ATOM   74  C CA    . SER A 1 11 ? -5.017  6.298   6.984   1.00 15.84  ? 11  SER A CA    1 
ATOM   75  C C     . SER A 1 11 ? -3.688  6.205   6.245   1.00 14.88  ? 11  SER A C     1 
ATOM   76  O O     . SER A 1 11 ? -3.386  7.042   5.382   1.00 15.89  ? 11  SER A O     1 
ATOM   77  C CB    . SER A 1 11 ? -4.847  6.972   8.339   1.00 19.40  ? 11  SER A CB    1 
ATOM   78  O OG    . SER A 1 11 ? -6.101  7.090   8.992   1.00 25.48  ? 11  SER A OG    1 
ATOM   79  N N     . PHE A 1 12 ? -2.883  5.191   6.571   1.00 14.16  ? 12  PHE A N     1 
ATOM   80  C CA    . PHE A 1 12 ? -1.629  4.961   5.862   1.00 13.36  ? 12  PHE A CA    1 
ATOM   81  C C     . PHE A 1 12 ? -1.883  4.693   4.381   1.00 12.45  ? 12  PHE A C     1 
ATOM   82  O O     . PHE A 1 12 ? -1.287  5.335   3.510   1.00 13.51  ? 12  PHE A O     1 
ATOM   83  C CB    . PHE A 1 12 ? -0.887  3.791   6.528   1.00 13.01  ? 12  PHE A CB    1 
ATOM   84  C CG    . PHE A 1 12 ? 0.434   3.449   5.897   1.00 13.53  ? 12  PHE A CG    1 
ATOM   85  C CD1   . PHE A 1 12 ? 0.492   2.701   4.724   1.00 14.78  ? 12  PHE A CD1   1 
ATOM   86  C CD2   . PHE A 1 12 ? 1.619   3.831   6.494   1.00 15.88  ? 12  PHE A CD2   1 
ATOM   87  C CE1   . PHE A 1 12 ? 1.701   2.378   4.153   1.00 16.92  ? 12  PHE A CE1   1 
ATOM   88  C CE2   . PHE A 1 12 ? 2.837   3.498   5.927   1.00 16.69  ? 12  PHE A CE2   1 
ATOM   89  C CZ    . PHE A 1 12 ? 2.877   2.772   4.757   1.00 16.94  ? 12  PHE A CZ    1 
ATOM   90  N N     . LEU A 1 13 ? -2.768  3.739   4.080   1.00 12.72  ? 13  LEU A N     1 
ATOM   91  C CA    . LEU A 1 13 ? -3.023  3.385   2.686   1.00 11.38  ? 13  LEU A CA    1 
ATOM   92  C C     . LEU A 1 13 ? -3.633  4.550   1.921   1.00 12.50  ? 13  LEU A C     1 
ATOM   93  O O     . LEU A 1 13 ? -3.270  4.792   0.758   1.00 12.89  ? 13  LEU A O     1 
ATOM   94  C CB    . LEU A 1 13 ? -3.942  2.167   2.606   1.00 11.63  ? 13  LEU A CB    1 
ATOM   95  C CG    . LEU A 1 13 ? -3.375  0.864   3.183   1.00 12.06  ? 13  LEU A CG    1 
ATOM   96  C CD1   . LEU A 1 13 ? -4.430  -0.239  3.161   1.00 12.73  ? 13  LEU A CD1   1 
ATOM   97  C CD2   . LEU A 1 13 ? -2.151  0.428   2.414   1.00 14.69  ? 13  LEU A CD2   1 
ATOM   98  N N     . ASN A 1 14 ? -4.568  5.275   2.546   1.00 14.06  ? 14  ASN A N     1 
ATOM   99  C CA    . ASN A 1 14 ? -5.243  6.357   1.834   1.00 13.94  ? 14  ASN A CA    1 
ATOM   100 C C     . ASN A 1 14 ? -4.302  7.533   1.612   1.00 13.86  ? 14  ASN A C     1 
ATOM   101 O O     . ASN A 1 14 ? -4.380  8.212   0.578   1.00 14.94  ? 14  ASN A O     1 
ATOM   102 C CB    . ASN A 1 14 ? -6.496  6.811   2.589   1.00 14.53  ? 14  ASN A CB    1 
ATOM   103 C CG    . ASN A 1 14 ? -7.552  7.404   1.657   1.00 16.56  ? 14  ASN A CG    1 
ATOM   104 O OD1   . ASN A 1 14 ? -7.632  7.036   0.484   1.00 16.63  ? 14  ASN A OD1   1 
ATOM   105 N ND2   . ASN A 1 14 ? -8.369  8.304   2.179   1.00 20.39  ? 14  ASN A ND2   1 
ATOM   106 N N     . THR A 1 15 ? -3.411  7.796   2.570   1.00 13.52  ? 15  THR A N     1 
ATOM   107 C CA    . THR A 1 15 ? -2.442  8.872   2.376   1.00 13.98  ? 15  THR A CA    1 
ATOM   108 C C     . THR A 1 15 ? -1.465  8.524   1.265   1.00 12.81  ? 15  THR A C     1 
ATOM   109 O O     . THR A 1 15 ? -1.185  9.354   0.396   1.00 14.99  ? 15  THR A O     1 
ATOM   110 C CB    . THR A 1 15 ? -1.695  9.166   3.680   1.00 13.91  ? 15  THR A CB    1 
ATOM   111 O OG1   . THR A 1 15 ? -2.639  9.577   4.675   1.00 16.46  ? 15  THR A OG1   1 
ATOM   112 C CG2   . THR A 1 15 ? -0.668  10.273  3.475   1.00 15.76  ? 15  THR A CG2   1 
ATOM   113 N N     . ALA A 1 16 ? -0.949  7.287   1.258   1.00 12.73  ? 16  ALA A N     1 
ATOM   114 C CA    . ALA A 1 16 ? -0.086  6.871   0.156   1.00 12.08  ? 16  ALA A CA    1 
ATOM   115 C C     . ALA A 1 16 ? -0.821  6.973   -1.175  1.00 11.93  ? 16  ALA A C     1 
ATOM   116 O O     . ALA A 1 16 ? -0.249  7.413   -2.183  1.00 13.16  ? 16  ALA A O     1 
ATOM   117 C CB    . ALA A 1 16 ? 0.416   5.445   0.376   1.00 12.74  ? 16  ALA A CB    1 
ATOM   118 N N     . ARG A 1 17 ? -2.098  6.585   -1.188  1.00 12.32  ? 17  ARG A N     1 
ATOM   119 C CA    . ARG A 1 17 ? -2.887  6.652   -2.416  1.00 11.50  ? 17  ARG A CA    1 
ATOM   120 C C     . ARG A 1 17 ? -3.061  8.093   -2.885  1.00 13.43  ? 17  ARG A C     1 
ATOM   121 O O     . ARG A 1 17 ? -2.785  8.418   -4.046  1.00 14.44  ? 17  ARG A O     1 
ATOM   122 C CB    . ARG A 1 17 ? -4.257  6.002   -2.195  1.00 12.09  ? 17  ARG A CB    1 
ATOM   123 C CG    . ARG A 1 17 ? -5.141  6.023   -3.447  1.00 13.66  ? 17  ARG A CG    1 
ATOM   124 C CD    . ARG A 1 17 ? -6.549  5.576   -3.146  1.00 15.12  ? 17  ARG A CD    1 
ATOM   125 N NE    . ARG A 1 17 ? -7.297  6.544   -2.346  1.00 14.69  ? 17  ARG A NE    1 
ATOM   126 C CZ    . ARG A 1 17 ? -7.997  7.556   -2.850  1.00 17.86  ? 17  ARG A CZ    1 
ATOM   127 N NH1   . ARG A 1 17 ? -8.023  7.766   -4.160  1.00 19.29  ? 17  ARG A NH1   1 
ATOM   128 N NH2   . ARG A 1 17 ? -8.655  8.372   -2.041  1.00 21.48  ? 17  ARG A NH2   1 
ATOM   129 N N     . LYS A 1 18 ? -3.538  8.970   -1.993  1.00 13.92  ? 18  LYS A N     1 
ATOM   130 C CA    . LYS A 1 18 ? -3.864  10.338  -2.390  1.00 14.64  ? 18  LYS A CA    1 
ATOM   131 C C     . LYS A 1 18 ? -2.618  11.116  -2.790  1.00 13.82  ? 18  LYS A C     1 
ATOM   132 O O     . LYS A 1 18 ? -2.673  11.973  -3.679  1.00 16.17  ? 18  LYS A O     1 
ATOM   133 C CB    . LYS A 1 18 ? -4.585  11.057  -1.254  1.00 16.79  ? 18  LYS A CB    1 
ATOM   134 C CG    . LYS A 1 18 ? -5.993  10.578  -0.968  1.00 24.28  ? 18  LYS A CG    1 
ATOM   135 C CD    . LYS A 1 18 ? -6.566  11.345  0.216   1.00 32.29  ? 18  LYS A CD    1 
ATOM   136 C CE    . LYS A 1 18 ? -8.045  11.076  0.403   1.00 38.92  ? 18  LYS A CE    1 
ATOM   137 N NZ    . LYS A 1 18 ? -8.617  11.894  1.512   1.00 42.98  ? 18  LYS A NZ    1 
ATOM   138 N N     . LYS A 1 19 ? -1.498  10.867  -2.124  1.00 13.32  ? 19  LYS A N     1 
ATOM   139 C CA    . LYS A 1 19 ? -0.261  11.564  -2.445  1.00 14.23  ? 19  LYS A CA    1 
ATOM   140 C C     . LYS A 1 19 ? 0.526   10.871  -3.546  1.00 14.66  ? 19  LYS A C     1 
ATOM   141 O O     . LYS A 1 19 ? 1.590   11.365  -3.936  1.00 14.86  ? 19  LYS A O     1 
ATOM   142 C CB    . LYS A 1 19 ? 0.604   11.711  -1.184  1.00 18.07  ? 19  LYS A CB    1 
ATOM   143 C CG    . LYS A 1 19 ? -0.074  12.466  -0.053  1.00 21.09  ? 19  LYS A CG    1 
ATOM   144 C CD    . LYS A 1 19 ? -0.332  13.912  -0.414  1.00 27.84  ? 19  LYS A CD    1 
ATOM   145 C CE    . LYS A 1 19 ? -0.996  14.650  0.737   1.00 32.38  ? 19  LYS A CE    1 
ATOM   146 N NZ    . LYS A 1 19 ? -0.974  16.133  0.559   1.00 37.61  ? 19  LYS A NZ    1 
ATOM   147 N N     . ARG A 1 20 ? 0.021   9.748   -4.061  1.00 13.92  ? 20  ARG A N     1 
ATOM   148 C CA    . ARG A 1 20 ? 0.658   9.034   -5.168  1.00 13.22  ? 20  ARG A CA    1 
ATOM   149 C C     . ARG A 1 20 ? 2.121   8.748   -4.852  1.00 12.77  ? 20  ARG A C     1 
ATOM   150 O O     . ARG A 1 20 ? 3.010   8.924   -5.680  1.00 15.91  ? 20  ARG A O     1 
ATOM   151 C CB    . ARG A 1 20 ? 0.489   9.801   -6.490  1.00 15.28  ? 20  ARG A CB    1 
ATOM   152 C CG    . ARG A 1 20 ? -0.987  10.004  -6.824  1.00 16.58  ? 20  ARG A CG    1 
ATOM   153 C CD    . ARG A 1 20 ? -1.257  10.380  -8.276  1.00 17.42  ? 20  ARG A CD    1 
ATOM   154 N NE    . ARG A 1 20 ? -0.855  9.325   -9.197  1.00 18.33  ? 20  ARG A NE    1 
ATOM   155 C CZ    . ARG A 1 20 ? 0.160   9.415   -10.053 1.00 19.19  ? 20  ARG A CZ    1 
ATOM   156 N NH1   . ARG A 1 20 ? 0.885   10.525  -10.117 1.00 18.71  ? 20  ARG A NH1   1 
ATOM   157 N NH2   . ARG A 1 20 ? 0.438   8.396   -10.858 1.00 20.95  ? 20  ARG A NH2   1 
ATOM   158 N N     . VAL A 1 21 ? 2.360   8.283   -3.629  1.00 13.91  ? 21  VAL A N     1 
ATOM   159 C CA    . VAL A 1 21 ? 3.702   7.948   -3.176  1.00 14.90  ? 21  VAL A CA    1 
ATOM   160 C C     . VAL A 1 21 ? 4.033   6.531   -3.616  1.00 15.48  ? 21  VAL A C     1 
ATOM   161 O O     . VAL A 1 21 ? 3.254   5.597   -3.382  1.00 15.62  ? 21  VAL A O     1 
ATOM   162 C CB    . VAL A 1 21 ? 3.800   8.090   -1.648  1.00 15.38  ? 21  VAL A CB    1 
ATOM   163 C CG1   . VAL A 1 21 ? 5.156   7.635   -1.148  1.00 16.89  ? 21  VAL A CG1   1 
ATOM   164 C CG2   . VAL A 1 21 ? 3.535   9.534   -1.239  1.00 16.44  ? 21  VAL A CG2   1 
ATOM   165 N N     . LYS A 1 22 ? 5.192   6.356   -4.238  1.00 14.94  ? 22  LYS A N     1 
ATOM   166 C CA    . LYS A 1 22 ? 5.638   5.014   -4.585  1.00 14.20  ? 22  LYS A CA    1 
ATOM   167 C C     . LYS A 1 22 ? 5.909   4.220   -3.313  1.00 14.28  ? 22  LYS A C     1 
ATOM   168 O O     . LYS A 1 22 ? 6.428   4.759   -2.330  1.00 14.97  ? 22  LYS A O     1 
ATOM   169 C CB    . LYS A 1 22 ? 6.895   5.082   -5.449  1.00 18.03  ? 22  LYS A CB    1 
ATOM   170 C CG    . LYS A 1 22 ? 7.389   3.727   -5.922  1.00 25.98  ? 22  LYS A CG    1 
ATOM   171 C CD    . LYS A 1 22 ? 8.450   3.868   -7.006  1.00 28.77  ? 22  LYS A CD    1 
ATOM   172 C CE    . LYS A 1 22 ? 8.791   2.515   -7.630  1.00 33.93  ? 22  LYS A CE    1 
ATOM   173 N NZ    . LYS A 1 22 ? 9.737   2.645   -8.768  1.00 37.93  ? 22  LYS A NZ    1 
ATOM   174 N N     . VAL A 1 23 ? 5.551   2.928   -3.323  1.00 13.21  ? 23  VAL A N     1 
ATOM   175 C CA    . VAL A 1 23 ? 5.770   2.077   -2.161  1.00 13.68  ? 23  VAL A CA    1 
ATOM   176 C C     . VAL A 1 23 ? 6.464   0.793   -2.585  1.00 14.25  ? 23  VAL A C     1 
ATOM   177 O O     . VAL A 1 23 ? 6.378   0.356   -3.736  1.00 14.45  ? 23  VAL A O     1 
ATOM   178 C CB    . VAL A 1 23 ? 4.463   1.730   -1.405  1.00 12.31  ? 23  VAL A CB    1 
ATOM   179 C CG1   . VAL A 1 23 ? 3.774   2.974   -0.925  1.00 13.47  ? 23  VAL A CG1   1 
ATOM   180 C CG2   . VAL A 1 23 ? 3.520   0.889   -2.272  1.00 13.05  ? 23  VAL A CG2   1 
ATOM   181 N N     . SER A 1 24 ? 7.138   0.175   -1.617  1.00 12.96  ? 24  SER A N     1 
ATOM   182 C CA    . SER A 1 24 ? 7.584   -1.206  -1.729  1.00 12.97  ? 24  SER A CA    1 
ATOM   183 C C     . SER A 1 24 ? 6.670   -2.079  -0.886  1.00 12.95  ? 24  SER A C     1 
ATOM   184 O O     . SER A 1 24 ? 6.465   -1.805  0.301   1.00 13.23  ? 24  SER A O     1 
ATOM   185 C CB    . SER A 1 24 ? 9.035   -1.369  -1.270  1.00 15.01  ? 24  SER A CB    1 
ATOM   186 O OG    . SER A 1 24 ? 9.939   -0.784  -2.192  1.00 15.57  ? 24  SER A OG    1 
ATOM   187 N N     . VAL A 1 25 ? 6.128   -3.129  -1.494  1.00 12.32  ? 25  VAL A N     1 
ATOM   188 C CA    . VAL A 1 25 ? 5.256   -4.080  -0.807  1.00 12.14  ? 25  VAL A CA    1 
ATOM   189 C C     . VAL A 1 25 ? 5.988   -5.411  -0.750  1.00 12.73  ? 25  VAL A C     1 
ATOM   190 O O     . VAL A 1 25 ? 6.293   -5.999  -1.793  1.00 14.03  ? 25  VAL A O     1 
ATOM   191 C CB    . VAL A 1 25 ? 3.903   -4.220  -1.523  1.00 12.77  ? 25  VAL A CB    1 
ATOM   192 C CG1   . VAL A 1 25 ? 3.020   -5.256  -0.816  1.00 14.71  ? 25  VAL A CG1   1 
ATOM   193 C CG2   . VAL A 1 25 ? 3.202   -2.870  -1.615  1.00 13.66  ? 25  VAL A CG2   1 
ATOM   194 N N     . TYR A 1 26 ? 6.288   -5.881  0.459   1.00 13.07  ? 26  TYR A N     1 
ATOM   195 C CA    . TYR A 1 26 ? 7.016   -7.128  0.633   1.00 12.63  ? 26  TYR A CA    1 
ATOM   196 C C     . TYR A 1 26 ? 6.032   -8.249  0.934   1.00 13.16  ? 26  TYR A C     1 
ATOM   197 O O     . TYR A 1 26 ? 5.102   -8.070  1.725   1.00 14.64  ? 26  TYR A O     1 
ATOM   198 C CB    . TYR A 1 26 ? 8.044   -7.014  1.760   1.00 13.96  ? 26  TYR A CB    1 
ATOM   199 C CG    . TYR A 1 26 ? 9.157   -6.044  1.460   1.00 15.09  ? 26  TYR A CG    1 
ATOM   200 C CD1   . TYR A 1 26 ? 9.025   -4.690  1.744   1.00 16.29  ? 26  TYR A CD1   1 
ATOM   201 C CD2   . TYR A 1 26 ? 10.339  -6.480  0.882   1.00 16.91  ? 26  TYR A CD2   1 
ATOM   202 C CE1   . TYR A 1 26 ? 10.053  -3.796  1.469   1.00 19.05  ? 26  TYR A CE1   1 
ATOM   203 C CE2   . TYR A 1 26 ? 11.364  -5.602  0.609   1.00 18.44  ? 26  TYR A CE2   1 
ATOM   204 C CZ    . TYR A 1 26 ? 11.216  -4.264  0.903   1.00 21.04  ? 26  TYR A CZ    1 
ATOM   205 O OH    . TYR A 1 26 ? 12.245  -3.399  0.626   1.00 25.06  ? 26  TYR A OH    1 
ATOM   206 N N     . LEU A 1 27 ? 6.240   -9.396  0.298   1.00 14.40  ? 27  LEU A N     1 
ATOM   207 C CA    . LEU A 1 27 ? 5.353   -10.540 0.457   1.00 14.61  ? 27  LEU A CA    1 
ATOM   208 C C     . LEU A 1 27 ? 5.972   -11.595 1.368   1.00 17.37  ? 27  LEU A C     1 
ATOM   209 O O     . LEU A 1 27 ? 7.187   -11.643 1.569   1.00 18.41  ? 27  LEU A O     1 
ATOM   210 C CB    . LEU A 1 27 ? 5.015   -11.157 -0.899  1.00 14.97  ? 27  LEU A CB    1 
ATOM   211 C CG    . LEU A 1 27 ? 4.478   -10.187 -1.950  1.00 15.31  ? 27  LEU A CG    1 
ATOM   212 C CD1   . LEU A 1 27 ? 4.067   -10.946 -3.200  1.00 18.15  ? 27  LEU A CD1   1 
ATOM   213 C CD2   . LEU A 1 27 ? 3.311   -9.386  -1.405  1.00 17.62  ? 27  LEU A CD2   1 
ATOM   214 N N     . VAL A 1 28 ? 5.103   -12.458 1.909   1.00 18.61  ? 28  VAL A N     1 
ATOM   215 C CA    . VAL A 1 28 ? 5.523   -13.505 2.841   1.00 19.29  ? 28  VAL A CA    1 
ATOM   216 C C     . VAL A 1 28 ? 6.573   -14.426 2.242   1.00 22.13  ? 28  VAL A C     1 
ATOM   217 O O     . VAL A 1 28 ? 7.347   -15.038 2.985   1.00 26.32  ? 28  VAL A O     1 
ATOM   218 C CB    . VAL A 1 28 ? 4.307   -14.332 3.323   1.00 21.40  ? 28  VAL A CB    1 
ATOM   219 C CG1   . VAL A 1 28 ? 3.429   -13.505 4.240   1.00 24.94  ? 28  VAL A CG1   1 
ATOM   220 C CG2   . VAL A 1 28 ? 3.505   -14.840 2.142   1.00 22.78  ? 28  VAL A CG2   1 
ATOM   221 N N     . ASN A 1 29 ? 6.626   -14.548 0.917   1.00 20.83  ? 29  ASN A N     1 
ATOM   222 C CA    . ASN A 1 29 ? 7.585   -15.428 0.265   1.00 22.84  ? 29  ASN A CA    1 
ATOM   223 C C     . ASN A 1 29 ? 8.853   -14.706 -0.183  1.00 24.18  ? 29  ASN A C     1 
ATOM   224 O O     . ASN A 1 29 ? 9.653   -15.288 -0.921  1.00 27.14  ? 29  ASN A O     1 
ATOM   225 C CB    . ASN A 1 29 ? 6.931   -16.135 -0.928  1.00 23.70  ? 29  ASN A CB    1 
ATOM   226 C CG    . ASN A 1 29 ? 6.329   -15.170 -1.932  1.00 23.05  ? 29  ASN A CG    1 
ATOM   227 O OD1   . ASN A 1 29 ? 6.635   -13.971 -1.935  1.00 22.73  ? 29  ASN A OD1   1 
ATOM   228 N ND2   . ASN A 1 29 ? 5.460   -15.689 -2.796  1.00 25.75  ? 29  ASN A ND2   1 
ATOM   229 N N     . GLY A 1 30 ? 9.056   -13.459 0.239   1.00 24.11  ? 30  GLY A N     1 
ATOM   230 C CA    . GLY A 1 30 ? 10.267  -12.738 -0.088  1.00 23.30  ? 30  GLY A CA    1 
ATOM   231 C C     . GLY A 1 30 ? 10.206  -11.879 -1.338  1.00 23.38  ? 30  GLY A C     1 
ATOM   232 O O     . GLY A 1 30 ? 11.145  -11.113 -1.585  1.00 25.80  ? 30  GLY A O     1 
ATOM   233 N N     . VAL A 1 31 ? 9.140   -11.985 -2.134  1.00 20.95  ? 31  VAL A N     1 
ATOM   234 C CA    . VAL A 1 31 ? 8.979   -11.124 -3.304  1.00 21.03  ? 31  VAL A CA    1 
ATOM   235 C C     . VAL A 1 31 ? 8.736   -9.686  -2.859  1.00 19.50  ? 31  VAL A C     1 
ATOM   236 O O     . VAL A 1 31 ? 8.012   -9.431  -1.888  1.00 18.43  ? 31  VAL A O     1 
ATOM   237 C CB    . VAL A 1 31 ? 7.822   -11.634 -4.183  1.00 23.72  ? 31  VAL A CB    1 
ATOM   238 C CG1   . VAL A 1 31 ? 7.481   -10.631 -5.281  1.00 25.73  ? 31  VAL A CG1   1 
ATOM   239 C CG2   . VAL A 1 31 ? 8.159   -12.984 -4.790  1.00 26.15  ? 31  VAL A CG2   1 
ATOM   240 N N     . ARG A 1 32 ? 9.340   -8.730  -3.568  1.00 18.18  ? 32  ARG A N     1 
ATOM   241 C CA    . ARG A 1 32 ? 9.094   -7.313  -3.337  1.00 18.35  ? 32  ARG A CA    1 
ATOM   242 C C     . ARG A 1 32 ? 8.474   -6.704  -4.583  1.00 16.83  ? 32  ARG A C     1 
ATOM   243 O O     . ARG A 1 32 ? 9.075   -6.753  -5.664  1.00 19.90  ? 32  ARG A O     1 
ATOM   244 C CB    . ARG A 1 32 ? 10.377  -6.560  -2.978  1.00 19.48  ? 32  ARG A CB    1 
ATOM   245 C CG    . ARG A 1 32 ? 10.133  -5.079  -2.691  1.00 20.42  ? 32  ARG A CG    1 
ATOM   246 C CD    . ARG A 1 32 ? 11.436  -4.315  -2.649  1.00 22.72  ? 32  ARG A CD    1 
ATOM   247 N NE    . ARG A 1 32 ? 12.001  -4.163  -3.983  1.00 23.85  ? 32  ARG A NE    1 
ATOM   248 C CZ    . ARG A 1 32 ? 13.284  -3.931  -4.223  1.00 31.08  ? 32  ARG A CZ    1 
ATOM   249 N NH1   . ARG A 1 32 ? 14.138  -3.838  -3.213  1.00 33.34  ? 32  ARG A NH1   1 
ATOM   250 N NH2   . ARG A 1 32 ? 13.712  -3.807  -5.473  1.00 34.55  ? 32  ARG A NH2   1 
ATOM   251 N N     . LEU A 1 33 ? 7.288   -6.128  -4.427  1.00 14.35  ? 33  LEU A N     1 
ATOM   252 C CA    . LEU A 1 33 ? 6.599   -5.389  -5.474  1.00 14.55  ? 33  LEU A CA    1 
ATOM   253 C C     . LEU A 1 33 ? 6.811   -3.892  -5.276  1.00 14.97  ? 33  LEU A C     1 
ATOM   254 O O     . LEU A 1 33 ? 6.998   -3.425  -4.154  1.00 15.95  ? 33  LEU A O     1 
ATOM   255 C CB    . LEU A 1 33 ? 5.104   -5.697  -5.452  1.00 15.60  ? 33  LEU A CB    1 
ATOM   256 C CG    . LEU A 1 33 ? 4.733   -7.166  -5.333  1.00 18.83  ? 33  LEU A CG    1 
ATOM   257 C CD1   . LEU A 1 33 ? 3.237   -7.299  -5.117  1.00 20.84  ? 33  LEU A CD1   1 
ATOM   258 C CD2   . LEU A 1 33 ? 5.168   -7.907  -6.580  1.00 21.19  ? 33  LEU A CD2   1 
ATOM   259 N N     . GLN A 1 34 ? 6.759   -3.138  -6.372  1.00 14.48  ? 34  GLN A N     1 
ATOM   260 C CA    . GLN A 1 34 ? 6.866   -1.686  -6.291  1.00 15.16  ? 34  GLN A CA    1 
ATOM   261 C C     . GLN A 1 34 ? 5.824   -1.038  -7.184  1.00 14.55  ? 34  GLN A C     1 
ATOM   262 O O     . GLN A 1 34 ? 5.510   -1.540  -8.267  1.00 18.26  ? 34  GLN A O     1 
ATOM   263 C CB    . GLN A 1 34 ? 8.264   -1.184  -6.677  1.00 17.91  ? 34  GLN A CB    1 
ATOM   264 C CG    . GLN A 1 34 ? 9.350   -1.574  -5.691  1.00 20.57  ? 34  GLN A CG    1 
ATOM   265 C CD    . GLN A 1 34 ? 10.640  -0.820  -5.903  1.00 24.96  ? 34  GLN A CD    1 
ATOM   266 O OE1   . GLN A 1 34 ? 10.765  -0.049  -6.844  1.00 29.08  ? 34  GLN A OE1   1 
ATOM   267 N NE2   . GLN A 1 34 ? 11.603  -1.025  -5.011  1.00 27.82  ? 34  GLN A NE2   1 
ATOM   268 N N     . GLY A 1 35 ? 5.274   0.072   -6.717  1.00 13.99  ? 35  GLY A N     1 
ATOM   269 C CA    . GLY A 1 35 ? 4.303   0.800   -7.502  1.00 14.85  ? 35  GLY A CA    1 
ATOM   270 C C     . GLY A 1 35 ? 3.594   1.812   -6.631  1.00 13.63  ? 35  GLY A C     1 
ATOM   271 O O     . GLY A 1 35 ? 3.987   2.062   -5.487  1.00 15.69  ? 35  GLY A O     1 
ATOM   272 N N     . ARG A 1 36 ? 2.538   2.382   -7.190  1.00 13.16  ? 36  ARG A N     1 
ATOM   273 C CA    . ARG A 1 36 ? 1.651   3.243   -6.430  1.00 12.29  ? 36  ARG A CA    1 
ATOM   274 C C     . ARG A 1 36 ? 0.401   2.468   -6.049  1.00 13.50  ? 36  ARG A C     1 
ATOM   275 O O     . ARG A 1 36 ? -0.047  1.573   -6.774  1.00 13.91  ? 36  ARG A O     1 
ATOM   276 C CB    . ARG A 1 36 ? 1.266   4.491   -7.224  1.00 13.96  ? 36  ARG A CB    1 
ATOM   277 C CG    . ARG A 1 36 ? 2.410   5.464   -7.422  1.00 16.33  ? 36  ARG A CG    1 
ATOM   278 C CD    . ARG A 1 36 ? 1.915   6.664   -8.199  1.00 19.48  ? 36  ARG A CD    1 
ATOM   279 N NE    . ARG A 1 36 ? 2.931   7.699   -8.378  1.00 20.69  ? 36  ARG A NE    1 
ATOM   280 C CZ    . ARG A 1 36 ? 3.652   7.841   -9.482  1.00 23.38  ? 36  ARG A CZ    1 
ATOM   281 N NH1   . ARG A 1 36 ? 3.470   7.013   -10.501 1.00 24.66  ? 36  ARG A NH1   1 
ATOM   282 N NH2   . ARG A 1 36 ? 4.551   8.810   -9.569  1.00 26.86  ? 36  ARG A NH2   1 
ATOM   283 N N     . ILE A 1 37 ? -0.152  2.812   -4.888  1.00 12.83  ? 37  ILE A N     1 
ATOM   284 C CA    . ILE A 1 37 ? -1.432  2.265   -4.455  1.00 13.08  ? 37  ILE A CA    1 
ATOM   285 C C     . ILE A 1 37 ? -2.518  3.051   -5.182  1.00 12.92  ? 37  ILE A C     1 
ATOM   286 O O     . ILE A 1 37 ? -2.779  4.215   -4.868  1.00 14.45  ? 37  ILE A O     1 
ATOM   287 C CB    . ILE A 1 37 ? -1.598  2.333   -2.939  1.00 12.93  ? 37  ILE A CB    1 
ATOM   288 C CG1   . ILE A 1 37 ? -0.530  1.461   -2.266  1.00 15.47  ? 37  ILE A CG1   1 
ATOM   289 C CG2   . ILE A 1 37 ? -3.002  1.900   -2.534  1.00 14.58  ? 37  ILE A CG2   1 
ATOM   290 C CD1   . ILE A 1 37 ? -0.462  1.636   -0.770  1.00 17.63  ? 37  ILE A CD1   1 
ATOM   291 N N     . ARG A 1 38 ? -3.120  2.428   -6.197  1.00 14.57  ? 38  ARG A N     1 
ATOM   292 C CA    . ARG A 1 38 ? -4.207  3.071   -6.919  1.00 14.13  ? 38  ARG A CA    1 
ATOM   293 C C     . ARG A 1 38 ? -5.524  2.963   -6.166  1.00 12.86  ? 38  ARG A C     1 
ATOM   294 O O     . ARG A 1 38 ? -6.341  3.890   -6.203  1.00 14.80  ? 38  ARG A O     1 
ATOM   295 C CB    . ARG A 1 38 ? -4.339  2.449   -8.311  1.00 15.43  ? 38  ARG A CB    1 
ATOM   296 C CG    . ARG A 1 38 ? -5.453  3.033   -9.159  1.00 20.93  ? 38  ARG A CG    1 
ATOM   297 C CD    . ARG A 1 38 ? -5.127  4.466   -9.579  1.00 25.81  ? 38  ARG A CD    1 
ATOM   298 N NE    . ARG A 1 38 ? -6.236  5.093   -10.289 1.00 31.76  ? 38  ARG A NE    1 
ATOM   299 C CZ    . ARG A 1 38 ? -6.438  4.988   -11.598 1.00 36.72  ? 38  ARG A CZ    1 
ATOM   300 N NH1   . ARG A 1 38 ? -5.602  4.275   -12.344 1.00 38.87  ? 38  ARG A NH1   1 
ATOM   301 N NH2   . ARG A 1 38 ? -7.477  5.593   -12.161 1.00 38.11  ? 38  ARG A NH2   1 
ATOM   302 N N     . SER A 1 39 ? -5.732  1.856   -5.463  1.00 13.88  ? 39  SER A N     1 
ATOM   303 C CA    . SER A 1 39 ? -6.989  1.585   -4.788  1.00 12.44  ? 39  SER A CA    1 
ATOM   304 C C     . SER A 1 39 ? -6.711  0.547   -3.715  1.00 12.94  ? 39  SER A C     1 
ATOM   305 O O     . SER A 1 39 ? -5.714  -0.168  -3.776  1.00 14.46  ? 39  SER A O     1 
ATOM   306 C CB    . SER A 1 39 ? -8.052  1.089   -5.781  1.00 15.91  ? 39  SER A CB    1 
ATOM   307 O OG    . SER A 1 39 ? -9.307  0.932   -5.146  1.00 19.29  ? 39  SER A OG    1 
ATOM   308 N N     . PHE A 1 40 ? -7.591  0.491   -2.723  1.00 13.17  ? 40  PHE A N     1 
ATOM   309 C CA    . PHE A 1 40 ? -7.519  -0.570  -1.729  1.00 12.27  ? 40  PHE A CA    1 
ATOM   310 C C     . PHE A 1 40 ? -8.914  -0.806  -1.174  1.00 12.57  ? 40  PHE A C     1 
ATOM   311 O O     . PHE A 1 40 ? -9.817  0.011   -1.344  1.00 15.07  ? 40  PHE A O     1 
ATOM   312 C CB    . PHE A 1 40 ? -6.528  -0.234  -0.598  1.00 14.03  ? 40  PHE A CB    1 
ATOM   313 C CG    . PHE A 1 40 ? -6.933  0.954   0.232   1.00 13.89  ? 40  PHE A CG    1 
ATOM   314 C CD1   . PHE A 1 40 ? -6.603  2.240   -0.169  1.00 13.85  ? 40  PHE A CD1   1 
ATOM   315 C CD2   . PHE A 1 40 ? -7.633  0.781   1.420   1.00 16.05  ? 40  PHE A CD2   1 
ATOM   316 C CE1   . PHE A 1 40 ? -6.972  3.334   0.592   1.00 14.85  ? 40  PHE A CE1   1 
ATOM   317 C CE2   . PHE A 1 40 ? -8.006  1.864   2.182   1.00 16.88  ? 40  PHE A CE2   1 
ATOM   318 C CZ    . PHE A 1 40 ? -7.674  3.150   1.763   1.00 15.20  ? 40  PHE A CZ    1 
ATOM   319 N N     . ASP A 1 41 ? -9.092  -1.949  -0.525  1.00 13.25  ? 41  ASP A N     1 
ATOM   320 C CA    . ASP A 1 41 ? -10.308 -2.195  0.238   1.00 13.24  ? 41  ASP A CA    1 
ATOM   321 C C     . ASP A 1 41 ? -9.926  -3.058  1.435   1.00 12.93  ? 41  ASP A C     1 
ATOM   322 O O     . ASP A 1 41 ? -8.749  -3.135  1.799   1.00 14.41  ? 41  ASP A O     1 
ATOM   323 C CB    . ASP A 1 41 ? -11.416 -2.781  -0.664  1.00 13.73  ? 41  ASP A CB    1 
ATOM   324 C CG    . ASP A 1 41 ? -11.128 -4.190  -1.162  1.00 14.19  ? 41  ASP A CG    1 
ATOM   325 O OD1   . ASP A 1 41 ? -10.061 -4.761  -0.888  1.00 14.31  ? 41  ASP A OD1   1 
ATOM   326 O OD2   . ASP A 1 41 ? -12.008 -4.727  -1.865  1.00 15.37  ? 41  ASP A OD2   1 
ATOM   327 N N     . LEU A 1 42 ? -10.914 -3.710  2.052   1.00 13.55  ? 42  LEU A N     1 
ATOM   328 C CA    . LEU A 1 42 ? -10.647 -4.397  3.313   1.00 13.70  ? 42  LEU A CA    1 
ATOM   329 C C     . LEU A 1 42 ? -9.554  -5.447  3.161   1.00 14.89  ? 42  LEU A C     1 
ATOM   330 O O     . LEU A 1 42 ? -8.676  -5.570  4.024   1.00 13.86  ? 42  LEU A O     1 
ATOM   331 C CB    . LEU A 1 42 ? -11.935 -5.017  3.852   1.00 16.17  ? 42  LEU A CB    1 
ATOM   332 C CG    . LEU A 1 42 ? -11.864 -5.709  5.206   1.00 20.81  ? 42  LEU A CG    1 
ATOM   333 C CD1   . LEU A 1 42 ? -11.302 -4.764  6.240   1.00 22.05  ? 42  LEU A CD1   1 
ATOM   334 C CD2   . LEU A 1 42 ? -13.252 -6.158  5.587   1.00 21.23  ? 42  LEU A CD2   1 
ATOM   335 N N     . PHE A 1 43 ? -9.554  -6.198  2.060   1.00 13.48  ? 43  PHE A N     1 
ATOM   336 C CA    . PHE A 1 43 ? -8.623  -7.306  1.951   1.00 12.57  ? 43  PHE A CA    1 
ATOM   337 C C     . PHE A 1 43 ? -7.601  -7.199  0.828   1.00 12.72  ? 43  PHE A C     1 
ATOM   338 O O     . PHE A 1 43 ? -6.707  -8.048  0.765   1.00 12.75  ? 43  PHE A O     1 
ATOM   339 C CB    . PHE A 1 43 ? -9.399  -8.624  1.803   1.00 14.51  ? 43  PHE A CB    1 
ATOM   340 C CG    . PHE A 1 43 ? -10.172 -8.989  3.030   1.00 17.17  ? 43  PHE A CG    1 
ATOM   341 C CD1   . PHE A 1 43 ? -9.503  -9.274  4.218   1.00 19.18  ? 43  PHE A CD1   1 
ATOM   342 C CD2   . PHE A 1 43 ? -11.558 -9.042  3.015   1.00 18.89  ? 43  PHE A CD2   1 
ATOM   343 C CE1   . PHE A 1 43 ? -10.205 -9.607  5.362   1.00 20.51  ? 43  PHE A CE1   1 
ATOM   344 C CE2   . PHE A 1 43 ? -12.267 -9.392  4.158   1.00 18.99  ? 43  PHE A CE2   1 
ATOM   345 C CZ    . PHE A 1 43 ? -11.591 -9.673  5.331   1.00 20.92  ? 43  PHE A CZ    1 
ATOM   346 N N     . THR A 1 44 ? -7.687  -6.202  -0.055  1.00 10.91  ? 44  THR A N     1 
ATOM   347 C CA    . THR A 1 44 ? -6.777  -6.158  -1.194  1.00 11.37  ? 44  THR A CA    1 
ATOM   348 C C     . THR A 1 44 ? -6.253  -4.744  -1.421  1.00 10.67  ? 44  THR A C     1 
ATOM   349 O O     . THR A 1 44 ? -6.800  -3.758  -0.923  1.00 12.57  ? 44  THR A O     1 
ATOM   350 C CB    . THR A 1 44 ? -7.430  -6.672  -2.498  1.00 11.64  ? 44  THR A CB    1 
ATOM   351 O OG1   . THR A 1 44 ? -8.530  -5.826  -2.868  1.00 13.19  ? 44  THR A OG1   1 
ATOM   352 C CG2   . THR A 1 44 ? -7.905  -8.129  -2.344  1.00 12.87  ? 44  THR A CG2   1 
ATOM   353 N N     . ILE A 1 45 ? -5.158  -4.683  -2.172  1.00 10.92  ? 45  ILE A N     1 
ATOM   354 C CA    . ILE A 1 45 ? -4.524  -3.441  -2.611  1.00 11.18  ? 45  ILE A CA    1 
ATOM   355 C C     . ILE A 1 45 ? -4.265  -3.574  -4.104  1.00 11.89  ? 45  ILE A C     1 
ATOM   356 O O     . ILE A 1 45 ? -3.746  -4.599  -4.555  1.00 14.04  ? 45  ILE A O     1 
ATOM   357 C CB    . ILE A 1 45 ? -3.203  -3.178  -1.863  1.00 12.77  ? 45  ILE A CB    1 
ATOM   358 C CG1   . ILE A 1 45 ? -3.479  -2.941  -0.382  1.00 12.81  ? 45  ILE A CG1   1 
ATOM   359 C CG2   . ILE A 1 45 ? -2.460  -1.989  -2.467  1.00 15.18  ? 45  ILE A CG2   1 
ATOM   360 C CD1   . ILE A 1 45 ? -2.253  -2.985  0.478   1.00 13.61  ? 45  ILE A CD1   1 
ATOM   361 N N     . LEU A 1 46 ? -4.619  -2.540  -4.869  1.00 12.25  ? 46  LEU A N     1 
ATOM   362 C CA    . LEU A 1 46 ? -4.339  -2.490  -6.300  1.00 11.37  ? 46  LEU A CA    1 
ATOM   363 C C     . LEU A 1 46 ? -3.091  -1.649  -6.504  1.00 12.53  ? 46  LEU A C     1 
ATOM   364 O O     . LEU A 1 46 ? -3.111  -0.433  -6.272  1.00 13.91  ? 46  LEU A O     1 
ATOM   365 C CB    . LEU A 1 46 ? -5.510  -1.903  -7.089  1.00 12.53  ? 46  LEU A CB    1 
ATOM   366 C CG    . LEU A 1 46 ? -5.316  -1.845  -8.610  1.00 16.29  ? 46  LEU A CG    1 
ATOM   367 C CD1   . LEU A 1 46 ? -5.276  -3.253  -9.191  1.00 17.50  ? 46  LEU A CD1   1 
ATOM   368 C CD2   . LEU A 1 46 ? -6.407  -1.007  -9.271  1.00 18.37  ? 46  LEU A CD2   1 
ATOM   369 N N     A LEU A 1 47 ? -2.022  -2.279  -6.985  0.45 12.69  ? 47  LEU A N     1 
ATOM   370 N N     B LEU A 1 47 ? -1.998  -2.306  -6.863  0.55 11.83  ? 47  LEU A N     1 
ATOM   371 C CA    A LEU A 1 47 ? -0.729  -1.632  -7.188  0.45 13.64  ? 47  LEU A CA    1 
ATOM   372 C CA    B LEU A 1 47 ? -0.780  -1.613  -7.240  0.55 12.61  ? 47  LEU A CA    1 
ATOM   373 C C     A LEU A 1 47 ? -0.480  -1.418  -8.678  0.45 13.75  ? 47  LEU A C     1 
ATOM   374 C C     B LEU A 1 47 ? -0.808  -1.292  -8.722  0.55 14.05  ? 47  LEU A C     1 
ATOM   375 O O     A LEU A 1 47 ? -0.531  -2.374  -9.461  0.45 14.25  ? 47  LEU A O     1 
ATOM   376 O O     B LEU A 1 47 ? -1.362  -2.034  -9.535  0.55 16.69  ? 47  LEU A O     1 
ATOM   377 C CB    A LEU A 1 47 ? 0.385   -2.488  -6.581  0.45 15.31  ? 47  LEU A CB    1 
ATOM   378 C CB    B LEU A 1 47 ? 0.456   -2.456  -6.934  0.55 13.40  ? 47  LEU A CB    1 
ATOM   379 C CG    A LEU A 1 47 ? 1.760   -1.876  -6.326  0.45 15.68  ? 47  LEU A CG    1 
ATOM   380 C CG    B LEU A 1 47 ? 0.830   -2.605  -5.465  0.55 13.26  ? 47  LEU A CG    1 
ATOM   381 C CD1   A LEU A 1 47 ? 1.671   -0.846  -5.226  0.45 15.47  ? 47  LEU A CD1   1 
ATOM   382 C CD1   B LEU A 1 47 ? 2.092   -3.436  -5.326  0.55 13.22  ? 47  LEU A CD1   1 
ATOM   383 C CD2   A LEU A 1 47 ? 2.764   -2.960  -5.970  0.45 14.71  ? 47  LEU A CD2   1 
ATOM   384 C CD2   B LEU A 1 47 ? 1.012   -1.241  -4.825  0.55 14.34  ? 47  LEU A CD2   1 
ATOM   385 N N     . GLU A 1 48 ? -0.191  -0.173  -9.065  1.00 14.10  ? 48  GLU A N     1 
ATOM   386 C CA    . GLU A 1 48 ? 0.014   0.198   -10.457 1.00 16.77  ? 48  GLU A CA    1 
ATOM   387 C C     . GLU A 1 48 ? 1.443   0.678   -10.639 1.00 17.69  ? 48  GLU A C     1 
ATOM   388 O O     . GLU A 1 48 ? 1.922   1.532   -9.886  1.00 19.64  ? 48  GLU A O     1 
ATOM   389 C CB    . GLU A 1 48 ? -0.988  1.269   -10.900 1.00 22.56  ? 48  GLU A CB    1 
ATOM   390 C CG    . GLU A 1 48 ? -2.362  0.696   -11.254 1.00 28.65  ? 48  GLU A CG    1 
ATOM   391 C CD    . GLU A 1 48 ? -3.312  1.716   -11.866 1.00 34.03  ? 48  GLU A CD    1 
ATOM   392 O OE1   . GLU A 1 48 ? -3.108  2.932   -11.660 1.00 31.96  ? 48  GLU A OE1   1 
ATOM   393 O OE2   . GLU A 1 48 ? -4.265  1.289   -12.561 1.00 39.79  ? 48  GLU A OE2   1 
ATOM   394 N N     . ASP A 1 49 ? 2.119   0.123   -11.637 1.00 21.73  ? 49  ASP A N     1 
ATOM   395 C CA    . ASP A 1 49 ? 3.474   0.511   -11.998 1.00 29.54  ? 49  ASP A CA    1 
ATOM   396 C C     . ASP A 1 49 ? 3.457   0.777   -13.490 1.00 33.77  ? 49  ASP A C     1 
ATOM   397 O O     . ASP A 1 49 ? 3.363   -0.163  -14.285 1.00 35.37  ? 49  ASP A O     1 
ATOM   398 C CB    . ASP A 1 49 ? 4.478   -0.582  -11.651 1.00 34.94  ? 49  ASP A CB    1 
ATOM   399 C CG    . ASP A 1 49 ? 5.901   -0.120  -11.788 1.00 42.32  ? 49  ASP A CG    1 
ATOM   400 O OD1   . ASP A 1 49 ? 6.240   0.940   -11.212 1.00 45.85  ? 49  ASP A OD1   1 
ATOM   401 O OD2   . ASP A 1 49 ? 6.677   -0.810  -12.481 1.00 46.00  ? 49  ASP A OD2   1 
ATOM   402 N N     . GLY A 1 50 ? 3.535   2.050   -13.869 1.00 38.09  ? 50  GLY A N     1 
ATOM   403 C CA    . GLY A 1 50 ? 3.334   2.409   -15.254 1.00 41.10  ? 50  GLY A CA    1 
ATOM   404 C C     . GLY A 1 50 ? 2.012   1.868   -15.753 1.00 44.16  ? 50  GLY A C     1 
ATOM   405 O O     . GLY A 1 50 ? 0.945   2.294   -15.306 1.00 44.81  ? 50  GLY A O     1 
ATOM   406 N N     . LYS A 1 51 ? 2.076   0.892   -16.651 1.00 47.01  ? 51  LYS A N     1 
ATOM   407 C CA    . LYS A 1 51 ? 0.879   0.341   -17.265 1.00 48.71  ? 51  LYS A CA    1 
ATOM   408 C C     . LYS A 1 51 ? 0.333   -0.879  -16.532 1.00 45.68  ? 51  LYS A C     1 
ATOM   409 O O     . LYS A 1 51 ? -0.856  -1.188  -16.675 1.00 47.32  ? 51  LYS A O     1 
ATOM   410 C CB    . LYS A 1 51 ? 1.174   -0.021  -18.724 1.00 52.18  ? 51  LYS A CB    1 
ATOM   411 C CG    . LYS A 1 51 ? 2.650   0.082   -19.089 1.00 54.58  ? 51  LYS A CG    1 
ATOM   412 C CD    . LYS A 1 51 ? 2.884   1.061   -20.234 1.00 57.01  ? 51  LYS A CD    1 
ATOM   413 C CE    . LYS A 1 51 ? 3.576   2.340   -19.769 1.00 59.27  ? 51  LYS A CE    1 
ATOM   414 N NZ    . LYS A 1 51 ? 2.634   3.351   -19.206 1.00 60.76  ? 51  LYS A NZ    1 
ATOM   415 N N     . GLN A 1 52 ? 1.157   -1.564  -15.744 1.00 40.81  ? 52  GLN A N     1 
ATOM   416 C CA    . GLN A 1 52 ? 0.757   -2.840  -15.166 1.00 34.56  ? 52  GLN A CA    1 
ATOM   417 C C     . GLN A 1 52 ? -0.075  -2.654  -13.900 1.00 28.07  ? 52  GLN A C     1 
ATOM   418 O O     . GLN A 1 52 ? 0.248   -1.832  -13.041 1.00 27.82  ? 52  GLN A O     1 
ATOM   419 C CB    . GLN A 1 52 ? 1.985   -3.694  -14.850 1.00 39.05  ? 52  GLN A CB    1 
ATOM   420 C CG    . GLN A 1 52 ? 1.636   -5.112  -14.405 1.00 43.04  ? 52  GLN A CG    1 
ATOM   421 C CD    . GLN A 1 52 ? 2.824   -5.869  -13.842 1.00 47.96  ? 52  GLN A CD    1 
ATOM   422 O OE1   . GLN A 1 52 ? 3.976   -5.507  -14.078 1.00 50.37  ? 52  GLN A OE1   1 
ATOM   423 N NE2   . GLN A 1 52 ? 2.547   -6.927  -13.087 1.00 48.49  ? 52  GLN A NE2   1 
ATOM   424 N N     . GLN A 1 53 ? -1.157  -3.424  -13.802 1.00 24.82  ? 53  GLN A N     1 
ATOM   425 C CA    . GLN A 1 53 ? -1.968  -3.530  -12.598 1.00 20.81  ? 53  GLN A CA    1 
ATOM   426 C C     . GLN A 1 53 ? -1.675  -4.849  -11.901 1.00 17.16  ? 53  GLN A C     1 
ATOM   427 O O     . GLN A 1 53 ? -1.496  -5.882  -12.551 1.00 19.71  ? 53  GLN A O     1 
ATOM   428 C CB    . GLN A 1 53 ? -3.463  -3.470  -12.914 1.00 22.75  ? 53  GLN A CB    1 
ATOM   429 C CG    . GLN A 1 53 ? -3.936  -2.222  -13.612 1.00 26.46  ? 53  GLN A CG    1 
ATOM   430 C CD    . GLN A 1 53 ? -5.307  -2.420  -14.226 1.00 26.85  ? 53  GLN A CD    1 
ATOM   431 O OE1   . GLN A 1 53 ? -5.538  -3.385  -14.966 1.00 26.86  ? 53  GLN A OE1   1 
ATOM   432 N NE2   . GLN A 1 53 ? -6.230  -1.525  -13.909 1.00 27.15  ? 53  GLN A NE2   1 
ATOM   433 N N     . THR A 1 54 ? -1.656  -4.815  -10.575 1.00 13.83  ? 54  THR A N     1 
ATOM   434 C CA    . THR A 1 54 ? -1.490  -6.020  -9.773  1.00 13.18  ? 54  THR A CA    1 
ATOM   435 C C     . THR A 1 54 ? -2.440  -5.930  -8.596  1.00 13.58  ? 54  THR A C     1 
ATOM   436 O O     . THR A 1 54 ? -2.355  -4.983  -7.816  1.00 15.14  ? 54  THR A O     1 
ATOM   437 C CB    . THR A 1 54 ? -0.055  -6.169  -9.261  1.00 15.23  ? 54  THR A CB    1 
ATOM   438 O OG1   . THR A 1 54 ? 0.857   -6.177  -10.360 1.00 18.23  ? 54  THR A OG1   1 
ATOM   439 C CG2   . THR A 1 54 ? 0.092   -7.467  -8.481  1.00 16.48  ? 54  THR A CG2   1 
ATOM   440 N N     . LEU A 1 55 ? -3.336  -6.907  -8.455  1.00 12.95  ? 55  LEU A N     1 
ATOM   441 C CA    . LEU A 1 55 ? -4.163  -7.002  -7.255  1.00 12.16  ? 55  LEU A CA    1 
ATOM   442 C C     . LEU A 1 55 ? -3.393  -7.813  -6.223  1.00 10.98  ? 55  LEU A C     1 
ATOM   443 O O     . LEU A 1 55 ? -3.002  -8.949  -6.503  1.00 12.50  ? 55  LEU A O     1 
ATOM   444 C CB    . LEU A 1 55 ? -5.514  -7.658  -7.544  1.00 12.73  ? 55  LEU A CB    1 
ATOM   445 C CG    . LEU A 1 55 ? -6.497  -7.559  -6.368  1.00 12.05  ? 55  LEU A CG    1 
ATOM   446 C CD1   . LEU A 1 55 ? -7.068  -6.143  -6.247  1.00 14.18  ? 55  LEU A CD1   1 
ATOM   447 C CD2   . LEU A 1 55 ? -7.617  -8.581  -6.491  1.00 15.05  ? 55  LEU A CD2   1 
ATOM   448 N N     . VAL A 1 56 ? -3.146  -7.224  -5.050  1.00 11.26  ? 56  VAL A N     1 
ATOM   449 C CA    . VAL A 1 56 ? -2.368  -7.863  -3.995  1.00 11.87  ? 56  VAL A CA    1 
ATOM   450 C C     . VAL A 1 56 ? -3.304  -8.194  -2.845  1.00 10.30  ? 56  VAL A C     1 
ATOM   451 O O     . VAL A 1 56 ? -4.037  -7.322  -2.366  1.00 12.85  ? 56  VAL A O     1 
ATOM   452 C CB    . VAL A 1 56 ? -1.222  -6.957  -3.504  1.00 12.16  ? 56  VAL A CB    1 
ATOM   453 C CG1   . VAL A 1 56 ? -0.342  -7.725  -2.514  1.00 12.81  ? 56  VAL A CG1   1 
ATOM   454 C CG2   . VAL A 1 56 ? -0.397  -6.437  -4.664  1.00 13.82  ? 56  VAL A CG2   1 
ATOM   455 N N     . TYR A 1 57 ? -3.275  -9.448  -2.389  1.00 11.11  ? 57  TYR A N     1 
ATOM   456 C CA    . TYR A 1 57 ? -4.022  -9.807  -1.193  1.00 10.69  ? 57  TYR A CA    1 
ATOM   457 C C     . TYR A 1 57 ? -3.226  -9.427  0.049   1.00 11.39  ? 57  TYR A C     1 
ATOM   458 O O     . TYR A 1 57 ? -2.058  -9.796  0.185   1.00 11.91  ? 57  TYR A O     1 
ATOM   459 C CB    . TYR A 1 57 ? -4.365  -11.304 -1.191  1.00 12.51  ? 57  TYR A CB    1 
ATOM   460 C CG    . TYR A 1 57 ? -5.576  -11.577 -2.044  1.00 10.80  ? 57  TYR A CG    1 
ATOM   461 C CD1   . TYR A 1 57 ? -5.441  -11.813 -3.405  1.00 13.16  ? 57  TYR A CD1   1 
ATOM   462 C CD2   . TYR A 1 57 ? -6.859  -11.539 -1.512  1.00 11.44  ? 57  TYR A CD2   1 
ATOM   463 C CE1   . TYR A 1 57 ? -6.554  -12.017 -4.218  1.00 13.61  ? 57  TYR A CE1   1 
ATOM   464 C CE2   . TYR A 1 57 ? -7.980  -11.751 -2.318  1.00 11.90  ? 57  TYR A CE2   1 
ATOM   465 C CZ    . TYR A 1 57 ? -7.815  -11.991 -3.670  1.00 12.01  ? 57  TYR A CZ    1 
ATOM   466 O OH    . TYR A 1 57 ? -8.913  -12.201 -4.490  1.00 14.06  ? 57  TYR A OH    1 
ATOM   467 N N     . LYS A 1 58 ? -3.864  -8.661  0.940   1.00 10.98  ? 58  LYS A N     1 
ATOM   468 C CA    . LYS A 1 58 ? -3.182  -8.213  2.146   1.00 10.77  ? 58  LYS A CA    1 
ATOM   469 C C     . LYS A 1 58 ? -2.653  -9.378  2.967   1.00 11.12  ? 58  LYS A C     1 
ATOM   470 O O     . LYS A 1 58 ? -1.594  -9.254  3.581   1.00 12.43  ? 58  LYS A O     1 
ATOM   471 C CB    . LYS A 1 58 ? -4.112  -7.360  3.002   1.00 10.55  ? 58  LYS A CB    1 
ATOM   472 C CG    . LYS A 1 58 ? -4.452  -5.995  2.409   1.00 10.81  ? 58  LYS A CG    1 
ATOM   473 C CD    . LYS A 1 58 ? -5.432  -5.297  3.331   1.00 11.99  ? 58  LYS A CD    1 
ATOM   474 C CE    . LYS A 1 58 ? -5.878  -3.932  2.813   1.00 12.41  ? 58  LYS A CE    1 
ATOM   475 N NZ    . LYS A 1 58 ? -6.788  -3.310  3.826   1.00 13.20  ? 58  LYS A NZ    1 
ATOM   476 N N     . HIS A 1 59 ? -3.352  -10.522 2.983   1.00 11.68  ? 59  HIS A N     1 
ATOM   477 C CA    . HIS A 1 59 ? -2.876  -11.651 3.782   1.00 12.18  ? 59  HIS A CA    1 
ATOM   478 C C     . HIS A 1 59 ? -1.513  -12.156 3.327   1.00 12.46  ? 59  HIS A C     1 
ATOM   479 O O     . HIS A 1 59 ? -0.851  -12.876 4.084   1.00 13.77  ? 59  HIS A O     1 
ATOM   480 C CB    . HIS A 1 59 ? -3.891  -12.814 3.774   1.00 12.88  ? 59  HIS A CB    1 
ATOM   481 C CG    . HIS A 1 59 ? -4.180  -13.374 2.410   1.00 12.26  ? 59  HIS A CG    1 
ATOM   482 N ND1   . HIS A 1 59 ? -5.429  -13.306 1.831   1.00 14.17  ? 59  HIS A ND1   1 
ATOM   483 C CD2   . HIS A 1 59 ? -3.386  -14.019 1.520   1.00 13.59  ? 59  HIS A CD2   1 
ATOM   484 C CE1   . HIS A 1 59 ? -5.393  -13.885 0.642   1.00 12.89  ? 59  HIS A CE1   1 
ATOM   485 N NE2   . HIS A 1 59 ? -4.164  -14.321 0.428   1.00 13.43  ? 59  HIS A NE2   1 
ATOM   486 N N     . ALA A 1 60 ? -1.069  -11.774 2.123   1.00 12.34  ? 60  ALA A N     1 
ATOM   487 C CA    . ALA A 1 60 ? 0.227   -12.178 1.606   1.00 12.41  ? 60  ALA A CA    1 
ATOM   488 C C     . ALA A 1 60 ? 1.313   -11.137 1.845   1.00 13.19  ? 60  ALA A C     1 
ATOM   489 O O     . ALA A 1 60 ? 2.475   -11.401 1.539   1.00 15.09  ? 60  ALA A O     1 
ATOM   490 C CB    . ALA A 1 60 ? 0.128   -12.491 0.107   1.00 12.69  ? 60  ALA A CB    1 
ATOM   491 N N     . ILE A 1 61 ? 0.971   -9.980  2.413   1.00 12.46  ? 61  ILE A N     1 
ATOM   492 C CA    . ILE A 1 61 ? 1.919   -8.890  2.622   1.00 10.88  ? 61  ILE A CA    1 
ATOM   493 C C     . ILE A 1 61 ? 2.542   -9.031  3.999   1.00 10.70  ? 61  ILE A C     1 
ATOM   494 O O     . ILE A 1 61 ? 1.842   -9.319  4.968   1.00 13.06  ? 61  ILE A O     1 
ATOM   495 C CB    . ILE A 1 61 ? 1.211   -7.527  2.494   1.00 10.93  ? 61  ILE A CB    1 
ATOM   496 C CG1   . ILE A 1 61 ? 0.572   -7.387  1.116   1.00 11.86  ? 61  ILE A CG1   1 
ATOM   497 C CG2   . ILE A 1 61 ? 2.184   -6.377  2.779   1.00 12.24  ? 61  ILE A CG2   1 
ATOM   498 C CD1   . ILE A 1 61 ? -0.234  -6.116  0.950   1.00 12.95  ? 61  ILE A CD1   1 
ATOM   499 N N     . THR A 1 62 ? 3.855   -8.814  4.091   1.00 11.80  ? 62  THR A N     1 
ATOM   500 C CA    . THR A 1 62 ? 4.476   -8.634  5.400   1.00 11.82  ? 62  THR A CA    1 
ATOM   501 C C     . THR A 1 62 ? 4.556   -7.156  5.784   1.00 12.01  ? 62  THR A C     1 
ATOM   502 O O     . THR A 1 62 ? 4.134   -6.771  6.881   1.00 12.94  ? 62  THR A O     1 
ATOM   503 C CB    . THR A 1 62 ? 5.877   -9.253  5.431   1.00 13.83  ? 62  THR A CB    1 
ATOM   504 O OG1   . THR A 1 62 ? 6.722   -8.596  4.473   1.00 15.80  ? 62  THR A OG1   1 
ATOM   505 C CG2   . THR A 1 62 ? 5.816   -10.738 5.127   1.00 14.06  ? 62  THR A CG2   1 
ATOM   506 N N     . THR A 1 63 ? 5.102   -6.325  4.897   1.00 12.53  ? 63  THR A N     1 
ATOM   507 C CA    . THR A 1 63 ? 5.350   -4.917  5.189   1.00 12.43  ? 63  THR A CA    1 
ATOM   508 C C     . THR A 1 63 ? 5.136   -4.065  3.946   1.00 12.21  ? 63  THR A C     1 
ATOM   509 O O     . THR A 1 63 ? 5.292   -4.524  2.812   1.00 13.09  ? 63  THR A O     1 
ATOM   510 C CB    . THR A 1 63 ? 6.785   -4.658  5.684   1.00 15.00  ? 63  THR A CB    1 
ATOM   511 O OG1   . THR A 1 63 ? 7.714   -5.177  4.730   1.00 20.10  ? 63  THR A OG1   1 
ATOM   512 C CG2   . THR A 1 63 ? 7.049   -5.306  7.034   1.00 15.18  ? 63  THR A CG2   1 
ATOM   513 N N     . ILE A 1 64 ? 4.808   -2.795  4.184   1.00 12.26  ? 64  ILE A N     1 
ATOM   514 C CA    . ILE A 1 64 ? 4.749   -1.770  3.145   1.00 11.26  ? 64  ILE A CA    1 
ATOM   515 C C     . ILE A 1 64 ? 5.663   -0.635  3.569   1.00 11.51  ? 64  ILE A C     1 
ATOM   516 O O     . ILE A 1 64 ? 5.532   -0.109  4.680   1.00 12.85  ? 64  ILE A O     1 
ATOM   517 C CB    . ILE A 1 64 ? 3.318   -1.257  2.908   1.00 11.53  ? 64  ILE A CB    1 
ATOM   518 C CG1   . ILE A 1 64 ? 2.382   -2.430  2.579   1.00 12.49  ? 64  ILE A CG1   1 
ATOM   519 C CG2   . ILE A 1 64 ? 3.311   -0.189  1.791   1.00 13.13  ? 64  ILE A CG2   1 
ATOM   520 C CD1   . ILE A 1 64 ? 0.940   -2.034  2.404   1.00 14.50  ? 64  ILE A CD1   1 
ATOM   521 N N     . VAL A 1 65 ? 6.589   -0.270  2.690   1.00 12.54  ? 65  VAL A N     1 
ATOM   522 C CA    . VAL A 1 65 ? 7.569   0.774   2.979   1.00 13.51  ? 65  VAL A CA    1 
ATOM   523 C C     . VAL A 1 65 ? 7.383   1.904   1.973   1.00 13.68  ? 65  VAL A C     1 
ATOM   524 O O     . VAL A 1 65 ? 7.625   1.706   0.777   1.00 14.81  ? 65  VAL A O     1 
ATOM   525 C CB    . VAL A 1 65 ? 9.006   0.232   2.925   1.00 15.31  ? 65  VAL A CB    1 
ATOM   526 C CG1   . VAL A 1 65 ? 9.996   1.367   3.165   1.00 16.34  ? 65  VAL A CG1   1 
ATOM   527 C CG2   . VAL A 1 65 ? 9.206   -0.888  3.939   1.00 18.26  ? 65  VAL A CG2   1 
ATOM   528 N N     . PRO A 1 66 ? 6.949   3.087   2.395   1.00 13.77  ? 66  PRO A N     1 
ATOM   529 C CA    . PRO A 1 66 ? 6.768   4.184   1.436   1.00 14.38  ? 66  PRO A CA    1 
ATOM   530 C C     . PRO A 1 66 ? 8.105   4.800   1.057   1.00 15.34  ? 66  PRO A C     1 
ATOM   531 O O     . PRO A 1 66 ? 9.025   4.886   1.873   1.00 18.09  ? 66  PRO A O     1 
ATOM   532 C CB    . PRO A 1 66 ? 5.891   5.177   2.206   1.00 16.22  ? 66  PRO A CB    1 
ATOM   533 C CG    . PRO A 1 66 ? 6.275   4.951   3.647   1.00 16.06  ? 66  PRO A CG    1 
ATOM   534 C CD    . PRO A 1 66 ? 6.595   3.475   3.774   1.00 15.33  ? 66  PRO A CD    1 
ATOM   535 N N     . HIS A 1 67 ? 8.217   5.215   -0.205  1.00 15.58  ? 67  HIS A N     1 
ATOM   536 C CA    . HIS A 1 67 ? 9.462   5.803   -0.686  1.00 15.72  ? 67  HIS A CA    1 
ATOM   537 C C     . HIS A 1 67 ? 9.583   7.290   -0.361  1.00 16.17  ? 67  HIS A C     1 
ATOM   538 O O     . HIS A 1 67 ? 10.649  7.876   -0.589  1.00 20.90  ? 67  HIS A O     1 
ATOM   539 C CB    . HIS A 1 67 ? 9.601   5.576   -2.192  1.00 16.92  ? 67  HIS A CB    1 
ATOM   540 C CG    . HIS A 1 67 ? 9.742   4.134   -2.578  1.00 18.29  ? 67  HIS A CG    1 
ATOM   541 N ND1   . HIS A 1 67 ? 10.192  3.739   -3.818  1.00 20.46  ? 67  HIS A ND1   1 
ATOM   542 C CD2   . HIS A 1 67 ? 9.478   2.993   -1.894  1.00 19.47  ? 67  HIS A CD2   1 
ATOM   543 C CE1   . HIS A 1 67 ? 10.202  2.419   -3.884  1.00 21.82  ? 67  HIS A CE1   1 
ATOM   544 N NE2   . HIS A 1 67 ? 9.778   1.942   -2.727  1.00 20.24  ? 67  HIS A NE2   1 
ATOM   545 N N     . GLU A 1 68 ? 8.521   7.905   0.153   1.00 16.49  ? 68  GLU A N     1 
ATOM   546 C CA    . GLU A 1 68 ? 8.553   9.234   0.746   1.00 17.69  ? 68  GLU A CA    1 
ATOM   547 C C     . GLU A 1 68 ? 7.893   9.150   2.111   1.00 18.63  ? 68  GLU A C     1 
ATOM   548 O O     . GLU A 1 68 ? 6.996   8.335   2.324   1.00 18.35  ? 68  GLU A O     1 
ATOM   549 C CB    . GLU A 1 68 ? 7.803   10.271  -0.094  1.00 17.35  ? 68  GLU A CB    1 
ATOM   550 C CG    . GLU A 1 68 ? 8.243   10.376  -1.529  1.00 19.66  ? 68  GLU A CG    1 
ATOM   551 C CD    . GLU A 1 68 ? 7.368   11.339  -2.313  1.00 22.08  ? 68  GLU A CD    1 
ATOM   552 O OE1   . GLU A 1 68 ? 7.545   12.565  -2.153  1.00 24.87  ? 68  GLU A OE1   1 
ATOM   553 O OE2   . GLU A 1 68 ? 6.487   10.865  -3.069  1.00 23.12  ? 68  GLU A OE2   1 
ATOM   554 N N     . ARG A 1 69 ? 8.317   10.007  3.033   1.00 21.13  ? 69  ARG A N     1 
ATOM   555 C CA    . ARG A 1 69 ? 7.706   9.985   4.352   1.00 23.13  ? 69  ARG A CA    1 
ATOM   556 C C     . ARG A 1 69 ? 6.251   10.416  4.250   1.00 22.54  ? 69  ARG A C     1 
ATOM   557 O O     . ARG A 1 69 ? 5.934   11.430  3.619   1.00 25.04  ? 69  ARG A O     1 
ATOM   558 C CB    . ARG A 1 69 ? 8.457   10.885  5.330   1.00 28.61  ? 69  ARG A CB    1 
ATOM   559 C CG    . ARG A 1 69 ? 7.857   10.816  6.721   1.00 33.81  ? 69  ARG A CG    1 
ATOM   560 C CD    . ARG A 1 69 ? 8.738   11.430  7.785   1.00 38.82  ? 69  ARG A CD    1 
ATOM   561 N NE    . ARG A 1 69 ? 8.066   11.376  9.079   1.00 42.19  ? 69  ARG A NE    1 
ATOM   562 C CZ    . ARG A 1 69 ? 8.129   10.338  9.905   1.00 45.04  ? 69  ARG A CZ    1 
ATOM   563 N NH1   . ARG A 1 69 ? 8.845   9.271   9.579   1.00 45.71  ? 69  ARG A NH1   1 
ATOM   564 N NH2   . ARG A 1 69 ? 7.480   10.373  11.061  1.00 45.59  ? 69  ARG A NH2   1 
ATOM   565 N N     . LEU A 1 70 ? 5.364   9.635   4.852   1.00 20.97  ? 70  LEU A N     1 
ATOM   566 C CA    . LEU A 1 70 ? 3.950   9.960   4.865   1.00 21.48  ? 70  LEU A CA    1 
ATOM   567 C C     . LEU A 1 70 ? 3.643   10.767  6.116   1.00 26.40  ? 70  LEU A C     1 
ATOM   568 O O     . LEU A 1 70 ? 4.037   10.385  7.224   1.00 29.29  ? 70  LEU A O     1 
ATOM   569 C CB    . LEU A 1 70 ? 3.092   8.695   4.829   1.00 19.55  ? 70  LEU A CB    1 
ATOM   570 C CG    . LEU A 1 70 ? 3.284   7.716   3.671   1.00 17.57  ? 70  LEU A CG    1 
ATOM   571 C CD1   . LEU A 1 70 ? 2.365   6.513   3.879   1.00 18.51  ? 70  LEU A CD1   1 
ATOM   572 C CD2   . LEU A 1 70 ? 3.008   8.362   2.321   1.00 18.41  ? 70  LEU A CD2   1 
ATOM   573 N N     . GLU A 1 71 ? 2.961   11.887  5.937   1.00 28.46  ? 71  GLU A N     1 
ATOM   574 C CA    . GLU A 1 71 ? 2.380   12.626  7.051   1.00 33.28  ? 71  GLU A CA    1 
ATOM   575 C C     . GLU A 1 71 ? 0.937   12.143  7.121   1.00 32.78  ? 71  GLU A C     1 
ATOM   576 O O     . GLU A 1 71 ? 0.048   12.670  6.454   1.00 33.42  ? 71  GLU A O     1 
ATOM   577 C CB    . GLU A 1 71 ? 2.501   14.129  6.839   1.00 39.30  ? 71  GLU A CB    1 
ATOM   578 C CG    . GLU A 1 71 ? 3.902   14.577  6.420   1.00 45.52  ? 71  GLU A CG    1 
ATOM   579 C CD    . GLU A 1 71 ? 4.973   14.268  7.460   1.00 51.65  ? 71  GLU A CD    1 
ATOM   580 O OE1   . GLU A 1 71 ? 4.635   14.116  8.653   1.00 54.06  ? 71  GLU A OE1   1 
ATOM   581 O OE2   . GLU A 1 71 ? 6.163   14.181  7.085   1.00 54.52  ? 71  GLU A OE2   1 
ATOM   582 N N     . ILE A 1 72 ? 0.719   11.104  7.923   1.00 32.77  ? 72  ILE A N     1 
ATOM   583 C CA    . ILE A 1 72 ? -0.492  10.299  7.820   1.00 34.14  ? 72  ILE A CA    1 
ATOM   584 C C     . ILE A 1 72 ? -1.710  11.147  8.166   1.00 36.65  ? 72  ILE A C     1 
ATOM   585 O O     . ILE A 1 72 ? -1.794  11.731  9.252   1.00 39.07  ? 72  ILE A O     1 
ATOM   586 C CB    . ILE A 1 72 ? -0.392  9.061   8.718   1.00 31.07  ? 72  ILE A CB    1 
ATOM   587 C CG1   . ILE A 1 72 ? 0.693   8.127   8.182   1.00 31.42  ? 72  ILE A CG1   1 
ATOM   588 C CG2   . ILE A 1 72 ? -1.713  8.342   8.771   1.00 30.83  ? 72  ILE A CG2   1 
ATOM   589 C CD1   . ILE A 1 72 ? 0.769   6.817   8.902   1.00 33.18  ? 72  ILE A CD1   1 
ATOM   590 N N     . GLU A 1 73 ? -2.659  11.217  7.235   1.00 36.01  ? 73  GLU A N     1 
ATOM   591 C CA    . GLU A 1 73 ? -3.877  11.997  7.415   1.00 49.94  ? 73  GLU A CA    1 
ATOM   592 C C     . GLU A 1 73 ? -4.932  11.197  8.173   1.00 53.56  ? 73  GLU A C     1 
ATOM   593 O O     . GLU A 1 73 ? -5.633  10.368  7.591   1.00 48.25  ? 73  GLU A O     1 
ATOM   594 C CB    . GLU A 1 73 ? -4.432  12.441  6.060   1.00 46.08  ? 73  GLU A CB    1 
ATOM   595 C CG    . GLU A 1 73 ? -3.420  13.131  5.157   1.00 97.10  ? 73  GLU A CG    1 
ATOM   596 C CD    . GLU A 1 73 ? -3.937  13.321  3.741   1.00 72.66  ? 73  GLU A CD    1 
ATOM   597 O OE1   . GLU A 1 73 ? -3.429  12.647  2.822   1.00 60.50  ? 73  GLU A OE1   1 
ATOM   598 O OE2   . GLU A 1 73 ? -4.862  14.137  3.550   1.00 102.20 ? 73  GLU A OE2   1 
ATOM   599 P P     . U   B 2 1  ? -10.675 10.827  -4.275  1.00 41.47  ? 1   U   C P     1 
ATOM   600 O OP1   . U   B 2 1  ? -9.343  10.199  -4.457  1.00 40.98  ? 1   U   C OP1   1 
ATOM   601 O OP2   . U   B 2 1  ? -11.344 11.431  -5.459  1.00 44.73  ? 1   U   C OP2   1 
ATOM   602 O "O5'" . U   B 2 1  ? -11.665 9.747   -3.646  1.00 38.46  ? 1   U   C "O5'" 1 
ATOM   603 C "C5'" . U   B 2 1  ? -12.980 10.106  -3.250  1.00 36.46  ? 1   U   C "C5'" 1 
ATOM   604 C "C4'" . U   B 2 1  ? -13.668 8.971   -2.536  1.00 33.09  ? 1   U   C "C4'" 1 
ATOM   605 O "O4'" . U   B 2 1  ? -13.851 7.864   -3.451  1.00 30.25  ? 1   U   C "O4'" 1 
ATOM   606 C "C3'" . U   B 2 1  ? -12.903 8.369   -1.367  1.00 32.13  ? 1   U   C "C3'" 1 
ATOM   607 O "O3'" . U   B 2 1  ? -13.076 9.112   -0.171  1.00 33.12  ? 1   U   C "O3'" 1 
ATOM   608 C "C2'" . U   B 2 1  ? -13.458 6.950   -1.291  1.00 30.80  ? 1   U   C "C2'" 1 
ATOM   609 O "O2'" . U   B 2 1  ? -14.710 6.937   -0.620  1.00 31.67  ? 1   U   C "O2'" 1 
ATOM   610 C "C1'" . U   B 2 1  ? -13.722 6.640   -2.762  1.00 26.87  ? 1   U   C "C1'" 1 
ATOM   611 N N1    . U   B 2 1  ? -12.667 5.838   -3.421  1.00 22.30  ? 1   U   C N1    1 
ATOM   612 C C2    . U   B 2 1  ? -12.585 4.493   -3.121  1.00 22.19  ? 1   U   C C2    1 
ATOM   613 O O2    . U   B 2 1  ? -13.305 3.955   -2.293  1.00 22.73  ? 1   U   C O2    1 
ATOM   614 N N3    . U   B 2 1  ? -11.614 3.807   -3.814  1.00 21.54  ? 1   U   C N3    1 
ATOM   615 C C4    . U   B 2 1  ? -10.748 4.321   -4.755  1.00 22.12  ? 1   U   C C4    1 
ATOM   616 O O4    . U   B 2 1  ? -9.933  3.581   -5.296  1.00 24.87  ? 1   U   C O4    1 
ATOM   617 C C5    . U   B 2 1  ? -10.909 5.713   -5.020  1.00 22.85  ? 1   U   C C5    1 
ATOM   618 C C6    . U   B 2 1  ? -11.847 6.404   -4.367  1.00 23.81  ? 1   U   C C6    1 
ATOM   619 P P     . U   B 2 2  ? -11.907 9.180   0.928   1.00 31.56  ? 2   U   C P     1 
ATOM   620 O OP1   . U   B 2 2  ? -12.252 10.264  1.879   1.00 34.08  ? 2   U   C OP1   1 
ATOM   621 O OP2   . U   B 2 2  ? -10.595 9.205   0.236   1.00 34.06  ? 2   U   C OP2   1 
ATOM   622 O "O5'" . U   B 2 2  ? -12.055 7.800   1.703   1.00 34.12  ? 2   U   C "O5'" 1 
ATOM   623 C "C5'" . U   B 2 2  ? -13.301 7.424   2.283   1.00 33.95  ? 2   U   C "C5'" 1 
ATOM   624 C "C4'" . U   B 2 2  ? -13.239 6.046   2.889   1.00 31.10  ? 2   U   C "C4'" 1 
ATOM   625 O "O4'" . U   B 2 2  ? -12.945 5.076   1.843   1.00 25.04  ? 2   U   C "O4'" 1 
ATOM   626 C "C3'" . U   B 2 2  ? -12.161 5.862   3.954   1.00 33.62  ? 2   U   C "C3'" 1 
ATOM   627 O "O3'" . U   B 2 2  ? -12.620 4.928   4.931   1.00 42.45  ? 2   U   C "O3'" 1 
ATOM   628 C "C2'" . U   B 2 2  ? -11.015 5.244   3.158   1.00 25.72  ? 2   U   C "C2'" 1 
ATOM   629 O "O2'" . U   B 2 2  ? -10.076 4.518   3.930   1.00 27.71  ? 2   U   C "O2'" 1 
ATOM   630 C "C1'" . U   B 2 2  ? -11.776 4.355   2.179   1.00 22.99  ? 2   U   C "C1'" 1 
ATOM   631 N N1    . U   B 2 2  ? -11.043 4.068   0.941   1.00 19.50  ? 2   U   C N1    1 
ATOM   632 C C2    . U   B 2 2  ? -10.867 2.739   0.610   1.00 18.62  ? 2   U   C C2    1 
ATOM   633 O O2    . U   B 2 2  ? -11.311 1.825   1.290   1.00 20.44  ? 2   U   C O2    1 
ATOM   634 N N3    . U   B 2 2  ? -10.168 2.516   -0.550  1.00 17.76  ? 2   U   C N3    1 
ATOM   635 C C4    . U   B 2 2  ? -9.636  3.468   -1.388  1.00 15.60  ? 2   U   C C4    1 
ATOM   636 O O4    . U   B 2 2  ? -9.034  3.099   -2.387  1.00 17.90  ? 2   U   C O4    1 
ATOM   637 C C5    . U   B 2 2  ? -9.858  4.823   -0.972  1.00 17.51  ? 2   U   C C5    1 
ATOM   638 C C6    . U   B 2 2  ? -10.536 5.075   0.153   1.00 17.60  ? 2   U   C C6    1 
ATOM   639 P P     . U   B 2 3  ? -13.502 5.419   6.181   1.00 50.35  ? 3   U   C P     1 
ATOM   640 O OP1   . U   B 2 3  ? -12.913 4.826   7.413   1.00 54.78  ? 3   U   C OP1   1 
ATOM   641 O OP2   . U   B 2 3  ? -13.660 6.895   6.093   1.00 51.03  ? 3   U   C OP2   1 
HETATM 642 C C1    . MRD C 3 .  ? -8.395  -13.115 4.255   1.00 19.64  ? 101 MRD A C1    1 
HETATM 643 C C2    . MRD C 3 .  ? -8.896  -13.241 2.823   1.00 18.22  ? 101 MRD A C2    1 
HETATM 644 O O2    . MRD C 3 .  ? -8.016  -12.397 2.040   1.00 18.61  ? 101 MRD A O2    1 
HETATM 645 C CM    . MRD C 3 .  ? -8.792  -14.674 2.312   1.00 18.38  ? 101 MRD A CM    1 
HETATM 646 C C3    . MRD C 3 .  ? -10.335 -12.746 2.729   1.00 19.72  ? 101 MRD A C3    1 
HETATM 647 C C4    . MRD C 3 .  ? -10.865 -12.730 1.298   1.00 19.10  ? 101 MRD A C4    1 
HETATM 648 O O4    . MRD C 3 .  ? -10.122 -11.783 0.564   1.00 18.72  ? 101 MRD A O4    1 
HETATM 649 C C5    . MRD C 3 .  ? -12.340 -12.340 1.258   1.00 19.35  ? 101 MRD A C5    1 
HETATM 650 C C1    . PEG D 4 .  ? 9.818   -9.402  4.446   1.00 68.70  ? 102 PEG A C1    1 
HETATM 651 O O1    . PEG D 4 .  ? 8.968   -10.135 3.600   1.00 30.42  ? 102 PEG A O1    1 
HETATM 652 C C2    . PEG D 4 .  ? 10.932  -8.740  3.635   1.00 51.73  ? 102 PEG A C2    1 
HETATM 653 O O2    . PEG D 4 .  ? 11.533  -7.709  4.373   1.00 58.98  ? 102 PEG A O2    1 
HETATM 654 C C3    . PEG D 4 .  ? 10.651  -6.715  4.818   1.00 31.73  ? 102 PEG A C3    1 
HETATM 655 C C4    . PEG D 4 .  ? 11.409  -5.400  5.008   1.00 33.79  ? 102 PEG A C4    1 
HETATM 656 O O4    . PEG D 4 .  ? 10.496  -4.369  5.289   1.00 29.47  ? 102 PEG A O4    1 
HETATM 657 O O     . HOH E 5 .  ? -12.590 8.289   23.556  1.00 32.08  ? 201 HOH A O     1 
HETATM 658 O O     . HOH E 5 .  ? -8.192  0.522   11.555  1.00 41.95  ? 202 HOH A O     1 
HETATM 659 O O     . HOH E 5 .  ? 0.696   5.106   -3.524  1.00 17.44  ? 203 HOH A O     1 
HETATM 660 O O     . HOH E 5 .  ? 6.997   8.673   -4.486  1.00 20.95  ? 204 HOH A O     1 
HETATM 661 O O     . HOH E 5 .  ? -1.807  6.513   -5.865  1.00 19.24  ? 205 HOH A O     1 
HETATM 662 O O     . HOH E 5 .  ? 2.997   -7.810  -10.290 1.00 33.13  ? 206 HOH A O     1 
HETATM 663 O O     . HOH E 5 .  ? 1.581   -3.598  -10.729 1.00 24.81  ? 207 HOH A O     1 
HETATM 664 O O     . HOH E 5 .  ? 11.037  5.783   -5.574  1.00 32.49  ? 208 HOH A O     1 
HETATM 665 O O     . HOH E 5 .  ? -6.611  6.699   -6.424  1.00 21.32  ? 209 HOH A O     1 
HETATM 666 O O     . HOH E 5 .  ? 10.080  12.108  2.333   1.00 30.56  ? 210 HOH A O     1 
HETATM 667 O O     . HOH E 5 .  ? 4.061   11.036  -7.270  0.50 22.27  ? 211 HOH A O     1 
HETATM 668 O O     . HOH E 5 .  ? -6.234  -10.189 2.593   1.00 15.65  ? 212 HOH A O     1 
HETATM 669 O O     . HOH E 5 .  ? -3.840  4.112   15.608  1.00 22.91  ? 213 HOH A O     1 
HETATM 670 O O     . HOH E 5 .  ? 1.913   12.631  3.359   1.00 33.21  ? 214 HOH A O     1 
HETATM 671 O O     . HOH E 5 .  ? -1.171  -6.140  -15.408 1.00 35.75  ? 215 HOH A O     1 
HETATM 672 O O     . HOH E 5 .  ? -11.712 -7.061  -0.151  1.00 18.13  ? 216 HOH A O     1 
HETATM 673 O O     . HOH E 5 .  ? -13.463 -2.250  2.127   1.00 45.47  ? 217 HOH A O     1 
HETATM 674 O O     . HOH E 5 .  ? -8.468  -0.989  4.598   1.00 31.72  ? 218 HOH A O     1 
HETATM 675 O O     . HOH E 5 .  ? -2.245  6.778   -8.562  1.00 24.44  ? 219 HOH A O     1 
HETATM 676 O O     . HOH E 5 .  ? 6.516   -4.859  -8.788  1.00 36.86  ? 220 HOH A O     1 
HETATM 677 O O     . HOH E 5 .  ? 11.409  -9.318  -5.639  1.00 38.65  ? 221 HOH A O     1 
HETATM 678 O O     . HOH E 5 .  ? -7.944  10.617  23.637  1.00 33.37  ? 222 HOH A O     1 
HETATM 679 O O     . HOH E 5 .  ? -2.918  -4.046  -16.304 1.00 32.66  ? 223 HOH A O     1 
HETATM 680 O O     . HOH E 5 .  ? 1.762   4.433   -10.850 1.00 34.59  ? 224 HOH A O     1 
HETATM 681 O O     . HOH E 5 .  ? -1.282  5.045   -10.298 1.00 34.30  ? 225 HOH A O     1 
HETATM 682 O O     . HOH E 5 .  ? 5.166   3.578   -9.812  1.00 30.17  ? 226 HOH A O     1 
HETATM 683 O O     . HOH E 5 .  ? 6.081   7.854   -12.267 1.00 37.04  ? 227 HOH A O     1 
HETATM 684 O O     . HOH E 5 .  ? -8.952  1.595   14.683  1.00 40.11  ? 228 HOH A O     1 
HETATM 685 O O     . HOH E 5 .  ? -13.873 -5.037  1.044   1.00 42.02  ? 229 HOH A O     1 
HETATM 686 O O     . HOH E 5 .  ? -13.303 5.410   23.492  1.00 34.84  ? 230 HOH A O     1 
HETATM 687 O O     . HOH E 5 .  ? -3.862  7.683   11.970  1.00 38.74  ? 231 HOH A O     1 
HETATM 688 O O     . HOH E 5 .  ? 9.760   8.550   -4.488  1.00 42.25  ? 232 HOH A O     1 
HETATM 689 O O     . HOH E 5 .  ? -2.837  -16.600 3.903   1.00 38.16  ? 233 HOH A O     1 
HETATM 690 O O     . HOH E 5 .  ? 1.714   -14.601 7.332   1.00 38.98  ? 234 HOH A O     1 
HETATM 691 O O     . HOH F 5 .  ? -6.855  11.202  -5.016  1.00 37.93  ? 101 HOH C O     1 
HETATM 692 O O     . HOH F 5 .  ? -11.038 -0.310  3.144   1.00 25.69  ? 102 HOH C O     1 
# 
loop_
_atom_site_anisotrop.id 
_atom_site_anisotrop.type_symbol 
_atom_site_anisotrop.pdbx_label_atom_id 
_atom_site_anisotrop.pdbx_label_alt_id 
_atom_site_anisotrop.pdbx_label_comp_id 
_atom_site_anisotrop.pdbx_label_asym_id 
_atom_site_anisotrop.pdbx_label_seq_id 
_atom_site_anisotrop.pdbx_PDB_ins_code 
_atom_site_anisotrop.U[1][1] 
_atom_site_anisotrop.U[2][2] 
_atom_site_anisotrop.U[3][3] 
_atom_site_anisotrop.U[1][2] 
_atom_site_anisotrop.U[1][3] 
_atom_site_anisotrop.U[2][3] 
_atom_site_anisotrop.pdbx_auth_seq_id 
_atom_site_anisotrop.pdbx_auth_comp_id 
_atom_site_anisotrop.pdbx_auth_asym_id 
_atom_site_anisotrop.pdbx_auth_atom_id 
1   N N     . HIS A 3  ? 0.9420 0.8866 0.7935 0.1166  -0.0288 -0.4195 3   HIS A N     
2   C CA    . HIS A 3  ? 0.8355 0.8161 0.7228 0.1670  0.0115  -0.3315 3   HIS A CA    
3   C C     . HIS A 3  ? 0.6531 0.7719 0.6299 0.1571  0.0810  -0.2767 3   HIS A C     
4   O O     . HIS A 3  ? 0.5685 0.7717 0.5907 0.1593  0.1386  -0.2548 3   HIS A O     
5   C CB    . HIS A 3  ? 0.8955 0.7261 0.7524 0.2252  -0.0095 -0.3450 3   HIS A CB    
6   C CG    . HIS A 3  ? 0.9618 0.6643 0.7720 0.2628  -0.0125 -0.3306 3   HIS A CG    
7   N ND1   . HIS A 3  ? 0.9861 0.6352 0.7755 0.2768  -0.0128 -0.3249 3   HIS A ND1   
8   C CD2   . HIS A 3  ? 0.9894 0.6420 0.7886 0.2753  -0.0279 -0.3255 3   HIS A CD2   
9   C CE1   . HIS A 3  ? 0.9949 0.6273 0.7867 0.2697  -0.0269 -0.3302 3   HIS A CE1   
10  N NE2   . HIS A 3  ? 1.0032 0.6281 0.7990 0.2710  -0.0460 -0.3277 3   HIS A NE2   
11  N N     . MET A 4  ? 0.6006 0.6930 0.5777 0.1460  0.1069  -0.1798 4   MET A N     
12  C CA    . MET A 4  ? 0.5745 0.6520 0.5331 0.1331  0.1016  -0.0639 4   MET A CA    
13  C C     . MET A 4  ? 0.5796 0.5080 0.4531 0.1698  0.0882  0.0126  4   MET A C     
14  O O     . MET A 4  ? 0.5580 0.4414 0.4366 0.1950  0.0778  0.0620  4   MET A O     
15  C CB    . MET A 4  ? 0.5796 0.7341 0.5618 0.0816  0.0986  -0.0491 4   MET A CB    
16  C CG    . MET A 4  ? 0.6154 0.8063 0.5844 0.0357  0.0847  -0.0516 4   MET A CG    
17  S SD    . MET A 4  ? 0.6106 0.8681 0.6132 -0.0206 0.0842  -0.0518 4   MET A SD    
18  C CE    . MET A 4  ? 0.6543 0.8983 0.6308 -0.0535 0.0532  -0.0490 4   MET A CE    
19  N N     . PRO A 5  ? 0.5722 0.4480 0.4111 0.1345  0.0790  0.0272  5   PRO A N     
20  C CA    . PRO A 5  ? 0.5406 0.4034 0.3761 0.1247  0.0823  0.0363  5   PRO A CA    
21  C C     . PRO A 5  ? 0.5064 0.4234 0.3360 0.0685  0.0741  0.0565  5   PRO A C     
22  O O     . PRO A 5  ? 0.4581 0.5224 0.3616 0.0197  0.0836  0.0159  5   PRO A O     
23  C CB    . PRO A 5  ? 0.5468 0.3859 0.4056 0.1556  0.0706  0.0134  5   PRO A CB    
24  C CG    . PRO A 5  ? 0.5739 0.4014 0.4172 0.1257  0.0722  0.0149  5   PRO A CG    
25  C CD    . PRO A 5  ? 0.5723 0.4199 0.4033 0.1228  0.0874  0.0288  5   PRO A CD    
26  N N     . TYR A 6  ? 0.4997 0.3425 0.3078 0.0777  0.0536  0.0592  6   TYR A N     
27  C CA    . TYR A 6  ? 0.4699 0.3194 0.3038 0.0696  0.0283  0.0156  6   TYR A CA    
28  C C     . TYR A 6  ? 0.3784 0.2899 0.2639 0.0411  0.0515  -0.0014 6   TYR A C     
29  O O     . TYR A 6  ? 0.3903 0.3035 0.2519 0.0025  0.0518  -0.0002 6   TYR A O     
30  C CB    . TYR A 6  ? 0.5526 0.3117 0.3709 0.0912  -0.0145 -0.0144 6   TYR A CB    
31  C CG    . TYR A 6  ? 0.6175 0.3129 0.4571 0.1120  -0.0769 -0.0353 6   TYR A CG    
32  C CD1   . TYR A 6  ? 0.6329 0.3051 0.4916 0.1303  -0.0966 -0.0613 6   TYR A CD1   
33  C CD2   . TYR A 6  ? 0.6597 0.3034 0.4959 0.1235  -0.0991 -0.0530 6   TYR A CD2   
34  C CE1   . TYR A 6  ? 0.6377 0.3375 0.5083 0.1155  -0.0953 -0.0829 6   TYR A CE1   
35  C CE2   . TYR A 6  ? 0.6818 0.3245 0.5162 0.1111  -0.1108 -0.0771 6   TYR A CE2   
36  C CZ    . TYR A 6  ? 0.6690 0.3273 0.5192 0.1154  -0.1009 -0.0967 6   TYR A CZ    
37  O OH    . TYR A 6  ? 0.6802 0.3267 0.5383 0.1037  -0.1048 -0.1015 6   TYR A OH    
38  N N     . LYS A 7  ? 0.2887 0.3073 0.2451 0.0179  0.0507  0.0105  7   LYS A N     
39  C CA    . LYS A 7  ? 0.2444 0.3102 0.2471 0.0260  0.0232  -0.0394 7   LYS A CA    
40  C C     . LYS A 7  ? 0.2655 0.2083 0.2114 0.0013  -0.0094 0.0174  7   LYS A C     
41  O O     . LYS A 7  ? 0.2816 0.2260 0.2002 -0.0009 -0.0123 0.0409  7   LYS A O     
42  C CB    . LYS A 7  ? 0.2703 0.4892 0.3218 -0.0246 0.0262  -0.1055 7   LYS A CB    
43  C CG    . LYS A 7  ? 0.3414 0.6372 0.4142 -0.0163 -0.0333 -0.1850 7   LYS A CG    
44  C CD    . LYS A 7  ? 0.3773 0.7436 0.5060 -0.0099 -0.0863 -0.2405 7   LYS A CD    
45  C CE    . LYS A 7  ? 0.4697 0.8183 0.5384 -0.0249 -0.0937 -0.2595 7   LYS A CE    
46  N NZ    . LYS A 7  ? 0.5057 0.8481 0.5313 -0.0284 -0.0782 -0.2606 7   LYS A NZ    
47  N N     . LEU A 8  ? 0.2264 0.1923 0.1692 -0.0347 0.0207  0.0055  8   LEU A N     
48  C CA    . LEU A 8  ? 0.2486 0.1432 0.1369 -0.0297 0.0014  0.0055  8   LEU A CA    
49  C C     . LEU A 8  ? 0.2106 0.1338 0.1538 -0.0096 -0.0108 -0.0084 8   LEU A C     
50  O O     . LEU A 8  ? 0.2260 0.1365 0.1578 -0.0367 -0.0144 0.0120  8   LEU A O     
51  C CB    . LEU A 8  ? 0.2378 0.1998 0.1606 -0.0420 -0.0514 0.0048  8   LEU A CB    
52  C CG    . LEU A 8  ? 0.2390 0.1661 0.1659 -0.0571 -0.0621 0.0283  8   LEU A CG    
53  C CD1   . LEU A 8  ? 0.2554 0.1741 0.1607 -0.0849 -0.0706 0.0492  8   LEU A CD1   
54  C CD2   . LEU A 8  ? 0.2921 0.1530 0.1508 -0.0426 -0.0497 0.0321  8   LEU A CD2   
55  N N     . GLN A 9  ? 0.2418 0.1727 0.1381 -0.0325 -0.0253 -0.0298 9   GLN A N     
56  C CA    . GLN A 9  ? 0.2453 0.1115 0.1345 -0.0151 -0.0274 -0.0061 9   GLN A CA    
57  C C     . GLN A 9  ? 0.2434 0.1317 0.1400 -0.0124 -0.0196 0.0402  9   GLN A C     
58  O O     . GLN A 9  ? 0.2421 0.1428 0.1378 -0.0252 -0.0039 0.0402  9   GLN A O     
59  C CB    . GLN A 9  ? 0.2424 0.0844 0.1776 0.0013  -0.0567 -0.0177 9   GLN A CB    
60  C CG    . GLN A 9  ? 0.2501 0.1436 0.1618 -0.0248 -0.0535 -0.0291 9   GLN A CG    
61  C CD    . GLN A 9  ? 0.2169 0.1462 0.1270 -0.0526 -0.0230 -0.0101 9   GLN A CD    
62  O OE1   . GLN A 9  ? 0.2939 0.1382 0.1458 -0.0459 -0.0494 0.0089  9   GLN A OE1   
63  N NE2   . GLN A 9  ? 0.2139 0.1962 0.1509 -0.0532 -0.0500 0.0005  9   GLN A NE2   
64  N N     . GLU A 10 ? 0.2389 0.1422 0.1535 0.0128  -0.0461 0.0369  10  GLU A N     
65  C CA    . GLU A 10 ? 0.2303 0.1906 0.1833 -0.0458 0.0002  0.0847  10  GLU A CA    
66  C C     . GLU A 10 ? 0.2536 0.1661 0.1617 -0.0039 0.0043  0.0522  10  GLU A C     
67  O O     . GLU A 10 ? 0.2349 0.1829 0.1816 -0.0046 -0.0072 0.0117  10  GLU A O     
68  C CB    . GLU A 10 ? 0.2414 0.2872 0.2980 -0.0723 -0.0205 0.0936  10  GLU A CB    
69  C CG    . GLU A 10 ? 0.3489 0.4338 0.4168 -0.1194 -0.0409 0.0306  10  GLU A CG    
70  C CD    . GLU A 10 ? 0.3436 0.5475 0.4741 -0.1671 -0.0137 -0.0107 10  GLU A CD    
71  O OE1   . GLU A 10 ? 0.2937 0.5092 0.4852 -0.1043 0.0111  -0.0082 10  GLU A OE1   
72  O OE2   . GLU A 10 ? 0.3616 0.6420 0.5105 -0.2109 -0.0167 -0.0679 10  GLU A OE2   
73  N N     . SER A 11 ? 0.2471 0.1460 0.1546 -0.0087 0.0050  0.0100  11  SER A N     
74  C CA    . SER A 11 ? 0.2869 0.1530 0.1622 0.0172  -0.0053 0.0031  11  SER A CA    
75  C C     . SER A 11 ? 0.2824 0.1310 0.1518 0.0153  -0.0351 0.0490  11  SER A C     
76  O O     . SER A 11 ? 0.3103 0.1201 0.1733 -0.0046 -0.0518 0.0293  11  SER A O     
77  C CB    . SER A 11 ? 0.3383 0.2165 0.1822 -0.0130 0.0444  -0.0081 11  SER A CB    
78  O OG    . SER A 11 ? 0.4506 0.2655 0.2520 -0.0309 0.0326  -0.0328 11  SER A OG    
79  N N     . PHE A 12 ? 0.2669 0.1368 0.1345 -0.0217 -0.0508 0.0166  12  PHE A N     
80  C CA    . PHE A 12 ? 0.2305 0.1433 0.1340 0.0044  -0.0682 0.0394  12  PHE A CA    
81  C C     . PHE A 12 ? 0.2224 0.1067 0.1438 -0.0313 -0.0418 0.0384  12  PHE A C     
82  O O     . PHE A 12 ? 0.2393 0.1348 0.1392 -0.0266 -0.0183 0.0057  12  PHE A O     
83  C CB    . PHE A 12 ? 0.1989 0.1618 0.1335 -0.0156 -0.0257 0.0326  12  PHE A CB    
84  C CG    . PHE A 12 ? 0.2098 0.1504 0.1536 -0.0197 -0.0205 0.0445  12  PHE A CG    
85  C CD1   . PHE A 12 ? 0.2782 0.1144 0.1691 0.0016  -0.0025 0.0555  12  PHE A CD1   
86  C CD2   . PHE A 12 ? 0.2149 0.1911 0.1975 -0.0506 -0.0300 0.0884  12  PHE A CD2   
87  C CE1   . PHE A 12 ? 0.2843 0.1569 0.2019 -0.0195 -0.0151 0.0192  12  PHE A CE1   
88  C CE2   . PHE A 12 ? 0.2415 0.2122 0.1804 -0.0407 -0.0142 0.0759  12  PHE A CE2   
89  C CZ    . PHE A 12 ? 0.2437 0.2134 0.1865 -0.0516 -0.0137 0.0488  12  PHE A CZ    
90  N N     . LEU A 13 ? 0.2149 0.1182 0.1502 -0.0377 -0.0616 0.0207  13  LEU A N     
91  C CA    . LEU A 13 ? 0.2159 0.0892 0.1273 -0.0225 -0.0293 0.0345  13  LEU A CA    
92  C C     . LEU A 13 ? 0.2409 0.0986 0.1354 -0.0164 -0.0201 0.0268  13  LEU A C     
93  O O     . LEU A 13 ? 0.2582 0.1186 0.1131 -0.0395 -0.0135 0.0116  13  LEU A O     
94  C CB    . LEU A 13 ? 0.2022 0.0871 0.1524 -0.0260 -0.0325 0.0345  13  LEU A CB    
95  C CG    . LEU A 13 ? 0.2053 0.1095 0.1434 -0.0295 -0.0120 0.0514  13  LEU A CG    
96  C CD1   . LEU A 13 ? 0.2213 0.1044 0.1578 -0.0507 -0.0379 0.0224  13  LEU A CD1   
97  C CD2   . LEU A 13 ? 0.2003 0.1565 0.2013 -0.0154 -0.0370 -0.0010 13  LEU A CD2   
98  N N     . ASN A 14 ? 0.2428 0.1096 0.1820 0.0133  -0.0616 -0.0089 14  ASN A N     
99  C CA    . ASN A 14 ? 0.2220 0.1200 0.1879 -0.0074 -0.0235 0.0151  14  ASN A CA    
100 C C     . ASN A 14 ? 0.2368 0.1103 0.1796 -0.0089 -0.0082 0.0176  14  ASN A C     
101 O O     . ASN A 14 ? 0.2415 0.1240 0.2021 -0.0112 -0.0013 0.0355  14  ASN A O     
102 C CB    . ASN A 14 ? 0.2363 0.1402 0.1755 0.0216  -0.0270 0.0218  14  ASN A CB    
103 C CG    . ASN A 14 ? 0.2710 0.1943 0.1640 0.0107  0.0014  -0.0039 14  ASN A CG    
104 O OD1   . ASN A 14 ? 0.2689 0.2075 0.1554 0.0148  -0.0119 0.0143  14  ASN A OD1   
105 N ND2   . ASN A 14 ? 0.2920 0.2267 0.2561 0.0272  -0.0259 -0.0145 14  ASN A ND2   
106 N N     . THR A 15 ? 0.2418 0.1205 0.1513 -0.0077 0.0017  -0.0062 15  THR A N     
107 C CA    . THR A 15 ? 0.2516 0.1197 0.1600 -0.0097 -0.0291 -0.0113 15  THR A CA    
108 C C     . THR A 15 ? 0.2599 0.0705 0.1564 -0.0272 -0.0169 0.0047  15  THR A C     
109 O O     . THR A 15 ? 0.2800 0.1075 0.1818 -0.0282 -0.0346 0.0374  15  THR A O     
110 C CB    . THR A 15 ? 0.2593 0.1285 0.1406 -0.0249 -0.0023 -0.0079 15  THR A CB    
111 O OG1   . THR A 15 ? 0.2891 0.1730 0.1634 -0.0355 0.0175  0.0010  15  THR A OG1   
112 C CG2   . THR A 15 ? 0.2788 0.1362 0.1836 -0.0608 -0.0172 0.0071  15  THR A CG2   
113 N N     . ALA A 16 ? 0.2437 0.0949 0.1450 -0.0226 -0.0215 0.0087  16  ALA A N     
114 C CA    . ALA A 16 ? 0.2005 0.1220 0.1364 -0.0092 -0.0184 -0.0032 16  ALA A CA    
115 C C     . ALA A 16 ? 0.2204 0.1059 0.1271 -0.0120 -0.0215 0.0185  16  ALA A C     
116 O O     . ALA A 16 ? 0.2301 0.1315 0.1385 -0.0392 -0.0251 0.0256  16  ALA A O     
117 C CB    . ALA A 16 ? 0.1952 0.1305 0.1586 0.0127  -0.0327 0.0257  16  ALA A CB    
118 N N     . ARG A 17 ? 0.1886 0.1476 0.1317 -0.0108 -0.0313 0.0130  17  ARG A N     
119 C CA    . ARG A 17 ? 0.1773 0.1147 0.1450 -0.0199 -0.0316 0.0317  17  ARG A CA    
120 C C     . ARG A 17 ? 0.2478 0.0946 0.1681 -0.0169 -0.0448 0.0503  17  ARG A C     
121 O O     . ARG A 17 ? 0.2427 0.1197 0.1863 -0.0368 -0.0160 0.0327  17  ARG A O     
122 C CB    . ARG A 17 ? 0.2066 0.1069 0.1458 -0.0336 -0.0148 0.0458  17  ARG A CB    
123 C CG    . ARG A 17 ? 0.1874 0.1771 0.1545 -0.0277 -0.0180 0.0420  17  ARG A CG    
124 C CD    . ARG A 17 ? 0.2314 0.1545 0.1884 -0.0132 -0.0363 -0.0054 17  ARG A CD    
125 N NE    . ARG A 17 ? 0.2067 0.1559 0.1954 -0.0096 -0.0254 0.0152  17  ARG A NE    
126 C CZ    . ARG A 17 ? 0.2892 0.1825 0.2069 0.0225  -0.0037 0.0197  17  ARG A CZ    
127 N NH1   . ARG A 17 ? 0.2821 0.2253 0.2256 0.0279  0.0026  0.0357  17  ARG A NH1   
128 N NH2   . ARG A 17 ? 0.3141 0.2322 0.2700 0.0337  -0.0298 0.0327  17  ARG A NH2   
129 N N     . LYS A 18 ? 0.2234 0.0956 0.2099 -0.0290 -0.0343 0.0143  18  LYS A N     
130 C CA    . LYS A 18 ? 0.2428 0.0936 0.2200 -0.0206 -0.0176 0.0423  18  LYS A CA    
131 C C     . LYS A 18 ? 0.2455 0.0782 0.2015 0.0049  -0.0488 0.0305  18  LYS A C     
132 O O     . LYS A 18 ? 0.2737 0.1440 0.1970 -0.0200 -0.0428 0.0366  18  LYS A O     
133 C CB    . LYS A 18 ? 0.2346 0.1324 0.2710 -0.0328 -0.0180 0.0263  18  LYS A CB    
134 C CG    . LYS A 18 ? 0.3748 0.2199 0.3277 -0.0170 -0.0232 0.0093  18  LYS A CG    
135 C CD    . LYS A 18 ? 0.4788 0.3529 0.3951 -0.0240 -0.0540 -0.0314 18  LYS A CD    
136 C CE    . LYS A 18 ? 0.6229 0.4106 0.4452 -0.0203 -0.0781 -0.0557 18  LYS A CE    
137 N NZ    . LYS A 18 ? 0.7132 0.4358 0.4839 -0.0056 -0.1025 -0.0921 18  LYS A NZ    
138 N N     . LYS A 19 ? 0.2372 0.0954 0.1737 -0.0221 -0.0183 0.0448  19  LYS A N     
139 C CA    . LYS A 19 ? 0.2693 0.0996 0.1718 -0.0424 -0.0143 0.0345  19  LYS A CA    
140 C C     . LYS A 19 ? 0.2602 0.1094 0.1876 -0.0329 -0.0368 0.0150  19  LYS A C     
141 O O     . LYS A 19 ? 0.2682 0.0886 0.2077 -0.0484 -0.0485 0.0102  19  LYS A O     
142 C CB    . LYS A 19 ? 0.3046 0.1930 0.1890 -0.0400 -0.0206 -0.0244 19  LYS A CB    
143 C CG    . LYS A 19 ? 0.3872 0.1881 0.2259 -0.0411 -0.0175 -0.0065 19  LYS A CG    
144 C CD    . LYS A 19 ? 0.4889 0.2871 0.2819 -0.0629 -0.0169 -0.0729 19  LYS A CD    
145 C CE    . LYS A 19 ? 0.5933 0.3046 0.3322 -0.0924 0.0048  -0.0891 19  LYS A CE    
146 N NZ    . LYS A 19 ? 0.6581 0.3684 0.4025 -0.0968 -0.0298 -0.0958 19  LYS A NZ    
147 N N     . ARG A 20 ? 0.2426 0.1096 0.1767 -0.0361 -0.0305 0.0175  20  ARG A N     
148 C CA    . ARG A 20 ? 0.2406 0.1033 0.1583 -0.0223 -0.0235 0.0277  20  ARG A CA    
149 C C     . ARG A 20 ? 0.2235 0.1062 0.1552 -0.0693 -0.0037 0.0299  20  ARG A C     
150 O O     . ARG A 20 ? 0.2609 0.1573 0.1863 -0.0621 -0.0086 0.0426  20  ARG A O     
151 C CB    . ARG A 20 ? 0.2418 0.1589 0.1800 -0.0758 -0.0401 0.0484  20  ARG A CB    
152 C CG    . ARG A 20 ? 0.2793 0.1719 0.1790 -0.0547 -0.0807 0.0474  20  ARG A CG    
153 C CD    . ARG A 20 ? 0.3132 0.1752 0.1736 -0.0598 -0.0869 0.0112  20  ARG A CD    
154 N NE    . ARG A 20 ? 0.3332 0.1864 0.1767 -0.0964 -0.0764 0.0125  20  ARG A NE    
155 C CZ    . ARG A 20 ? 0.4163 0.1458 0.1671 -0.0608 -0.0640 0.0316  20  ARG A CZ    
156 N NH1   . ARG A 20 ? 0.4004 0.1246 0.1859 -0.0409 -0.0647 0.0373  20  ARG A NH1   
157 N NH2   . ARG A 20 ? 0.4793 0.1499 0.1668 -0.0354 -0.0652 -0.0074 20  ARG A NH2   
158 N N     . VAL A 21 ? 0.2603 0.1064 0.1616 -0.0464 -0.0382 0.0415  21  VAL A N     
159 C CA    . VAL A 21 ? 0.2407 0.1591 0.1662 -0.0255 -0.0081 0.0085  21  VAL A CA    
160 C C     . VAL A 21 ? 0.2449 0.1601 0.1833 -0.0376 -0.0121 0.0328  21  VAL A C     
161 O O     . VAL A 21 ? 0.2235 0.1507 0.2192 -0.0397 -0.0272 0.0357  21  VAL A O     
162 C CB    . VAL A 21 ? 0.2296 0.1793 0.1754 -0.0069 -0.0200 0.0080  21  VAL A CB    
163 C CG1   . VAL A 21 ? 0.2174 0.2076 0.2169 -0.0026 -0.0639 0.0203  21  VAL A CG1   
164 C CG2   . VAL A 21 ? 0.2833 0.1566 0.1846 -0.0068 -0.0437 -0.0103 21  VAL A CG2   
165 N N     . LYS A 22 ? 0.2491 0.1428 0.1759 -0.0010 -0.0270 0.0633  22  LYS A N     
166 C CA    . LYS A 22 ? 0.2027 0.1658 0.1712 -0.0114 -0.0061 0.0543  22  LYS A CA    
167 C C     . LYS A 22 ? 0.2409 0.1630 0.1387 -0.0139 -0.0260 0.0433  22  LYS A C     
168 O O     . LYS A 22 ? 0.2632 0.1602 0.1456 -0.0416 -0.0495 0.0298  22  LYS A O     
169 C CB    . LYS A 22 ? 0.2380 0.2427 0.2045 0.0131  0.0186  0.0141  22  LYS A CB    
170 C CG    . LYS A 22 ? 0.3618 0.3914 0.2339 -0.0134 0.0325  -0.0403 22  LYS A CG    
171 C CD    . LYS A 22 ? 0.3992 0.4694 0.2246 0.0000  0.0939  -0.0666 22  LYS A CD    
172 C CE    . LYS A 22 ? 0.4591 0.5623 0.2677 -0.0056 0.0946  -0.1021 22  LYS A CE    
173 N NZ    . LYS A 22 ? 0.5040 0.6066 0.3305 0.0131  0.0544  -0.1177 22  LYS A NZ    
174 N N     . VAL A 23 ? 0.2437 0.1311 0.1269 -0.0063 -0.0109 0.0673  23  VAL A N     
175 C CA    . VAL A 23 ? 0.1964 0.1781 0.1454 -0.0239 0.0004  0.0100  23  VAL A CA    
176 C C     . VAL A 23 ? 0.2350 0.1531 0.1534 -0.0085 -0.0132 0.0233  23  VAL A C     
177 O O     . VAL A 23 ? 0.2162 0.1909 0.1420 -0.0231 -0.0067 0.0281  23  VAL A O     
178 C CB    . VAL A 23 ? 0.1723 0.1462 0.1491 -0.0268 0.0130  0.0157  23  VAL A CB    
179 C CG1   . VAL A 23 ? 0.2280 0.1205 0.1632 0.0085  0.0088  -0.0040 23  VAL A CG1   
180 C CG2   . VAL A 23 ? 0.1955 0.1258 0.1746 -0.0416 -0.0006 -0.0072 23  VAL A CG2   
181 N N     . SER A 24 ? 0.1826 0.1521 0.1576 -0.0059 0.0052  0.0210  24  SER A N     
182 C CA    . SER A 24 ? 0.1805 0.1578 0.1547 -0.0201 0.0014  0.0340  24  SER A CA    
183 C C     . SER A 24 ? 0.2050 0.1389 0.1481 -0.0225 -0.0044 0.0276  24  SER A C     
184 O O     . SER A 24 ? 0.2131 0.1406 0.1488 -0.0233 0.0192  0.0109  24  SER A O     
185 C CB    . SER A 24 ? 0.1800 0.2121 0.1782 -0.0260 -0.0048 0.0530  24  SER A CB    
186 O OG    . SER A 24 ? 0.2066 0.1845 0.2003 -0.0134 -0.0113 0.0247  24  SER A OG    
187 N N     . VAL A 25 ? 0.1901 0.1389 0.1390 -0.0362 0.0021  0.0206  25  VAL A N     
188 C CA    . VAL A 25 ? 0.1845 0.1139 0.1628 -0.0161 0.0022  0.0356  25  VAL A CA    
189 C C     . VAL A 25 ? 0.2227 0.1328 0.1282 -0.0279 0.0281  0.0199  25  VAL A C     
190 O O     . VAL A 25 ? 0.2540 0.1464 0.1328 -0.0084 0.0020  -0.0020 25  VAL A O     
191 C CB    . VAL A 25 ? 0.1683 0.1694 0.1474 -0.0227 0.0128  -0.0025 25  VAL A CB    
192 C CG1   . VAL A 25 ? 0.2309 0.1788 0.1493 -0.0320 0.0193  0.0270  25  VAL A CG1   
193 C CG2   . VAL A 25 ? 0.2113 0.1659 0.1418 0.0110  -0.0292 0.0013  25  VAL A CG2   
194 N N     . TYR A 26 ? 0.1864 0.1420 0.1680 -0.0222 -0.0001 0.0507  26  TYR A N     
195 C CA    . TYR A 26 ? 0.1901 0.1262 0.1635 -0.0084 -0.0234 0.0531  26  TYR A CA    
196 C C     . TYR A 26 ? 0.2127 0.1194 0.1679 -0.0058 -0.0157 0.0240  26  TYR A C     
197 O O     . TYR A 26 ? 0.2646 0.1633 0.1284 -0.0052 0.0213  0.0028  26  TYR A O     
198 C CB    . TYR A 26 ? 0.1933 0.1471 0.1898 -0.0275 -0.0381 0.0359  26  TYR A CB    
199 C CG    . TYR A 26 ? 0.1918 0.1964 0.1852 -0.0530 0.0012  0.0545  26  TYR A CG    
200 C CD1   . TYR A 26 ? 0.2175 0.1763 0.2251 -0.0834 -0.0359 0.0682  26  TYR A CD1   
201 C CD2   . TYR A 26 ? 0.1940 0.2072 0.2413 -0.0486 0.0047  0.0431  26  TYR A CD2   
202 C CE1   . TYR A 26 ? 0.2277 0.2495 0.2466 -0.0789 -0.0179 0.0555  26  TYR A CE1   
203 C CE2   . TYR A 26 ? 0.2139 0.2160 0.2707 -0.0975 0.0210  0.0395  26  TYR A CE2   
204 C CZ    . TYR A 26 ? 0.2340 0.2872 0.2780 -0.1018 -0.0113 0.0402  26  TYR A CZ    
205 O OH    . TYR A 26 ? 0.3040 0.3474 0.3009 -0.1101 -0.0152 0.0277  26  TYR A OH    
206 N N     . LEU A 27 ? 0.2298 0.1402 0.1770 -0.0197 -0.0352 -0.0194 27  LEU A N     
207 C CA    . LEU A 27 ? 0.2297 0.1408 0.1844 -0.0219 -0.0060 -0.0180 27  LEU A CA    
208 C C     . LEU A 27 ? 0.2871 0.1550 0.2180 -0.0205 -0.0241 0.0190  27  LEU A C     
209 O O     . LEU A 27 ? 0.2979 0.1612 0.2404 0.0044  -0.0233 0.0350  27  LEU A O     
210 C CB    . LEU A 27 ? 0.2446 0.1444 0.1800 -0.0382 -0.0260 -0.0042 27  LEU A CB    
211 C CG    . LEU A 27 ? 0.2632 0.1429 0.1756 -0.0241 -0.0006 -0.0199 27  LEU A CG    
212 C CD1   . LEU A 27 ? 0.2689 0.2020 0.2189 -0.0407 -0.0346 -0.0610 27  LEU A CD1   
213 C CD2   . LEU A 27 ? 0.2853 0.1729 0.2114 -0.0293 -0.0255 -0.0143 27  LEU A CD2   
214 N N     . VAL A 28 ? 0.3165 0.1451 0.2453 -0.0333 -0.0192 0.0461  28  VAL A N     
215 C CA    . VAL A 28 ? 0.3149 0.1488 0.2691 -0.0054 -0.0113 0.0479  28  VAL A CA    
216 C C     . VAL A 28 ? 0.3744 0.1794 0.2868 0.0204  -0.0443 0.0459  28  VAL A C     
217 O O     . VAL A 28 ? 0.4865 0.2312 0.2823 0.0698  -0.0714 -0.0057 28  VAL A O     
218 C CB    . VAL A 28 ? 0.3398 0.1871 0.2862 -0.0202 0.0149  0.0445  28  VAL A CB    
219 C CG1   . VAL A 28 ? 0.3781 0.2560 0.3136 -0.0726 0.0010  0.0615  28  VAL A CG1   
220 C CG2   . VAL A 28 ? 0.3453 0.2124 0.3079 -0.0251 0.0147  0.0652  28  VAL A CG2   
221 N N     . ASN A 29 ? 0.3424 0.1598 0.2891 0.0184  -0.0328 0.0314  29  ASN A N     
222 C CA    . ASN A 29 ? 0.3681 0.1906 0.3092 0.0555  -0.0421 -0.0028 29  ASN A CA    
223 C C     . ASN A 29 ? 0.3438 0.2433 0.3320 0.0382  -0.0116 0.0255  29  ASN A C     
224 O O     . ASN A 29 ? 0.3773 0.2938 0.3600 0.0257  -0.0069 0.0403  29  ASN A O     
225 C CB    . ASN A 29 ? 0.3881 0.2123 0.3003 0.0665  -0.0369 -0.0691 29  ASN A CB    
226 C CG    . ASN A 29 ? 0.3755 0.2053 0.2952 0.0322  -0.0282 -0.0705 29  ASN A CG    
227 O OD1   . ASN A 29 ? 0.3670 0.2097 0.2869 0.0122  -0.0247 -0.0274 29  ASN A OD1   
228 N ND2   . ASN A 29 ? 0.3940 0.2944 0.2902 -0.0011 -0.0057 -0.1036 29  ASN A ND2   
229 N N     . GLY A 30 ? 0.3271 0.2737 0.3151 0.0434  -0.0147 0.0676  30  GLY A N     
230 C CA    . GLY A 30 ? 0.2959 0.2993 0.2901 0.0561  -0.0030 0.0728  30  GLY A CA    
231 C C     . GLY A 30 ? 0.3042 0.2842 0.2999 0.0609  0.0027  0.0599  30  GLY A C     
232 O O     . GLY A 30 ? 0.3057 0.3531 0.3216 0.0341  0.0051  0.0655  30  GLY A O     
233 N N     . VAL A 31 ? 0.3130 0.2062 0.2767 0.0902  0.0099  0.0354  31  VAL A N     
234 C CA    . VAL A 31 ? 0.3316 0.2141 0.2532 0.0875  0.0199  -0.0006 31  VAL A CA    
235 C C     . VAL A 31 ? 0.2797 0.2176 0.2437 0.0142  0.0316  0.0182  31  VAL A C     
236 O O     . VAL A 31 ? 0.2810 0.2012 0.2180 0.0078  0.0342  0.0173  31  VAL A O     
237 C CB    . VAL A 31 ? 0.4320 0.2105 0.2586 0.0821  0.0041  -0.0272 31  VAL A CB    
238 C CG1   . VAL A 31 ? 0.4802 0.2348 0.2628 0.0427  -0.0208 -0.0022 31  VAL A CG1   
239 C CG2   . VAL A 31 ? 0.4933 0.2380 0.2621 0.0825  0.0101  -0.0702 31  VAL A CG2   
240 N N     . ARG A 32 ? 0.2648 0.2101 0.2159 0.0465  0.0502  0.0121  32  ARG A N     
241 C CA    . ARG A 32 ? 0.2419 0.2189 0.2363 0.0513  0.0170  0.0292  32  ARG A CA    
242 C C     . ARG A 32 ? 0.2367 0.2256 0.1771 0.0365  0.0395  0.0168  32  ARG A C     
243 O O     . ARG A 32 ? 0.2730 0.2671 0.2161 0.0613  0.0161  0.0185  32  ARG A O     
244 C CB    . ARG A 32 ? 0.2355 0.2284 0.2762 0.0570  0.0254  0.0221  32  ARG A CB    
245 C CG    . ARG A 32 ? 0.1977 0.2725 0.3057 0.0214  0.0436  0.0058  32  ARG A CG    
246 C CD    . ARG A 32 ? 0.2447 0.2980 0.3204 -0.0030 0.0942  0.0224  32  ARG A CD    
247 N NE    . ARG A 32 ? 0.2561 0.3148 0.3354 -0.0364 0.1403  0.0443  32  ARG A NE    
248 C CZ    . ARG A 32 ? 0.3858 0.4287 0.3662 -0.0566 0.0995  0.0024  32  ARG A CZ    
249 N NH1   . ARG A 32 ? 0.4217 0.4784 0.3665 -0.0687 0.0850  -0.0211 32  ARG A NH1   
250 N NH2   . ARG A 32 ? 0.4538 0.4766 0.3825 -0.0576 0.0925  -0.0170 32  ARG A NH2   
251 N N     . LEU A 33 ? 0.2038 0.1801 0.1615 0.0307  0.0190  0.0050  33  LEU A N     
252 C CA    . LEU A 33 ? 0.2254 0.1697 0.1578 0.0257  0.0012  0.0148  33  LEU A CA    
253 C C     . LEU A 33 ? 0.2556 0.1608 0.1524 -0.0063 0.0240  0.0065  33  LEU A C     
254 O O     . LEU A 33 ? 0.2747 0.2075 0.1237 -0.0430 0.0514  0.0184  33  LEU A O     
255 C CB    . LEU A 33 ? 0.2586 0.1738 0.1604 0.0079  -0.0028 0.0128  33  LEU A CB    
256 C CG    . LEU A 33 ? 0.2967 0.2080 0.2108 0.0103  -0.0339 -0.0065 33  LEU A CG    
257 C CD1   . LEU A 33 ? 0.3103 0.2108 0.2709 -0.0277 -0.0432 0.0161  33  LEU A CD1   
258 C CD2   . LEU A 33 ? 0.3508 0.2486 0.2056 -0.0008 -0.0750 -0.0312 33  LEU A CD2   
259 N N     . GLN A 34 ? 0.2287 0.1571 0.1645 0.0031  -0.0148 0.0008  34  GLN A N     
260 C CA    . GLN A 34 ? 0.2235 0.1750 0.1775 -0.0177 0.0063  0.0102  34  GLN A CA    
261 C C     . GLN A 34 ? 0.2705 0.1542 0.1280 -0.0115 0.0265  -0.0079 34  GLN A C     
262 O O     . GLN A 34 ? 0.3369 0.1986 0.1583 0.0028  -0.0169 0.0040  34  GLN A O     
263 C CB    . GLN A 34 ? 0.2193 0.2256 0.2357 -0.0412 0.0070  0.0465  34  GLN A CB    
264 C CG    . GLN A 34 ? 0.2353 0.2848 0.2613 -0.0510 0.0009  0.0311  34  GLN A CG    
265 C CD    . GLN A 34 ? 0.2783 0.3802 0.2898 -0.0521 0.0030  0.0572  34  GLN A CD    
266 O OE1   . GLN A 34 ? 0.3223 0.4506 0.3321 -0.1003 0.0056  0.0670  34  GLN A OE1   
267 N NE2   . GLN A 34 ? 0.3373 0.4174 0.3024 -0.0186 -0.0244 0.0245  34  GLN A NE2   
268 N N     . GLY A 35 ? 0.2344 0.1704 0.1267 -0.0223 -0.0047 0.0078  35  GLY A N     
269 C CA    . GLY A 35 ? 0.2391 0.2038 0.1216 -0.0338 -0.0098 0.0150  35  GLY A CA    
270 C C     . GLY A 35 ? 0.2079 0.1700 0.1399 -0.0366 -0.0148 0.0281  35  GLY A C     
271 O O     . GLY A 35 ? 0.2613 0.1968 0.1380 -0.0244 -0.0553 0.0223  35  GLY A O     
272 N N     . ARG A 36 ? 0.2099 0.1295 0.1604 -0.0429 -0.0220 0.0271  36  ARG A N     
273 C CA    . ARG A 36 ? 0.1923 0.1165 0.1580 -0.0392 -0.0071 0.0365  36  ARG A CA    
274 C C     . ARG A 36 ? 0.2251 0.1341 0.1536 -0.0405 -0.0077 0.0254  36  ARG A C     
275 O O     . ARG A 36 ? 0.2247 0.1419 0.1616 -0.0447 0.0016  -0.0095 36  ARG A O     
276 C CB    . ARG A 36 ? 0.2497 0.0903 0.1904 -0.0233 0.0035  0.0547  36  ARG A CB    
277 C CG    . ARG A 36 ? 0.2855 0.1120 0.2229 -0.0468 0.0247  0.0568  36  ARG A CG    
278 C CD    . ARG A 36 ? 0.3461 0.1278 0.2662 -0.0447 0.0120  0.0722  36  ARG A CD    
279 N NE    . ARG A 36 ? 0.3695 0.1565 0.2603 -0.0459 0.0229  0.0902  36  ARG A NE    
280 C CZ    . ARG A 36 ? 0.3735 0.2261 0.2886 -0.0898 0.0329  0.0464  36  ARG A CZ    
281 N NH1   . ARG A 36 ? 0.4082 0.2570 0.2720 -0.0773 0.0299  0.0240  36  ARG A NH1   
282 N NH2   . ARG A 36 ? 0.3768 0.3122 0.3316 -0.1280 0.0236  0.0147  36  ARG A NH2   
283 N N     . ILE A 37 ? 0.2123 0.1415 0.1339 -0.0234 0.0140  0.0384  37  ILE A N     
284 C CA    . ILE A 37 ? 0.2205 0.1261 0.1505 -0.0473 0.0190  0.0147  37  ILE A CA    
285 C C     . ILE A 37 ? 0.2343 0.0956 0.1613 -0.0227 0.0049  0.0137  37  ILE A C     
286 O O     . ILE A 37 ? 0.2293 0.1268 0.1929 -0.0132 -0.0113 -0.0062 37  ILE A O     
287 C CB    . ILE A 37 ? 0.2287 0.1132 0.1493 -0.0509 0.0175  0.0336  37  ILE A CB    
288 C CG1   . ILE A 37 ? 0.3216 0.1335 0.1325 -0.0501 -0.0042 0.0445  37  ILE A CG1   
289 C CG2   . ILE A 37 ? 0.2042 0.1717 0.1781 -0.0776 0.0538  0.0240  37  ILE A CG2   
290 C CD1   . ILE A 37 ? 0.3506 0.2082 0.1112 -0.0471 0.0193  0.0293  37  ILE A CD1   
291 N N     . ARG A 38 ? 0.2463 0.1408 0.1664 -0.0249 0.0233  0.0187  38  ARG A N     
292 C CA    . ARG A 38 ? 0.2457 0.1578 0.1335 -0.0180 0.0048  0.0063  38  ARG A CA    
293 C C     . ARG A 38 ? 0.2476 0.1127 0.1284 -0.0146 0.0010  0.0182  38  ARG A C     
294 O O     . ARG A 38 ? 0.2385 0.1427 0.1813 -0.0220 -0.0202 0.0244  38  ARG A O     
295 C CB    . ARG A 38 ? 0.2852 0.1911 0.1098 -0.0191 0.0141  0.0225  38  ARG A CB    
296 C CG    . ARG A 38 ? 0.3482 0.2641 0.1829 -0.0012 -0.0517 0.0155  38  ARG A CG    
297 C CD    . ARG A 38 ? 0.4421 0.2859 0.2527 0.0440  -0.1227 0.0451  38  ARG A CD    
298 N NE    . ARG A 38 ? 0.5417 0.3855 0.2795 0.0456  -0.1297 0.0497  38  ARG A NE    
299 C CZ    . ARG A 38 ? 0.6156 0.4452 0.3342 0.0366  -0.1362 0.0460  38  ARG A CZ    
300 N NH1   . ARG A 38 ? 0.6714 0.4356 0.3697 0.0654  -0.1432 0.0261  38  ARG A NH1   
301 N NH2   . ARG A 38 ? 0.5946 0.4841 0.3695 0.0335  -0.1539 0.0504  38  ARG A NH2   
302 N N     . SER A 39 ? 0.2135 0.1480 0.1658 -0.0642 -0.0179 0.0150  39  SER A N     
303 C CA    . SER A 39 ? 0.1692 0.1310 0.1725 -0.0323 -0.0284 0.0330  39  SER A CA    
304 C C     . SER A 39 ? 0.2049 0.1266 0.1600 -0.0315 -0.0130 0.0142  39  SER A C     
305 O O     . SER A 39 ? 0.2134 0.1763 0.1597 -0.0317 0.0007  0.0287  39  SER A O     
306 C CB    . SER A 39 ? 0.2162 0.1939 0.1945 -0.0593 -0.0261 0.0551  39  SER A CB    
307 O OG    . SER A 39 ? 0.2523 0.2746 0.2062 -0.0592 -0.0171 0.0673  39  SER A OG    
308 N N     . PHE A 40 ? 0.2196 0.1390 0.1417 -0.0325 -0.0215 0.0152  40  PHE A N     
309 C CA    . PHE A 40 ? 0.2093 0.1290 0.1280 -0.0465 -0.0069 0.0315  40  PHE A CA    
310 C C     . PHE A 40 ? 0.2063 0.1338 0.1376 -0.0200 -0.0222 -0.0029 40  PHE A C     
311 O O     . PHE A 40 ? 0.2092 0.1894 0.1739 -0.0240 -0.0325 0.0418  40  PHE A O     
312 C CB    . PHE A 40 ? 0.2102 0.1549 0.1679 -0.0140 -0.0469 0.0040  40  PHE A CB    
313 C CG    . PHE A 40 ? 0.2078 0.1604 0.1598 -0.0321 -0.0349 0.0025  40  PHE A CG    
314 C CD1   . PHE A 40 ? 0.2308 0.1442 0.1512 -0.0421 -0.0405 0.0023  40  PHE A CD1   
315 C CD2   . PHE A 40 ? 0.2110 0.2125 0.1863 -0.0381 -0.0407 -0.0336 40  PHE A CD2   
316 C CE1   . PHE A 40 ? 0.2216 0.1843 0.1583 -0.0389 -0.0421 -0.0139 40  PHE A CE1   
317 C CE2   . PHE A 40 ? 0.2320 0.2065 0.2027 -0.0323 -0.0515 -0.0333 40  PHE A CE2   
318 C CZ    . PHE A 40 ? 0.2131 0.1905 0.1738 -0.0409 -0.0524 -0.0208 40  PHE A CZ    
319 N N     . ASP A 41 ? 0.1977 0.1355 0.1702 -0.0182 -0.0421 0.0047  41  ASP A N     
320 C CA    . ASP A 41 ? 0.1869 0.1552 0.1608 -0.0384 -0.0136 0.0254  41  ASP A CA    
321 C C     . ASP A 41 ? 0.2127 0.1465 0.1320 -0.0319 0.0091  -0.0005 41  ASP A C     
322 O O     . ASP A 41 ? 0.2249 0.1774 0.1453 -0.0426 0.0031  0.0199  41  ASP A O     
323 C CB    . ASP A 41 ? 0.2022 0.1590 0.1605 -0.0342 -0.0388 -0.0304 41  ASP A CB    
324 C CG    . ASP A 41 ? 0.2262 0.1799 0.1330 -0.0327 -0.0364 -0.0112 41  ASP A CG    
325 O OD1   . ASP A 41 ? 0.2253 0.1674 0.1509 -0.0086 -0.0416 0.0027  41  ASP A OD1   
326 O OD2   . ASP A 41 ? 0.2516 0.1938 0.1384 -0.0574 -0.0290 -0.0165 41  ASP A OD2   
327 N N     . LEU A 42 ? 0.2234 0.1686 0.1228 -0.0414 0.0167  0.0284  42  LEU A N     
328 C CA    . LEU A 42 ? 0.2265 0.1627 0.1315 -0.0221 0.0234  0.0386  42  LEU A CA    
329 C C     . LEU A 42 ? 0.2463 0.1884 0.1310 -0.0534 -0.0026 0.0080  42  LEU A C     
330 O O     . LEU A 42 ? 0.2096 0.1840 0.1329 -0.0485 0.0013  -0.0153 42  LEU A O     
331 C CB    . LEU A 42 ? 0.2435 0.2151 0.1557 -0.0377 0.0368  0.0481  42  LEU A CB    
332 C CG    . LEU A 42 ? 0.2820 0.3128 0.1958 -0.0226 0.0135  0.0249  42  LEU A CG    
333 C CD1   . LEU A 42 ? 0.3564 0.3201 0.1613 0.0303  -0.0095 0.0421  42  LEU A CD1   
334 C CD2   . LEU A 42 ? 0.2496 0.3164 0.2405 -0.0098 0.0396  0.0126  42  LEU A CD2   
335 N N     . PHE A 43 ? 0.2135 0.1600 0.1388 -0.0146 0.0072  0.0036  43  PHE A N     
336 C CA    . PHE A 43 ? 0.1893 0.1453 0.1429 -0.0719 0.0088  0.0239  43  PHE A CA    
337 C C     . PHE A 43 ? 0.1949 0.1792 0.1092 -0.0651 -0.0165 0.0247  43  PHE A C     
338 O O     . PHE A 43 ? 0.2288 0.1710 0.0845 -0.0384 -0.0186 0.0038  43  PHE A O     
339 C CB    . PHE A 43 ? 0.1999 0.1700 0.1814 -0.0814 0.0133  0.0503  43  PHE A CB    
340 C CG    . PHE A 43 ? 0.2392 0.1959 0.2174 -0.0786 0.0082  0.0370  43  PHE A CG    
341 C CD1   . PHE A 43 ? 0.3037 0.2215 0.2034 -0.0935 0.0296  0.0435  43  PHE A CD1   
342 C CD2   . PHE A 43 ? 0.2688 0.2182 0.2310 -0.0509 0.0164  0.0024  43  PHE A CD2   
343 C CE1   . PHE A 43 ? 0.2820 0.2779 0.2194 -0.0979 0.0361  0.0347  43  PHE A CE1   
344 C CE2   . PHE A 43 ? 0.2553 0.2560 0.2100 -0.0824 0.0295  0.0213  43  PHE A CE2   
345 C CZ    . PHE A 43 ? 0.2538 0.3036 0.2374 -0.1026 0.0361  0.0365  43  PHE A CZ    
346 N N     . THR A 44 ? 0.1826 0.1137 0.1183 -0.0602 -0.0005 0.0335  44  THR A N     
347 C CA    . THR A 44 ? 0.1644 0.1542 0.1133 -0.0726 0.0163  0.0254  44  THR A CA    
348 C C     . THR A 44 ? 0.1963 0.1226 0.0866 -0.0664 0.0055  0.0263  44  THR A C     
349 O O     . THR A 44 ? 0.2210 0.1285 0.1281 -0.0482 -0.0138 0.0055  44  THR A O     
350 C CB    . THR A 44 ? 0.1704 0.1171 0.1549 -0.0354 -0.0647 -0.0015 44  THR A CB    
351 O OG1   . THR A 44 ? 0.2147 0.1354 0.1511 -0.0197 -0.0474 0.0099  44  THR A OG1   
352 C CG2   . THR A 44 ? 0.2192 0.1383 0.1317 -0.0752 -0.0339 0.0230  44  THR A CG2   
353 N N     . ILE A 45 ? 0.1873 0.1487 0.0790 -0.0778 -0.0012 0.0258  45  ILE A N     
354 C CA    . ILE A 45 ? 0.1802 0.1450 0.0997 -0.0745 -0.0262 0.0412  45  ILE A CA    
355 C C     . ILE A 45 ? 0.2319 0.1132 0.1066 -0.0396 -0.0306 0.0161  45  ILE A C     
356 O O     . ILE A 45 ? 0.2646 0.1202 0.1488 -0.0348 -0.0177 0.0160  45  ILE A O     
357 C CB    . ILE A 45 ? 0.1881 0.1706 0.1266 -0.0777 -0.0187 0.0228  45  ILE A CB    
358 C CG1   . ILE A 45 ? 0.1878 0.1658 0.1333 -0.0538 -0.0312 0.0027  45  ILE A CG1   
359 C CG2   . ILE A 45 ? 0.2334 0.1890 0.1543 -0.0471 -0.0545 0.0316  45  ILE A CG2   
360 C CD1   . ILE A 45 ? 0.2103 0.1569 0.1498 -0.0346 -0.0437 -0.0092 45  ILE A CD1   
361 N N     . LEU A 46 ? 0.2205 0.1314 0.1136 -0.0501 -0.0291 0.0195  46  LEU A N     
362 C CA    . LEU A 46 ? 0.2232 0.1295 0.0793 -0.0335 -0.0296 0.0345  46  LEU A CA    
363 C C     . LEU A 46 ? 0.2226 0.1437 0.1099 -0.0472 0.0007  0.0324  46  LEU A C     
364 O O     . LEU A 46 ? 0.2444 0.1255 0.1585 -0.0173 -0.0040 0.0170  46  LEU A O     
365 C CB    . LEU A 46 ? 0.2590 0.1316 0.0854 -0.0129 -0.0412 0.0188  46  LEU A CB    
366 C CG    . LEU A 46 ? 0.2719 0.2126 0.1346 -0.0260 -0.0448 -0.0007 46  LEU A CG    
367 C CD1   . LEU A 46 ? 0.3108 0.2414 0.1127 -0.0302 -0.0352 -0.0228 46  LEU A CD1   
368 C CD2   . LEU A 46 ? 0.2554 0.2909 0.1516 -0.0347 -0.0394 0.0029  46  LEU A CD2   
369 N N     A LEU A 47 ? 0.2034 0.1560 0.1226 -0.0549 0.0104  0.0134  47  LEU A N     
370 N N     B LEU A 47 ? 0.1941 0.1428 0.1124 -0.0420 0.0128  0.0283  47  LEU A N     
371 C CA    A LEU A 47 ? 0.2175 0.1769 0.1240 -0.0515 0.0024  0.0046  47  LEU A CA    
372 C CA    B LEU A 47 ? 0.2176 0.1533 0.1081 -0.0402 0.0051  0.0570  47  LEU A CA    
373 C C     A LEU A 47 ? 0.2312 0.1558 0.1354 -0.0512 -0.0055 0.0212  47  LEU A C     
374 C C     B LEU A 47 ? 0.2479 0.1495 0.1366 -0.0489 0.0066  0.0541  47  LEU A C     
375 O O     A LEU A 47 ? 0.2353 0.1639 0.1422 -0.0795 -0.0168 -0.0084 47  LEU A O     
376 O O     B LEU A 47 ? 0.2576 0.1753 0.2011 -0.0692 -0.0349 0.0284  47  LEU A O     
377 C CB    A LEU A 47 ? 0.2331 0.1785 0.1703 -0.0313 -0.0110 -0.0267 47  LEU A CB    
378 C CB    B LEU A 47 ? 0.2298 0.1333 0.1461 0.0100  -0.0358 0.0525  47  LEU A CB    
379 C CG    A LEU A 47 ? 0.2246 0.1897 0.1814 -0.0405 -0.0138 -0.0070 47  LEU A CG    
380 C CG    B LEU A 47 ? 0.2405 0.1222 0.1410 -0.0091 -0.0462 0.0610  47  LEU A CG    
381 C CD1   A LEU A 47 ? 0.2096 0.2125 0.1657 -0.0875 -0.0104 0.0017  47  LEU A CD1   
382 C CD1   B LEU A 47 ? 0.2571 0.0931 0.1522 -0.0002 -0.0360 0.0449  47  LEU A CD1   
383 C CD2   A LEU A 47 ? 0.1989 0.1910 0.1691 -0.0818 0.0171  0.0295  47  LEU A CD2   
384 C CD2   B LEU A 47 ? 0.2385 0.1327 0.1735 -0.0278 -0.0743 0.0354  47  LEU A CD2   
385 N N     . GLU A 48 ? 0.2418 0.1488 0.1450 -0.0471 0.0148  0.0400  48  GLU A N     
386 C CA    . GLU A 48 ? 0.2955 0.1729 0.1688 -0.0391 0.0046  0.0416  48  GLU A CA    
387 C C     . GLU A 48 ? 0.3192 0.2193 0.1335 -0.0472 0.0852  0.0167  48  GLU A C     
388 O O     . GLU A 48 ? 0.3197 0.2721 0.1542 -0.0909 0.0472  0.0044  48  GLU A O     
389 C CB    . GLU A 48 ? 0.3522 0.3027 0.2023 -0.0705 -0.0144 0.0381  48  GLU A CB    
390 C CG    . GLU A 48 ? 0.4759 0.3859 0.2268 -0.0685 -0.0260 0.0332  48  GLU A CG    
391 C CD    . GLU A 48 ? 0.5552 0.4458 0.2919 -0.0135 -0.0996 0.0057  48  GLU A CD    
392 O OE1   . GLU A 48 ? 0.5603 0.3552 0.2989 -0.0025 -0.0878 0.0577  48  GLU A OE1   
393 O OE2   . GLU A 48 ? 0.6091 0.5668 0.3360 -0.0023 -0.1227 -0.0593 48  GLU A OE2   
394 N N     . ASP A 49 ? 0.3026 0.3371 0.1859 -0.0926 0.1028  0.0200  49  ASP A N     
395 C CA    . ASP A 49 ? 0.4051 0.4814 0.2359 -0.0889 0.1520  -0.0156 49  ASP A CA    
396 C C     . ASP A 49 ? 0.4864 0.5060 0.2909 -0.1096 0.1481  -0.0053 49  ASP A C     
397 O O     . ASP A 49 ? 0.4535 0.5463 0.3439 -0.0943 0.1025  -0.0333 49  ASP A O     
398 C CB    . ASP A 49 ? 0.4328 0.5957 0.2990 -0.0783 0.1565  -0.0325 49  ASP A CB    
399 C CG    . ASP A 49 ? 0.4863 0.7349 0.3869 -0.0502 0.1248  -0.0793 49  ASP A CG    
400 O OD1   . ASP A 49 ? 0.5033 0.7864 0.4523 -0.0448 0.1202  -0.0862 49  ASP A OD1   
401 O OD2   . ASP A 49 ? 0.5297 0.7760 0.4420 -0.0301 0.0828  -0.0889 49  ASP A OD2   
402 N N     . GLY A 50 ? 0.6469 0.4787 0.3215 -0.1251 0.1268  0.0244  50  GLY A N     
403 C CA    . GLY A 50 ? 0.7591 0.4160 0.3865 -0.1415 0.0867  0.0556  50  GLY A CA    
404 C C     . GLY A 50 ? 0.8595 0.4074 0.4110 -0.1509 0.0734  0.0741  50  GLY A C     
405 O O     . GLY A 50 ? 0.9030 0.3765 0.4232 -0.1355 0.0713  0.1015  50  GLY A O     
406 N N     . LYS A 51 ? 0.8980 0.4394 0.4488 -0.1905 0.0632  0.0826  51  LYS A N     
407 C CA    . LYS A 51 ? 0.9198 0.4877 0.4431 -0.2014 0.0599  0.0853  51  LYS A CA    
408 C C     . LYS A 51 ? 0.8802 0.4716 0.3839 -0.2121 0.0814  0.1160  51  LYS A C     
409 O O     . LYS A 51 ? 0.9305 0.4597 0.4076 -0.1887 0.0525  0.1417  51  LYS A O     
410 C CB    . LYS A 51 ? 0.9356 0.5523 0.4949 -0.1920 0.0485  0.0464  51  LYS A CB    
411 C CG    . LYS A 51 ? 0.9261 0.6045 0.5431 -0.1651 0.0290  -0.0055 51  LYS A CG    
412 C CD    . LYS A 51 ? 0.9355 0.6413 0.5893 -0.1327 -0.0001 -0.0369 51  LYS A CD    
413 C CE    . LYS A 51 ? 0.9449 0.6787 0.6285 -0.1157 -0.0266 -0.0574 51  LYS A CE    
414 N NZ    . LYS A 51 ? 0.9619 0.6970 0.6498 -0.1159 -0.0393 -0.0563 51  LYS A NZ    
415 N N     . GLN A 52 ? 0.7624 0.4742 0.3139 -0.1779 0.1110  0.0896  52  GLN A N     
416 C CA    . GLN A 52 ? 0.6320 0.4177 0.2633 -0.1209 0.1339  0.0630  52  GLN A CA    
417 C C     . GLN A 52 ? 0.5129 0.3524 0.2012 -0.1046 0.1099  0.0312  52  GLN A C     
418 O O     . GLN A 52 ? 0.4558 0.3840 0.2170 -0.1305 0.0780  -0.0047 52  GLN A O     
419 C CB    . GLN A 52 ? 0.6034 0.5232 0.3572 -0.0705 0.1040  0.0254  52  GLN A CB    
420 C CG    . GLN A 52 ? 0.5911 0.5816 0.4624 -0.0556 0.0543  0.0101  52  GLN A CG    
421 C CD    . GLN A 52 ? 0.6102 0.6592 0.5530 -0.0684 0.0000  -0.0161 52  GLN A CD    
422 O OE1   . GLN A 52 ? 0.6213 0.6884 0.6040 -0.0540 -0.0281 -0.0301 52  GLN A OE1   
423 N NE2   . GLN A 52 ? 0.6181 0.6592 0.5652 -0.0779 -0.0139 -0.0271 52  GLN A NE2   
424 N N     . GLN A 53 ? 0.4936 0.2850 0.1643 -0.0981 0.0607  0.0325  53  GLN A N     
425 C CA    . GLN A 53 ? 0.4216 0.2037 0.1655 -0.0633 0.0132  0.0169  53  GLN A CA    
426 C C     . GLN A 53 ? 0.3544 0.1901 0.1075 -0.0660 0.0264  0.0216  53  GLN A C     
427 O O     . GLN A 53 ? 0.3753 0.2399 0.1337 -0.0682 0.0176  0.0012  53  GLN A O     
428 C CB    . GLN A 53 ? 0.4482 0.1957 0.2203 -0.0559 -0.0249 0.0287  53  GLN A CB    
429 C CG    . GLN A 53 ? 0.4808 0.2399 0.2846 -0.0452 -0.0682 0.0188  53  GLN A CG    
430 C CD    . GLN A 53 ? 0.4472 0.2586 0.3141 -0.0323 -0.0592 0.0084  53  GLN A CD    
431 O OE1   . GLN A 53 ? 0.4263 0.2920 0.3021 0.0018  -0.0748 0.0474  53  GLN A OE1   
432 N NE2   . GLN A 53 ? 0.4825 0.1954 0.3535 -0.0025 -0.0339 0.0225  53  GLN A NE2   
433 N N     . THR A 54 ? 0.2633 0.1754 0.0869 -0.0544 -0.0071 0.0365  54  THR A N     
434 C CA    . THR A 54 ? 0.2688 0.1357 0.0964 -0.0445 -0.0162 0.0393  54  THR A CA    
435 C C     . THR A 54 ? 0.2457 0.1656 0.1045 -0.0828 -0.0042 0.0404  54  THR A C     
436 O O     . THR A 54 ? 0.3045 0.1457 0.1252 -0.0746 -0.0223 -0.0035 54  THR A O     
437 C CB    . THR A 54 ? 0.2695 0.1415 0.1679 -0.0255 -0.0059 0.0118  54  THR A CB    
438 O OG1   . THR A 54 ? 0.3069 0.2384 0.1474 -0.0394 0.0085  -0.0104 54  THR A OG1   
439 C CG2   . THR A 54 ? 0.2607 0.1648 0.2009 -0.0215 -0.0119 0.0186  54  THR A CG2   
440 N N     . LEU A 55 ? 0.2533 0.1135 0.1253 -0.0521 -0.0268 0.0457  55  LEU A N     
441 C CA    . LEU A 55 ? 0.2123 0.1436 0.1063 -0.0674 -0.0171 0.0363  55  LEU A CA    
442 C C     . LEU A 55 ? 0.2336 0.0913 0.0925 -0.0247 -0.0309 0.0238  55  LEU A C     
443 O O     . LEU A 55 ? 0.2735 0.0951 0.1063 -0.0137 -0.0225 0.0082  55  LEU A O     
444 C CB    . LEU A 55 ? 0.2143 0.1644 0.1049 -0.0291 -0.0119 0.0093  55  LEU A CB    
445 C CG    . LEU A 55 ? 0.2413 0.1222 0.0943 -0.0322 -0.0210 -0.0089 55  LEU A CG    
446 C CD1   . LEU A 55 ? 0.2908 0.1359 0.1119 -0.0308 -0.0346 0.0009  55  LEU A CD1   
447 C CD2   . LEU A 55 ? 0.2598 0.1708 0.1413 -0.0534 -0.0454 0.0013  55  LEU A CD2   
448 N N     . VAL A 56 ? 0.1766 0.1742 0.0771 -0.0561 -0.0433 0.0174  56  VAL A N     
449 C CA    . VAL A 56 ? 0.1720 0.1639 0.1149 -0.0456 -0.0469 0.0116  56  VAL A CA    
450 C C     . VAL A 56 ? 0.1863 0.0868 0.1182 -0.0299 -0.0186 0.0468  56  VAL A C     
451 O O     . VAL A 56 ? 0.2174 0.1040 0.1668 -0.0318 -0.0055 0.0131  56  VAL A O     
452 C CB    . VAL A 56 ? 0.1826 0.1468 0.1325 -0.0733 -0.0168 0.0373  56  VAL A CB    
453 C CG1   . VAL A 56 ? 0.2284 0.1531 0.1053 -0.0423 -0.0521 0.0284  56  VAL A CG1   
454 C CG2   . VAL A 56 ? 0.2318 0.1573 0.1359 -0.0824 0.0001  0.0458  56  VAL A CG2   
455 N N     . TYR A 57 ? 0.2234 0.0945 0.1044 -0.0515 -0.0179 0.0315  57  TYR A N     
456 C CA    . TYR A 57 ? 0.2078 0.1022 0.0962 -0.0543 -0.0060 0.0323  57  TYR A CA    
457 C C     . TYR A 57 ? 0.1798 0.1437 0.1091 -0.0545 -0.0261 0.0285  57  TYR A C     
458 O O     . TYR A 57 ? 0.2046 0.1373 0.1107 -0.0374 -0.0168 0.0133  57  TYR A O     
459 C CB    . TYR A 57 ? 0.2320 0.1290 0.1144 -0.0667 -0.0360 0.0158  57  TYR A CB    
460 C CG    . TYR A 57 ? 0.1832 0.1191 0.1080 -0.0462 -0.0402 -0.0029 57  TYR A CG    
461 C CD1   . TYR A 57 ? 0.2910 0.1048 0.1044 -0.0470 -0.0319 0.0105  57  TYR A CD1   
462 C CD2   . TYR A 57 ? 0.2153 0.1090 0.1103 -0.0571 -0.0234 0.0240  57  TYR A CD2   
463 C CE1   . TYR A 57 ? 0.2362 0.1636 0.1176 -0.0680 -0.0493 0.0071  57  TYR A CE1   
464 C CE2   . TYR A 57 ? 0.2108 0.1114 0.1297 -0.0582 -0.0501 0.0049  57  TYR A CE2   
465 C CZ    . TYR A 57 ? 0.2056 0.1306 0.1203 -0.0703 -0.0529 0.0103  57  TYR A CZ    
466 O OH    . TYR A 57 ? 0.2194 0.1714 0.1433 -0.0685 -0.0742 -0.0122 57  TYR A OH    
467 N N     . LYS A 58 ? 0.2205 0.1117 0.0852 -0.0543 -0.0067 0.0182  58  LYS A N     
468 C CA    . LYS A 58 ? 0.1887 0.1265 0.0941 -0.0475 -0.0200 0.0013  58  LYS A CA    
469 C C     . LYS A 58 ? 0.2398 0.0927 0.0899 -0.0466 -0.0305 0.0058  58  LYS A C     
470 O O     . LYS A 58 ? 0.2458 0.1282 0.0981 -0.0572 -0.0653 0.0225  58  LYS A O     
471 C CB    . LYS A 58 ? 0.1751 0.1282 0.0977 -0.0270 0.0075  0.0048  58  LYS A CB    
472 C CG    . LYS A 58 ? 0.1741 0.1069 0.1299 -0.0284 -0.0183 0.0073  58  LYS A CG    
473 C CD    . LYS A 58 ? 0.2015 0.1150 0.1391 -0.0097 -0.0337 -0.0016 58  LYS A CD    
474 C CE    . LYS A 58 ? 0.2280 0.1005 0.1429 -0.0164 -0.0185 0.0028  58  LYS A CE    
475 N NZ    . LYS A 58 ? 0.2207 0.1547 0.1259 -0.0272 -0.0131 -0.0124 58  LYS A NZ    
476 N N     . HIS A 59 ? 0.2587 0.1064 0.0786 -0.0527 -0.0183 0.0178  59  HIS A N     
477 C CA    . HIS A 59 ? 0.2416 0.1056 0.1155 -0.0683 -0.0271 0.0186  59  HIS A CA    
478 C C     . HIS A 59 ? 0.2421 0.0994 0.1318 -0.0364 -0.0388 0.0453  59  HIS A C     
479 O O     . HIS A 59 ? 0.2612 0.1264 0.1356 -0.0243 -0.0201 0.0131  59  HIS A O     
480 C CB    . HIS A 59 ? 0.2744 0.1199 0.0947 -0.0776 -0.0264 0.0215  59  HIS A CB    
481 C CG    . HIS A 59 ? 0.2494 0.1274 0.0890 -0.0781 -0.0252 0.0119  59  HIS A CG    
482 N ND1   . HIS A 59 ? 0.3008 0.1424 0.0954 -0.0739 -0.0392 0.0079  59  HIS A ND1   
483 C CD2   . HIS A 59 ? 0.2744 0.1388 0.1033 -0.0883 -0.0260 -0.0074 59  HIS A CD2   
484 C CE1   . HIS A 59 ? 0.2568 0.1160 0.1172 -0.0592 -0.0210 0.0098  59  HIS A CE1   
485 N NE2   . HIS A 59 ? 0.2309 0.1427 0.1367 -0.0721 -0.0369 -0.0151 59  HIS A NE2   
486 N N     . ALA A 60 ? 0.2316 0.1120 0.1253 -0.0579 -0.0435 0.0467  60  ALA A N     
487 C CA    . ALA A 60 ? 0.2257 0.1257 0.1202 -0.0355 -0.0393 0.0158  60  ALA A CA    
488 C C     . ALA A 60 ? 0.2431 0.1303 0.1279 -0.0482 -0.0333 -0.0038 60  ALA A C     
489 O O     . ALA A 60 ? 0.2755 0.1337 0.1641 -0.0461 -0.0343 0.0148  60  ALA A O     
490 C CB    . ALA A 60 ? 0.2306 0.1530 0.0987 -0.0063 -0.0231 0.0108  60  ALA A CB    
491 N N     . ILE A 61 ? 0.2620 0.0852 0.1263 -0.0485 -0.0314 -0.0043 61  ILE A N     
492 C CA    . ILE A 61 ? 0.2111 0.0911 0.1111 -0.0159 -0.0347 0.0084  61  ILE A CA    
493 C C     . ILE A 61 ? 0.1970 0.1215 0.0880 -0.0430 -0.0128 0.0111  61  ILE A C     
494 O O     . ILE A 61 ? 0.2056 0.1533 0.1373 -0.0409 -0.0252 0.0025  61  ILE A O     
495 C CB    . ILE A 61 ? 0.2017 0.0982 0.1156 -0.0352 -0.0169 -0.0089 61  ILE A CB    
496 C CG1   . ILE A 61 ? 0.2203 0.1133 0.1169 -0.0223 -0.0387 0.0145  61  ILE A CG1   
497 C CG2   . ILE A 61 ? 0.1766 0.1677 0.1206 -0.0797 0.0036  -0.0236 61  ILE A CG2   
498 C CD1   . ILE A 61 ? 0.2156 0.1185 0.1579 -0.0072 -0.0228 0.0244  61  ILE A CD1   
499 N N     . THR A 62 ? 0.1828 0.1256 0.1398 -0.0235 -0.0412 0.0167  62  THR A N     
500 C CA    . THR A 62 ? 0.1688 0.1248 0.1554 -0.0140 -0.0496 0.0270  62  THR A CA    
501 C C     . THR A 62 ? 0.2182 0.0944 0.1437 -0.0353 -0.0326 0.0462  62  THR A C     
502 O O     . THR A 62 ? 0.2033 0.1529 0.1357 -0.0473 -0.0088 0.0106  62  THR A O     
503 C CB    . THR A 62 ? 0.2138 0.1213 0.1906 -0.0476 -0.0124 0.0363  62  THR A CB    
504 O OG1   . THR A 62 ? 0.2378 0.1480 0.2144 -0.0223 0.0026  0.0320  62  THR A OG1   
505 C CG2   . THR A 62 ? 0.2321 0.1017 0.2005 -0.0107 -0.0056 0.0364  62  THR A CG2   
506 N N     . THR A 63 ? 0.2070 0.0990 0.1700 -0.0435 -0.0552 0.0432  63  THR A N     
507 C CA    . THR A 63 ? 0.1949 0.1208 0.1568 -0.0489 -0.0543 0.0248  63  THR A CA    
508 C C     . THR A 63 ? 0.2010 0.1304 0.1326 -0.0408 -0.0449 0.0258  63  THR A C     
509 O O     . THR A 63 ? 0.2445 0.1157 0.1372 -0.0318 -0.0268 0.0173  63  THR A O     
510 C CB    . THR A 63 ? 0.2008 0.1829 0.1863 -0.0194 -0.0529 0.0451  63  THR A CB    
511 O OG1   . THR A 63 ? 0.2228 0.3505 0.1904 -0.0412 -0.0201 0.0083  63  THR A OG1   
512 C CG2   . THR A 63 ? 0.2271 0.1581 0.1914 -0.0390 -0.0840 0.0670  63  THR A CG2   
513 N N     . ILE A 64 ? 0.2314 0.1362 0.0983 -0.0528 -0.0127 0.0395  64  ILE A N     
514 C CA    . ILE A 64 ? 0.2197 0.1121 0.0963 -0.0336 -0.0083 0.0325  64  ILE A CA    
515 C C     . ILE A 64 ? 0.2085 0.1373 0.0917 -0.0290 0.0093  -0.0008 64  ILE A C     
516 O O     . ILE A 64 ? 0.2447 0.1508 0.0926 -0.0535 -0.0078 0.0128  64  ILE A O     
517 C CB    . ILE A 64 ? 0.2197 0.0965 0.1217 -0.0282 -0.0122 0.0063  64  ILE A CB    
518 C CG1   . ILE A 64 ? 0.2103 0.1242 0.1401 -0.0361 -0.0214 -0.0157 64  ILE A CG1   
519 C CG2   . ILE A 64 ? 0.2540 0.1063 0.1387 -0.0516 -0.0299 0.0312  64  ILE A CG2   
520 C CD1   . ILE A 64 ? 0.2405 0.1774 0.1328 -0.0461 -0.0283 0.0128  64  ILE A CD1   
521 N N     . VAL A 65 ? 0.1727 0.1571 0.1468 -0.0434 -0.0140 0.0164  65  VAL A N     
522 C CA    . VAL A 65 ? 0.1852 0.1544 0.1736 -0.0591 -0.0252 0.0525  65  VAL A CA    
523 C C     . VAL A 65 ? 0.2170 0.1473 0.1554 -0.0674 0.0014  0.0519  65  VAL A C     
524 O O     . VAL A 65 ? 0.2343 0.1723 0.1561 -0.0665 0.0116  0.0310  65  VAL A O     
525 C CB    . VAL A 65 ? 0.2149 0.1675 0.1994 -0.0564 -0.0146 0.0678  65  VAL A CB    
526 C CG1   . VAL A 65 ? 0.2120 0.1838 0.2251 -0.0637 -0.0403 0.0633  65  VAL A CG1   
527 C CG2   . VAL A 65 ? 0.2426 0.2298 0.2212 -0.0316 -0.0084 0.0659  65  VAL A CG2   
528 N N     . PRO A 66 ? 0.2480 0.1434 0.1318 -0.0484 -0.0182 0.0446  66  PRO A N     
529 C CA    . PRO A 66 ? 0.2528 0.1224 0.1712 -0.0476 -0.0350 0.0378  66  PRO A CA    
530 C C     . PRO A 66 ? 0.2607 0.1464 0.1755 -0.0828 -0.0220 0.0549  66  PRO A C     
531 O O     . PRO A 66 ? 0.2599 0.2015 0.2259 -0.0844 -0.0518 0.0522  66  PRO A O     
532 C CB    . PRO A 66 ? 0.2802 0.1703 0.1660 -0.0380 -0.0367 0.0192  66  PRO A CB    
533 C CG    . PRO A 66 ? 0.2973 0.1404 0.1726 -0.0012 -0.0301 0.0208  66  PRO A CG    
534 C CD    . PRO A 66 ? 0.2674 0.1596 0.1555 -0.0321 -0.0008 0.0195  66  PRO A CD    
535 N N     . HIS A 67 ? 0.2330 0.1830 0.1760 -0.0844 -0.0093 0.0557  67  HIS A N     
536 C CA    . HIS A 67 ? 0.2305 0.1699 0.1969 -0.0636 -0.0242 0.0422  67  HIS A CA    
537 C C     . HIS A 67 ? 0.1996 0.1893 0.2256 -0.0818 -0.0544 0.0324  67  HIS A C     
538 O O     . HIS A 67 ? 0.2541 0.2615 0.2786 -0.1111 -0.0275 0.0136  67  HIS A O     
539 C CB    . HIS A 67 ? 0.2451 0.1964 0.2013 -0.0555 -0.0058 0.0433  67  HIS A CB    
540 C CG    . HIS A 67 ? 0.2587 0.2134 0.2228 -0.0301 0.0337  0.0432  67  HIS A CG    
541 N ND1   . HIS A 67 ? 0.2897 0.2616 0.2260 -0.0341 0.0396  0.0218  67  HIS A ND1   
542 C CD2   . HIS A 67 ? 0.2326 0.2511 0.2561 -0.0448 0.0164  0.0241  67  HIS A CD2   
543 C CE1   . HIS A 67 ? 0.2973 0.2772 0.2546 -0.0495 0.0196  0.0106  67  HIS A CE1   
544 N NE2   . HIS A 67 ? 0.2614 0.2750 0.2327 -0.0726 0.0561  0.0365  67  HIS A NE2   
545 N N     . GLU A 68 ? 0.2799 0.1661 0.1807 -0.0581 -0.0573 0.0257  68  GLU A N     
546 C CA    . GLU A 68 ? 0.3028 0.1910 0.1784 -0.0696 -0.0598 0.0423  68  GLU A CA    
547 C C     . GLU A 68 ? 0.3033 0.1863 0.2185 -0.0846 -0.0772 0.0299  68  GLU A C     
548 O O     . GLU A 68 ? 0.2923 0.1845 0.2205 -0.0914 -0.0553 0.0197  68  GLU A O     
549 C CB    . GLU A 68 ? 0.2966 0.1556 0.2072 -0.0482 -0.0694 0.0594  68  GLU A CB    
550 C CG    . GLU A 68 ? 0.3401 0.1965 0.2104 -0.0635 -0.0442 0.0747  68  GLU A CG    
551 C CD    . GLU A 68 ? 0.3896 0.2139 0.2354 -0.0719 -0.0611 0.0847  68  GLU A CD    
552 O OE1   . GLU A 68 ? 0.4282 0.2292 0.2876 -0.0734 -0.0992 0.0655  68  GLU A OE1   
553 O OE2   . GLU A 68 ? 0.3788 0.2631 0.2364 -0.0633 -0.0544 0.0936  68  GLU A OE2   
554 N N     . ARG A 69 ? 0.3627 0.2314 0.2088 -0.0387 -0.0800 -0.0067 69  ARG A N     
555 C CA    . ARG A 69 ? 0.3747 0.2795 0.2247 -0.1023 -0.0486 -0.0013 69  ARG A CA    
556 C C     . ARG A 69 ? 0.4069 0.1948 0.2546 -0.0749 -0.0357 0.0103  69  ARG A C     
557 O O     . ARG A 69 ? 0.4279 0.2375 0.2859 -0.0811 -0.0318 0.0228  69  ARG A O     
558 C CB    . ARG A 69 ? 0.4533 0.3917 0.2421 -0.1722 -0.0516 -0.0044 69  ARG A CB    
559 C CG    . ARG A 69 ? 0.5456 0.4685 0.2709 -0.2311 -0.0984 0.0383  69  ARG A CG    
560 C CD    . ARG A 69 ? 0.6273 0.5248 0.3228 -0.2792 -0.1413 0.0648  69  ARG A CD    
561 N NE    . ARG A 69 ? 0.7200 0.5175 0.3655 -0.2908 -0.1815 0.0919  69  ARG A NE    
562 C CZ    . ARG A 69 ? 0.7899 0.5310 0.3905 -0.3152 -0.2090 0.1024  69  ARG A CZ    
563 N NH1   . ARG A 69 ? 0.7993 0.5228 0.4147 -0.3169 -0.2375 0.1017  69  ARG A NH1   
564 N NH2   . ARG A 69 ? 0.8131 0.5258 0.3933 -0.3161 -0.1855 0.1164  69  ARG A NH2   
565 N N     . LEU A 70 ? 0.3431 0.1979 0.2558 -0.0763 -0.0180 -0.0336 70  LEU A N     
566 C CA    . LEU A 70 ? 0.3602 0.2062 0.2498 -0.0511 -0.0016 -0.0259 70  LEU A CA    
567 C C     . LEU A 70 ? 0.4563 0.2714 0.2754 -0.0351 0.0037  -0.0018 70  LEU A C     
568 O O     . LEU A 70 ? 0.5155 0.3373 0.2601 -0.0229 0.0148  -0.0204 70  LEU A O     
569 C CB    . LEU A 70 ? 0.3101 0.1894 0.2434 -0.0538 -0.0208 0.0133  70  LEU A CB    
570 C CG    . LEU A 70 ? 0.3045 0.1800 0.1831 -0.0440 0.0240  0.0374  70  LEU A CG    
571 C CD1   . LEU A 70 ? 0.3165 0.1989 0.1881 -0.0675 0.0079  0.0691  70  LEU A CD1   
572 C CD2   . LEU A 70 ? 0.3194 0.1950 0.1849 -0.0510 0.0174  0.0283  70  LEU A CD2   
573 N N     . GLU A 71 ? 0.4862 0.2616 0.3336 -0.0446 0.0009  0.0090  71  GLU A N     
574 C CA    . GLU A 71 ? 0.5081 0.3476 0.4088 -0.0380 -0.0007 -0.0333 71  GLU A CA    
575 C C     . GLU A 71 ? 0.4659 0.3539 0.4256 -0.0280 0.0001  -0.0326 71  GLU A C     
576 O O     . GLU A 71 ? 0.4364 0.3772 0.4564 -0.0285 -0.0082 -0.0426 71  GLU A O     
577 C CB    . GLU A 71 ? 0.5629 0.4617 0.4689 -0.0729 -0.0242 -0.0684 71  GLU A CB    
578 C CG    . GLU A 71 ? 0.6331 0.5739 0.5227 -0.1193 -0.0382 -0.0826 71  GLU A CG    
579 C CD    . GLU A 71 ? 0.7237 0.6635 0.5754 -0.1563 -0.0504 -0.0963 71  GLU A CD    
580 O OE1   . GLU A 71 ? 0.7587 0.6946 0.6006 -0.1859 -0.0561 -0.0956 71  GLU A OE1   
581 O OE2   . GLU A 71 ? 0.7802 0.6816 0.6095 -0.1384 -0.0692 -0.0975 71  GLU A OE2   
582 N N     . ILE A 72 ? 0.4588 0.3556 0.4308 -0.0272 -0.0136 -0.0338 72  ILE A N     
583 C CA    . ILE A 72 ? 0.4672 0.4069 0.4231 -0.0468 -0.0001 -0.0394 72  ILE A CA    
584 C C     . ILE A 72 ? 0.5151 0.4656 0.4118 -0.0529 0.0002  -0.0798 72  ILE A C     
585 O O     . ILE A 72 ? 0.5960 0.4770 0.4116 -0.0637 -0.0023 -0.1160 72  ILE A O     
586 C CB    . ILE A 72 ? 0.4392 0.3384 0.4030 -0.0417 0.0317  -0.0074 72  ILE A CB    
587 C CG1   . ILE A 72 ? 0.4338 0.3632 0.3967 -0.0614 0.0405  0.0121  72  ILE A CG1   
588 C CG2   . ILE A 72 ? 0.4622 0.3291 0.3800 -0.0395 0.0588  -0.0128 72  ILE A CG2   
589 C CD1   . ILE A 72 ? 0.4751 0.3636 0.4221 -0.0463 0.0055  0.0063  72  ILE A CD1   
599 P P     . U   B 1  ? 0.4850 0.4057 0.6851 -0.0154 -0.0770 0.1999  1   U   C P     
600 O OP1   . U   B 1  ? 0.4630 0.3650 0.7289 0.0250  -0.1007 0.2169  1   U   C OP1   
601 O OP2   . U   B 1  ? 0.5451 0.4364 0.7178 0.0475  -0.0908 0.1857  1   U   C OP2   
602 O "O5'" . U   B 1  ? 0.4935 0.3620 0.6059 -0.0145 -0.0732 0.1440  1   U   C "O5'" 
603 C "C5'" . U   B 1  ? 0.5394 0.3375 0.5082 -0.0017 -0.0895 0.0718  1   U   C "C5'" 
604 C "C4'" . U   B 1  ? 0.5372 0.3276 0.3924 0.0118  -0.0804 0.0354  1   U   C "C4'" 
605 O "O4'" . U   B 1  ? 0.5014 0.2930 0.3550 0.0284  -0.0518 0.0292  1   U   C "O4'" 
606 C "C3'" . U   B 1  ? 0.5885 0.3092 0.3232 -0.0023 -0.0737 0.0162  1   U   C "C3'" 
607 O "O3'" . U   B 1  ? 0.6257 0.3365 0.2959 0.0087  -0.0858 -0.0136 1   U   C "O3'" 
608 C "C2'" . U   B 1  ? 0.5525 0.3331 0.2845 -0.0039 -0.0355 0.0184  1   U   C "C2'" 
609 O "O2'" . U   B 1  ? 0.5842 0.3613 0.2577 0.0169  -0.0275 0.0049  1   U   C "O2'" 
610 C "C1'" . U   B 1  ? 0.4795 0.2679 0.2737 0.0387  -0.0049 0.0240  1   U   C "C1'" 
611 N N1    . U   B 1  ? 0.3590 0.2287 0.2593 0.0624  0.0189  0.0330  1   U   C N1    
612 C C2    . U   B 1  ? 0.3096 0.2819 0.2518 0.0575  0.0194  0.0192  1   U   C C2    
613 O O2    . U   B 1  ? 0.3129 0.3309 0.2199 0.0000  0.0565  -0.0142 1   U   C O2    
614 N N3    . U   B 1  ? 0.2762 0.2976 0.2446 0.0647  0.0145  0.0488  1   U   C N3    
615 C C4    . U   B 1  ? 0.2617 0.2972 0.2815 0.0941  0.0012  0.0465  1   U   C C4    
616 O O4    . U   B 1  ? 0.3108 0.3402 0.2941 0.0767  0.0110  0.0483  1   U   C O4    
617 C C5    . U   B 1  ? 0.3032 0.2779 0.2874 0.0825  0.0099  0.0043  1   U   C C5    
618 C C6    . U   B 1  ? 0.3314 0.2913 0.2819 0.0569  0.0156  -0.0123 1   U   C C6    
619 P P     . U   B 2  ? 0.6010 0.3151 0.2830 0.0557  -0.0537 -0.0295 2   U   C P     
620 O OP1   . U   B 2  ? 0.6301 0.3599 0.3048 0.0314  -0.0851 -0.0404 2   U   C OP1   
621 O OP2   . U   B 2  ? 0.6567 0.3053 0.3321 0.0796  -0.1022 -0.0233 2   U   C OP2   
622 O "O5'" . U   B 2  ? 0.6565 0.3349 0.3050 0.0773  -0.0958 -0.0332 2   U   C "O5'" 
623 C "C5'" . U   B 2  ? 0.6104 0.3688 0.3110 0.1028  -0.1084 -0.0601 2   U   C "C5'" 
624 C "C4'" . U   B 2  ? 0.4824 0.4107 0.2886 0.0967  -0.0474 -0.0612 2   U   C "C4'" 
625 O "O4'" . U   B 2  ? 0.3170 0.3725 0.2621 0.0769  -0.0295 -0.0402 2   U   C "O4'" 
626 C "C3'" . U   B 2  ? 0.4620 0.4940 0.3214 0.1382  -0.0339 -0.1128 2   U   C "C3'" 
627 O "O3'" . U   B 2  ? 0.5608 0.6846 0.3675 0.1235  0.0370  -0.1617 2   U   C "O3'" 
628 C "C2'" . U   B 2  ? 0.3377 0.3735 0.2658 0.1787  -0.0100 -0.0772 2   U   C "C2'" 
629 O "O2'" . U   B 2  ? 0.3271 0.4173 0.3083 0.1632  -0.0589 -0.0638 2   U   C "O2'" 
630 C "C1'" . U   B 2  ? 0.3022 0.3405 0.2308 0.0940  0.0039  -0.0470 2   U   C "C1'" 
631 N N1    . U   B 2  ? 0.2848 0.2522 0.2038 0.0412  -0.0201 -0.0303 2   U   C N1    
632 C C2    . U   B 2  ? 0.2664 0.2363 0.2046 0.0118  -0.0004 0.0263  2   U   C C2    
633 O O2    . U   B 2  ? 0.2593 0.2755 0.2419 0.0032  0.0052  0.0307  2   U   C O2    
634 N N3    . U   B 2  ? 0.2049 0.2466 0.2234 -0.0630 -0.0277 0.0164  2   U   C N3    
635 C C4    . U   B 2  ? 0.2127 0.1813 0.1988 -0.0166 0.0028  0.0281  2   U   C C4    
636 O O4    . U   B 2  ? 0.2816 0.1954 0.2032 -0.0261 0.0254  0.0014  2   U   C O4    
637 C C5    . U   B 2  ? 0.2278 0.2184 0.2189 0.0047  -0.0113 -0.0034 2   U   C C5    
638 C C6    . U   B 2  ? 0.2219 0.2259 0.2209 -0.0131 -0.0058 0.0110  2   U   C C6    
639 P P     . U   B 3  ? 0.6200 0.8422 0.4510 0.1268  0.0803  -0.2289 3   U   C P     
640 O OP1   . U   B 3  ? 0.6785 0.8988 0.5042 0.1016  0.0473  -0.2571 3   U   C OP1   
641 O OP2   . U   B 3  ? 0.5832 0.8883 0.4673 0.1325  0.0959  -0.2526 3   U   C OP2   
642 C C1    . MRD C .  ? 0.3051 0.2537 0.1872 -0.0144 -0.0321 0.0552  101 MRD A C1    
643 C C2    . MRD C .  ? 0.2842 0.2114 0.1964 -0.0265 0.0264  0.0064  101 MRD A C2    
644 O O2    . MRD C .  ? 0.3180 0.1828 0.2061 -0.0875 0.0390  0.0186  101 MRD A O2    
645 C CM    . MRD C .  ? 0.3116 0.1663 0.2204 0.0065  0.0093  -0.0022 101 MRD A CM    
646 C C3    . MRD C .  ? 0.2795 0.2501 0.2197 -0.0697 0.0236  -0.0069 101 MRD A C3    
647 C C4    . MRD C .  ? 0.2509 0.2503 0.2246 -0.0647 0.0188  -0.0054 101 MRD A C4    
648 O O4    . MRD C .  ? 0.3152 0.1983 0.1978 -0.0353 0.0240  0.0271  101 MRD A O4    
649 C C5    . MRD C .  ? 0.2898 0.1961 0.2493 -0.0588 0.0113  -0.0709 101 MRD A C5    
659 O O     . HOH E .  ? 0.2337 0.1986 0.2302 -0.0493 -0.0003 -0.0207 203 HOH A O     
660 O O     . HOH E .  ? 0.2828 0.2021 0.3109 -0.1020 -0.0173 0.0748  204 HOH A O     
661 O O     . HOH E .  ? 0.3557 0.1338 0.2417 -0.0445 0.0458  0.0100  205 HOH A O     
663 O O     . HOH E .  ? 0.4087 0.2353 0.2988 -0.0974 -0.0431 0.0574  207 HOH A O     
664 O O     . HOH E .  ? 0.4957 0.3771 0.3616 -0.1104 0.0982  0.1187  208 HOH A O     
665 O O     . HOH E .  ? 0.3704 0.1992 0.2406 0.0420  -0.0085 0.0422  209 HOH A O     
667 O O     . HOH E .  ? 0.3406 0.1845 0.3211 -0.0211 0.0347  0.1048  211 HOH A O     
668 O O     . HOH E .  ? 0.2633 0.1669 0.1642 -0.0754 -0.0489 0.0475  212 HOH A O     
669 O O     . HOH E .  ? 0.3161 0.2430 0.3116 0.0322  0.0517  -0.0159 213 HOH A O     
670 O O     . HOH E .  ? 0.4366 0.4712 0.3542 -0.0378 0.0750  -0.0015 214 HOH A O     
672 O O     . HOH E .  ? 0.2766 0.1839 0.2284 -0.0507 -0.0245 0.0054  216 HOH A O     
673 O O     . HOH E .  ? 0.5973 0.8795 0.2507 0.1585  0.0020  0.0805  217 HOH A O     
674 O O     . HOH E .  ? 0.3969 0.2600 0.5485 0.0374  0.1657  0.1165  218 HOH A O     
675 O O     . HOH E .  ? 0.4630 0.2319 0.2337 -0.1403 -0.0851 0.0819  219 HOH A O     
676 O O     . HOH E .  ? 0.7518 0.4244 0.2242 0.2368  -0.0399 -0.0291 220 HOH A O     
677 O O     . HOH E .  ? 0.4315 0.5554 0.4817 -0.0336 0.2406  -0.1533 221 HOH A O     
679 O O     . HOH E .  ? 0.4170 0.5162 0.3074 -0.1249 -0.0963 0.0998  223 HOH A O     
680 O O     . HOH E .  ? 0.7624 0.3170 0.2350 -0.2181 -0.0537 0.0053  224 HOH A O     
681 O O     . HOH E .  ? 0.3901 0.5552 0.3580 0.1042  -0.1228 -0.0827 225 HOH A O     
683 O O     . HOH E .  ? 0.5589 0.4300 0.4184 -0.0445 0.1167  0.1239  227 HOH A O     
685 O O     . HOH E .  ? 0.6001 0.7899 0.2065 0.0295  -0.0561 0.0035  229 HOH A O     
686 O O     . HOH E .  ? 0.5753 0.3149 0.4336 -0.1065 -0.1915 0.0046  230 HOH A O     
687 O O     . HOH E .  ? 0.6310 0.5649 0.2759 -0.1127 0.0422  -0.1788 231 HOH A O     
688 O O     . HOH E .  ? 0.3848 0.4601 0.7604 -0.0125 0.1513  0.2590  232 HOH A O     
689 O O     . HOH E .  ? 0.7400 0.2528 0.4570 -0.1698 -0.0328 0.0175  233 HOH A O     
690 O O     . HOH E .  ? 0.8620 0.3378 0.2813 0.0756  -0.1614 -0.0523 234 HOH A O     
691 O O     . HOH F .  ? 0.4655 0.4281 0.5477 -0.1099 -0.1174 0.1189  101 HOH C O     
692 O O     . HOH F .  ? 0.4229 0.2076 0.3457 -0.0314 0.0367  -0.0523 102 HOH C O     
# 
loop_
_pdbx_poly_seq_scheme.asym_id 
_pdbx_poly_seq_scheme.entity_id 
_pdbx_poly_seq_scheme.seq_id 
_pdbx_poly_seq_scheme.mon_id 
_pdbx_poly_seq_scheme.ndb_seq_num 
_pdbx_poly_seq_scheme.pdb_seq_num 
_pdbx_poly_seq_scheme.auth_seq_num 
_pdbx_poly_seq_scheme.pdb_mon_id 
_pdbx_poly_seq_scheme.auth_mon_id 
_pdbx_poly_seq_scheme.pdb_strand_id 
_pdbx_poly_seq_scheme.pdb_ins_code 
_pdbx_poly_seq_scheme.hetero 
A 1 1  GLY 1  1  ?  ?   ?   A . n 
A 1 2  SER 2  2  ?  ?   ?   A . n 
A 1 3  HIS 3  3  3  HIS HIS A . n 
A 1 4  MET 4  4  4  MET MET A . n 
A 1 5  PRO 5  5  5  PRO PRO A . n 
A 1 6  TYR 6  6  6  TYR TYR A . n 
A 1 7  LYS 7  7  7  LYS LYS A . n 
A 1 8  LEU 8  8  8  LEU LEU A . n 
A 1 9  GLN 9  9  9  GLN GLN A . n 
A 1 10 GLU 10 10 10 GLU GLU A . n 
A 1 11 SER 11 11 11 SER SER A . n 
A 1 12 PHE 12 12 12 PHE PHE A . n 
A 1 13 LEU 13 13 13 LEU LEU A . n 
A 1 14 ASN 14 14 14 ASN ASN A . n 
A 1 15 THR 15 15 15 THR THR A . n 
A 1 16 ALA 16 16 16 ALA ALA A . n 
A 1 17 ARG 17 17 17 ARG ARG A . n 
A 1 18 LYS 18 18 18 LYS LYS A . n 
A 1 19 LYS 19 19 19 LYS LYS A . n 
A 1 20 ARG 20 20 20 ARG ARG A . n 
A 1 21 VAL 21 21 21 VAL VAL A . n 
A 1 22 LYS 22 22 22 LYS LYS A . n 
A 1 23 VAL 23 23 23 VAL VAL A . n 
A 1 24 SER 24 24 24 SER SER A . n 
A 1 25 VAL 25 25 25 VAL VAL A . n 
A 1 26 TYR 26 26 26 TYR TYR A . n 
A 1 27 LEU 27 27 27 LEU LEU A . n 
A 1 28 VAL 28 28 28 VAL VAL A . n 
A 1 29 ASN 29 29 29 ASN ASN A . n 
A 1 30 GLY 30 30 30 GLY GLY A . n 
A 1 31 VAL 31 31 31 VAL VAL A . n 
A 1 32 ARG 32 32 32 ARG ARG A . n 
A 1 33 LEU 33 33 33 LEU LEU A . n 
A 1 34 GLN 34 34 34 GLN GLN A . n 
A 1 35 GLY 35 35 35 GLY GLY A . n 
A 1 36 ARG 36 36 36 ARG ARG A . n 
A 1 37 ILE 37 37 37 ILE ILE A . n 
A 1 38 ARG 38 38 38 ARG ARG A . n 
A 1 39 SER 39 39 39 SER SER A . n 
A 1 40 PHE 40 40 40 PHE PHE A . n 
A 1 41 ASP 41 41 41 ASP ASP A . n 
A 1 42 LEU 42 42 42 LEU LEU A . n 
A 1 43 PHE 43 43 43 PHE PHE A . n 
A 1 44 THR 44 44 44 THR THR A . n 
A 1 45 ILE 45 45 45 ILE ILE A . n 
A 1 46 LEU 46 46 46 LEU LEU A . n 
A 1 47 LEU 47 47 47 LEU LEU A . n 
A 1 48 GLU 48 48 48 GLU GLU A . n 
A 1 49 ASP 49 49 49 ASP ASP A . n 
A 1 50 GLY 50 50 50 GLY GLY A . n 
A 1 51 LYS 51 51 51 LYS LYS A . n 
A 1 52 GLN 52 52 52 GLN GLN A . n 
A 1 53 GLN 53 53 53 GLN GLN A . n 
A 1 54 THR 54 54 54 THR THR A . n 
A 1 55 LEU 55 55 55 LEU LEU A . n 
A 1 56 VAL 56 56 56 VAL VAL A . n 
A 1 57 TYR 57 57 57 TYR TYR A . n 
A 1 58 LYS 58 58 58 LYS LYS A . n 
A 1 59 HIS 59 59 59 HIS HIS A . n 
A 1 60 ALA 60 60 60 ALA ALA A . n 
A 1 61 ILE 61 61 61 ILE ILE A . n 
A 1 62 THR 62 62 62 THR THR A . n 
A 1 63 THR 63 63 63 THR THR A . n 
A 1 64 ILE 64 64 64 ILE ILE A . n 
A 1 65 VAL 65 65 65 VAL VAL A . n 
A 1 66 PRO 66 66 66 PRO PRO A . n 
A 1 67 HIS 67 67 67 HIS HIS A . n 
A 1 68 GLU 68 68 68 GLU GLU A . n 
A 1 69 ARG 69 69 69 ARG ARG A . n 
A 1 70 LEU 70 70 70 LEU LEU A . n 
A 1 71 GLU 71 71 71 GLU GLU A . n 
A 1 72 ILE 72 72 72 ILE ILE A . n 
A 1 73 GLU 73 73 73 GLU GLU A . n 
A 1 74 PHE 74 74 ?  ?   ?   A . n 
A 1 75 GLU 75 75 ?  ?   ?   A . n 
A 1 76 GLU 76 76 ?  ?   ?   A . n 
A 1 77 ALA 77 77 ?  ?   ?   A . n 
A 1 78 GLY 78 78 ?  ?   ?   A . n 
A 1 79 VAL 79 79 ?  ?   ?   A . n 
A 1 80 PRO 80 80 ?  ?   ?   A . n 
A 1 81 GLY 81 81 ?  ?   ?   A . n 
A 1 82 GLN 82 82 ?  ?   ?   A . n 
A 1 83 GLY 83 83 ?  ?   ?   A . n 
B 2 1  U   1  1  1  U   U   C . n 
B 2 2  U   2  2  2  U   U   C . n 
B 2 3  U   3  3  3  U   U   C . n 
B 2 4  U   4  4  ?  ?   ?   C . n 
B 2 5  U   5  5  ?  ?   ?   C . n 
B 2 6  U   6  6  ?  ?   ?   C . n 
# 
loop_
_pdbx_nonpoly_scheme.asym_id 
_pdbx_nonpoly_scheme.entity_id 
_pdbx_nonpoly_scheme.mon_id 
_pdbx_nonpoly_scheme.ndb_seq_num 
_pdbx_nonpoly_scheme.pdb_seq_num 
_pdbx_nonpoly_scheme.auth_seq_num 
_pdbx_nonpoly_scheme.pdb_mon_id 
_pdbx_nonpoly_scheme.auth_mon_id 
_pdbx_nonpoly_scheme.pdb_strand_id 
_pdbx_nonpoly_scheme.pdb_ins_code 
C 3 MRD 1  101 1  MRD MPD A . 
D 4 PEG 1  102 1  PEG PEG A . 
E 5 HOH 1  201 33 HOH HOH A . 
E 5 HOH 2  202 34 HOH HOH A . 
E 5 HOH 3  203 1  HOH HOH A . 
E 5 HOH 4  204 4  HOH HOH A . 
E 5 HOH 5  205 3  HOH HOH A . 
E 5 HOH 6  206 36 HOH HOH A . 
E 5 HOH 7  207 10 HOH HOH A . 
E 5 HOH 8  208 24 HOH HOH A . 
E 5 HOH 9  209 7  HOH HOH A . 
E 5 HOH 10 210 29 HOH HOH A . 
E 5 HOH 11 211 9  HOH HOH A . 
E 5 HOH 12 212 2  HOH HOH A . 
E 5 HOH 13 213 8  HOH HOH A . 
E 5 HOH 14 214 18 HOH HOH A . 
E 5 HOH 15 215 32 HOH HOH A . 
E 5 HOH 16 216 5  HOH HOH A . 
E 5 HOH 17 217 23 HOH HOH A . 
E 5 HOH 18 218 28 HOH HOH A . 
E 5 HOH 19 219 6  HOH HOH A . 
E 5 HOH 20 220 13 HOH HOH A . 
E 5 HOH 21 221 19 HOH HOH A . 
E 5 HOH 22 222 31 HOH HOH A . 
E 5 HOH 23 223 15 HOH HOH A . 
E 5 HOH 24 224 12 HOH HOH A . 
E 5 HOH 25 225 16 HOH HOH A . 
E 5 HOH 26 226 30 HOH HOH A . 
E 5 HOH 27 227 22 HOH HOH A . 
E 5 HOH 28 228 35 HOH HOH A . 
E 5 HOH 29 229 17 HOH HOH A . 
E 5 HOH 30 230 11 HOH HOH A . 
E 5 HOH 31 231 27 HOH HOH A . 
E 5 HOH 32 232 20 HOH HOH A . 
E 5 HOH 33 233 25 HOH HOH A . 
E 5 HOH 34 234 14 HOH HOH A . 
F 5 HOH 1  101 26 HOH HOH C . 
F 5 HOH 2  102 21 HOH HOH C . 
# 
loop_
_pdbx_struct_assembly.id 
_pdbx_struct_assembly.details 
_pdbx_struct_assembly.method_details 
_pdbx_struct_assembly.oligomeric_details 
_pdbx_struct_assembly.oligomeric_count 
1 author_defined_assembly   ?    dodecameric 12 
2 software_defined_assembly PISA hexameric   6  
# 
loop_
_pdbx_struct_assembly_gen.assembly_id 
_pdbx_struct_assembly_gen.oper_expression 
_pdbx_struct_assembly_gen.asym_id_list 
1 1           A,B,C,D,E,F 
1 2           A,B,C,D,E,F 
1 3           A,B,C,D,E,F 
1 4           A,B,C,D,E,F 
1 5           A,B,C,D,E,F 
1 6           A,B,C,D,E,F 
2 1,2,3,4,5,6 A,C,D,E     
# 
loop_
_pdbx_struct_assembly_prop.biol_id 
_pdbx_struct_assembly_prop.type 
_pdbx_struct_assembly_prop.value 
_pdbx_struct_assembly_prop.details 
2 'ABSA (A^2)' 14650 ? 
2 MORE         -25   ? 
2 'SSA (A^2)'  21440 ? 
# 
loop_
_pdbx_struct_oper_list.id 
_pdbx_struct_oper_list.type 
_pdbx_struct_oper_list.name 
_pdbx_struct_oper_list.symmetry_operation 
_pdbx_struct_oper_list.matrix[1][1] 
_pdbx_struct_oper_list.matrix[1][2] 
_pdbx_struct_oper_list.matrix[1][3] 
_pdbx_struct_oper_list.vector[1] 
_pdbx_struct_oper_list.matrix[2][1] 
_pdbx_struct_oper_list.matrix[2][2] 
_pdbx_struct_oper_list.matrix[2][3] 
_pdbx_struct_oper_list.vector[2] 
_pdbx_struct_oper_list.matrix[3][1] 
_pdbx_struct_oper_list.matrix[3][2] 
_pdbx_struct_oper_list.matrix[3][3] 
_pdbx_struct_oper_list.vector[3] 
1 'identity operation'         1_555 x,y,z     1.0000000000 0.0000000000  0.0000000000  0.0000000000   0.0000000000  1.0000000000  0.0000000000  0.0000000000   0.0000000000  0.0000000000  1.0000000000  0.0000000000   
2 'crystal symmetry operation' 2_555 -y,x-y,z  0.6791960188 -0.1801135680 -0.7115137881 1.2660883864   -0.7235654409 -0.3268659879 -0.6079569711 -21.0188733899 -0.1230683580 0.9277487422  -0.3523300309 26.3368292089  
3 'crystal symmetry operation' 3_555 -x+y,-x,z 0.6791960188 -0.7235654409 -0.1230683580 -12.8272222569 -0.1801135680 -0.3268659879 0.9277487422  -31.0762752897 -0.7115137881 -0.6079569711 -0.3523300309 -2.5984754090  
4 'crystal symmetry operation' 4_555 -x,-y,z   0.5722613585 -0.6024526726 -0.5563880974 -7.7074225803  -0.6024526726 -0.7691546506 0.2131945140  -34.7300991198 -0.5563880974 0.2131945140  -0.8031067079 15.8255691999  
5 'crystal symmetry operation' 5_555 y,-x+y,z  0.8930653396 -0.4223391046 0.1551256907  -8.9735109667  0.1211127683  0.5577113374  0.8211514851  -13.7112257298 -0.4333197394 -0.7145542281 0.5492233230  -10.5112600090 
6 'crystal symmetry operation' 6_555 x-y,x,z   0.8930653396 0.1211127683  -0.4333197394 5.1197996766   -0.4223391046 0.5577113374  -0.7145542281 -3.6538238301  0.1551256907  0.8211514851  0.5492233230  18.4240446089 
# 
_pdbx_struct_special_symmetry.id              1 
_pdbx_struct_special_symmetry.PDB_model_num   1 
_pdbx_struct_special_symmetry.auth_asym_id    A 
_pdbx_struct_special_symmetry.auth_comp_id    HOH 
_pdbx_struct_special_symmetry.auth_seq_id     211 
_pdbx_struct_special_symmetry.PDB_ins_code    ? 
_pdbx_struct_special_symmetry.label_asym_id   E 
_pdbx_struct_special_symmetry.label_comp_id   HOH 
_pdbx_struct_special_symmetry.label_seq_id    . 
# 
loop_
_pdbx_audit_revision_history.ordinal 
_pdbx_audit_revision_history.data_content_type 
_pdbx_audit_revision_history.major_revision 
_pdbx_audit_revision_history.minor_revision 
_pdbx_audit_revision_history.revision_date 
1 'Structure model' 1 0 2017-04-12 
2 'Structure model' 1 1 2017-04-19 
3 'Structure model' 1 2 2017-09-20 
4 'Structure model' 1 3 2019-11-27 
5 'Structure model' 1 4 2023-10-04 
# 
_pdbx_audit_revision_details.ordinal             1 
_pdbx_audit_revision_details.revision_ordinal    1 
_pdbx_audit_revision_details.data_content_type   'Structure model' 
_pdbx_audit_revision_details.provider            repository 
_pdbx_audit_revision_details.type                'Initial release' 
_pdbx_audit_revision_details.description         ? 
_pdbx_audit_revision_details.details             ? 
# 
loop_
_pdbx_audit_revision_group.ordinal 
_pdbx_audit_revision_group.revision_ordinal 
_pdbx_audit_revision_group.data_content_type 
_pdbx_audit_revision_group.group 
1 2 'Structure model' 'Database references'        
2 3 'Structure model' 'Author supporting evidence' 
3 4 'Structure model' 'Author supporting evidence' 
4 5 'Structure model' 'Data collection'            
5 5 'Structure model' 'Database references'        
6 5 'Structure model' 'Refinement description'     
# 
loop_
_pdbx_audit_revision_category.ordinal 
_pdbx_audit_revision_category.revision_ordinal 
_pdbx_audit_revision_category.data_content_type 
_pdbx_audit_revision_category.category 
1 3 'Structure model' pdbx_audit_support            
2 4 'Structure model' pdbx_audit_support            
3 5 'Structure model' chem_comp_atom                
4 5 'Structure model' chem_comp_bond                
5 5 'Structure model' database_2                    
6 5 'Structure model' pdbx_initial_refinement_model 
# 
loop_
_pdbx_audit_revision_item.ordinal 
_pdbx_audit_revision_item.revision_ordinal 
_pdbx_audit_revision_item.data_content_type 
_pdbx_audit_revision_item.item 
1 3 'Structure model' '_pdbx_audit_support.country'              
2 3 'Structure model' '_pdbx_audit_support.funding_organization' 
3 4 'Structure model' '_pdbx_audit_support.funding_organization' 
4 5 'Structure model' '_database_2.pdbx_DOI'                     
5 5 'Structure model' '_database_2.pdbx_database_accession'      
# 
loop_
_software.citation_id 
_software.classification 
_software.compiler_name 
_software.compiler_version 
_software.contact_author 
_software.contact_author_email 
_software.date 
_software.description 
_software.dependencies 
_software.hardware 
_software.language 
_software.location 
_software.mods 
_software.name 
_software.os 
_software.os_version 
_software.type 
_software.version 
_software.pdbx_ordinal 
? refinement       ? ? ? ? ? ? ? ? ? ? ? PHENIX ? ? ? '(1.10-2155_1309: ???)' 1 
? 'data reduction' ? ? ? ? ? ? ? ? ? ? ? XDS    ? ? ? .                       2 
? 'data scaling'   ? ? ? ? ? ? ? ? ? ? ? XDS    ? ? ? .                       3 
? phasing          ? ? ? ? ? ? ? ? ? ? ? PHASER ? ? ? .                       4 
# 
loop_
_pdbx_unobs_or_zero_occ_atoms.id 
_pdbx_unobs_or_zero_occ_atoms.PDB_model_num 
_pdbx_unobs_or_zero_occ_atoms.polymer_flag 
_pdbx_unobs_or_zero_occ_atoms.occupancy_flag 
_pdbx_unobs_or_zero_occ_atoms.auth_asym_id 
_pdbx_unobs_or_zero_occ_atoms.auth_comp_id 
_pdbx_unobs_or_zero_occ_atoms.auth_seq_id 
_pdbx_unobs_or_zero_occ_atoms.PDB_ins_code 
_pdbx_unobs_or_zero_occ_atoms.auth_atom_id 
_pdbx_unobs_or_zero_occ_atoms.label_alt_id 
_pdbx_unobs_or_zero_occ_atoms.label_asym_id 
_pdbx_unobs_or_zero_occ_atoms.label_comp_id 
_pdbx_unobs_or_zero_occ_atoms.label_seq_id 
_pdbx_unobs_or_zero_occ_atoms.label_atom_id 
1  1 Y 1 C U 3 ? "O5'" ? B U 3 "O5'" 
2  1 Y 1 C U 3 ? "C5'" ? B U 3 "C5'" 
3  1 Y 1 C U 3 ? "C4'" ? B U 3 "C4'" 
4  1 Y 1 C U 3 ? "O4'" ? B U 3 "O4'" 
5  1 Y 1 C U 3 ? "C3'" ? B U 3 "C3'" 
6  1 Y 1 C U 3 ? "O3'" ? B U 3 "O3'" 
7  1 Y 1 C U 3 ? "C2'" ? B U 3 "C2'" 
8  1 Y 1 C U 3 ? "O2'" ? B U 3 "O2'" 
9  1 Y 1 C U 3 ? "C1'" ? B U 3 "C1'" 
10 1 Y 1 C U 3 ? N1    ? B U 3 N1    
11 1 Y 1 C U 3 ? C2    ? B U 3 C2    
12 1 Y 1 C U 3 ? O2    ? B U 3 O2    
13 1 Y 1 C U 3 ? N3    ? B U 3 N3    
14 1 Y 1 C U 3 ? C4    ? B U 3 C4    
15 1 Y 1 C U 3 ? O4    ? B U 3 O4    
16 1 Y 1 C U 3 ? C5    ? B U 3 C5    
17 1 Y 1 C U 3 ? C6    ? B U 3 C6    
# 
loop_
_pdbx_unobs_or_zero_occ_residues.id 
_pdbx_unobs_or_zero_occ_residues.PDB_model_num 
_pdbx_unobs_or_zero_occ_residues.polymer_flag 
_pdbx_unobs_or_zero_occ_residues.occupancy_flag 
_pdbx_unobs_or_zero_occ_residues.auth_asym_id 
_pdbx_unobs_or_zero_occ_residues.auth_comp_id 
_pdbx_unobs_or_zero_occ_residues.auth_seq_id 
_pdbx_unobs_or_zero_occ_residues.PDB_ins_code 
_pdbx_unobs_or_zero_occ_residues.label_asym_id 
_pdbx_unobs_or_zero_occ_residues.label_comp_id 
_pdbx_unobs_or_zero_occ_residues.label_seq_id 
1  1 Y 1 A GLY 1  ? A GLY 1  
2  1 Y 1 A SER 2  ? A SER 2  
3  1 Y 1 A PHE 74 ? A PHE 74 
4  1 Y 1 A GLU 75 ? A GLU 75 
5  1 Y 1 A GLU 76 ? A GLU 76 
6  1 Y 1 A ALA 77 ? A ALA 77 
7  1 Y 1 A GLY 78 ? A GLY 78 
8  1 Y 1 A VAL 79 ? A VAL 79 
9  1 Y 1 A PRO 80 ? A PRO 80 
10 1 Y 1 A GLY 81 ? A GLY 81 
11 1 Y 1 A GLN 82 ? A GLN 82 
12 1 Y 1 A GLY 83 ? A GLY 83 
13 1 Y 1 C U   4  ? B U   4  
14 1 Y 1 C U   5  ? B U   5  
15 1 Y 1 C U   6  ? B U   6  
# 
loop_
_chem_comp_atom.comp_id 
_chem_comp_atom.atom_id 
_chem_comp_atom.type_symbol 
_chem_comp_atom.pdbx_aromatic_flag 
_chem_comp_atom.pdbx_stereo_config 
_chem_comp_atom.pdbx_ordinal 
ALA N      N N N 1   
ALA CA     C N S 2   
ALA C      C N N 3   
ALA O      O N N 4   
ALA CB     C N N 5   
ALA OXT    O N N 6   
ALA H      H N N 7   
ALA H2     H N N 8   
ALA HA     H N N 9   
ALA HB1    H N N 10  
ALA HB2    H N N 11  
ALA HB3    H N N 12  
ALA HXT    H N N 13  
ARG N      N N N 14  
ARG CA     C N S 15  
ARG C      C N N 16  
ARG O      O N N 17  
ARG CB     C N N 18  
ARG CG     C N N 19  
ARG CD     C N N 20  
ARG NE     N N N 21  
ARG CZ     C N N 22  
ARG NH1    N N N 23  
ARG NH2    N N N 24  
ARG OXT    O N N 25  
ARG H      H N N 26  
ARG H2     H N N 27  
ARG HA     H N N 28  
ARG HB2    H N N 29  
ARG HB3    H N N 30  
ARG HG2    H N N 31  
ARG HG3    H N N 32  
ARG HD2    H N N 33  
ARG HD3    H N N 34  
ARG HE     H N N 35  
ARG HH11   H N N 36  
ARG HH12   H N N 37  
ARG HH21   H N N 38  
ARG HH22   H N N 39  
ARG HXT    H N N 40  
ASN N      N N N 41  
ASN CA     C N S 42  
ASN C      C N N 43  
ASN O      O N N 44  
ASN CB     C N N 45  
ASN CG     C N N 46  
ASN OD1    O N N 47  
ASN ND2    N N N 48  
ASN OXT    O N N 49  
ASN H      H N N 50  
ASN H2     H N N 51  
ASN HA     H N N 52  
ASN HB2    H N N 53  
ASN HB3    H N N 54  
ASN HD21   H N N 55  
ASN HD22   H N N 56  
ASN HXT    H N N 57  
ASP N      N N N 58  
ASP CA     C N S 59  
ASP C      C N N 60  
ASP O      O N N 61  
ASP CB     C N N 62  
ASP CG     C N N 63  
ASP OD1    O N N 64  
ASP OD2    O N N 65  
ASP OXT    O N N 66  
ASP H      H N N 67  
ASP H2     H N N 68  
ASP HA     H N N 69  
ASP HB2    H N N 70  
ASP HB3    H N N 71  
ASP HD2    H N N 72  
ASP HXT    H N N 73  
GLN N      N N N 74  
GLN CA     C N S 75  
GLN C      C N N 76  
GLN O      O N N 77  
GLN CB     C N N 78  
GLN CG     C N N 79  
GLN CD     C N N 80  
GLN OE1    O N N 81  
GLN NE2    N N N 82  
GLN OXT    O N N 83  
GLN H      H N N 84  
GLN H2     H N N 85  
GLN HA     H N N 86  
GLN HB2    H N N 87  
GLN HB3    H N N 88  
GLN HG2    H N N 89  
GLN HG3    H N N 90  
GLN HE21   H N N 91  
GLN HE22   H N N 92  
GLN HXT    H N N 93  
GLU N      N N N 94  
GLU CA     C N S 95  
GLU C      C N N 96  
GLU O      O N N 97  
GLU CB     C N N 98  
GLU CG     C N N 99  
GLU CD     C N N 100 
GLU OE1    O N N 101 
GLU OE2    O N N 102 
GLU OXT    O N N 103 
GLU H      H N N 104 
GLU H2     H N N 105 
GLU HA     H N N 106 
GLU HB2    H N N 107 
GLU HB3    H N N 108 
GLU HG2    H N N 109 
GLU HG3    H N N 110 
GLU HE2    H N N 111 
GLU HXT    H N N 112 
GLY N      N N N 113 
GLY CA     C N N 114 
GLY C      C N N 115 
GLY O      O N N 116 
GLY OXT    O N N 117 
GLY H      H N N 118 
GLY H2     H N N 119 
GLY HA2    H N N 120 
GLY HA3    H N N 121 
GLY HXT    H N N 122 
HIS N      N N N 123 
HIS CA     C N S 124 
HIS C      C N N 125 
HIS O      O N N 126 
HIS CB     C N N 127 
HIS CG     C Y N 128 
HIS ND1    N Y N 129 
HIS CD2    C Y N 130 
HIS CE1    C Y N 131 
HIS NE2    N Y N 132 
HIS OXT    O N N 133 
HIS H      H N N 134 
HIS H2     H N N 135 
HIS HA     H N N 136 
HIS HB2    H N N 137 
HIS HB3    H N N 138 
HIS HD1    H N N 139 
HIS HD2    H N N 140 
HIS HE1    H N N 141 
HIS HE2    H N N 142 
HIS HXT    H N N 143 
HOH O      O N N 144 
HOH H1     H N N 145 
HOH H2     H N N 146 
ILE N      N N N 147 
ILE CA     C N S 148 
ILE C      C N N 149 
ILE O      O N N 150 
ILE CB     C N S 151 
ILE CG1    C N N 152 
ILE CG2    C N N 153 
ILE CD1    C N N 154 
ILE OXT    O N N 155 
ILE H      H N N 156 
ILE H2     H N N 157 
ILE HA     H N N 158 
ILE HB     H N N 159 
ILE HG12   H N N 160 
ILE HG13   H N N 161 
ILE HG21   H N N 162 
ILE HG22   H N N 163 
ILE HG23   H N N 164 
ILE HD11   H N N 165 
ILE HD12   H N N 166 
ILE HD13   H N N 167 
ILE HXT    H N N 168 
LEU N      N N N 169 
LEU CA     C N S 170 
LEU C      C N N 171 
LEU O      O N N 172 
LEU CB     C N N 173 
LEU CG     C N N 174 
LEU CD1    C N N 175 
LEU CD2    C N N 176 
LEU OXT    O N N 177 
LEU H      H N N 178 
LEU H2     H N N 179 
LEU HA     H N N 180 
LEU HB2    H N N 181 
LEU HB3    H N N 182 
LEU HG     H N N 183 
LEU HD11   H N N 184 
LEU HD12   H N N 185 
LEU HD13   H N N 186 
LEU HD21   H N N 187 
LEU HD22   H N N 188 
LEU HD23   H N N 189 
LEU HXT    H N N 190 
LYS N      N N N 191 
LYS CA     C N S 192 
LYS C      C N N 193 
LYS O      O N N 194 
LYS CB     C N N 195 
LYS CG     C N N 196 
LYS CD     C N N 197 
LYS CE     C N N 198 
LYS NZ     N N N 199 
LYS OXT    O N N 200 
LYS H      H N N 201 
LYS H2     H N N 202 
LYS HA     H N N 203 
LYS HB2    H N N 204 
LYS HB3    H N N 205 
LYS HG2    H N N 206 
LYS HG3    H N N 207 
LYS HD2    H N N 208 
LYS HD3    H N N 209 
LYS HE2    H N N 210 
LYS HE3    H N N 211 
LYS HZ1    H N N 212 
LYS HZ2    H N N 213 
LYS HZ3    H N N 214 
LYS HXT    H N N 215 
MET N      N N N 216 
MET CA     C N S 217 
MET C      C N N 218 
MET O      O N N 219 
MET CB     C N N 220 
MET CG     C N N 221 
MET SD     S N N 222 
MET CE     C N N 223 
MET OXT    O N N 224 
MET H      H N N 225 
MET H2     H N N 226 
MET HA     H N N 227 
MET HB2    H N N 228 
MET HB3    H N N 229 
MET HG2    H N N 230 
MET HG3    H N N 231 
MET HE1    H N N 232 
MET HE2    H N N 233 
MET HE3    H N N 234 
MET HXT    H N N 235 
MRD C1     C N N 236 
MRD C2     C N N 237 
MRD O2     O N N 238 
MRD CM     C N N 239 
MRD C3     C N N 240 
MRD C4     C N R 241 
MRD O4     O N N 242 
MRD C5     C N N 243 
MRD H1C1   H N N 244 
MRD H1C2   H N N 245 
MRD H1C3   H N N 246 
MRD H2     H N N 247 
MRD HMC1   H N N 248 
MRD HMC2   H N N 249 
MRD HMC3   H N N 250 
MRD H3C1   H N N 251 
MRD H3C2   H N N 252 
MRD H4     H N N 253 
MRD HA     H N N 254 
MRD H5C1   H N N 255 
MRD H5C2   H N N 256 
MRD H5C3   H N N 257 
PEG C1     C N N 258 
PEG O1     O N N 259 
PEG C2     C N N 260 
PEG O2     O N N 261 
PEG C3     C N N 262 
PEG C4     C N N 263 
PEG O4     O N N 264 
PEG H11    H N N 265 
PEG H12    H N N 266 
PEG HO1    H N N 267 
PEG H21    H N N 268 
PEG H22    H N N 269 
PEG H31    H N N 270 
PEG H32    H N N 271 
PEG H41    H N N 272 
PEG H42    H N N 273 
PEG HO4    H N N 274 
PHE N      N N N 275 
PHE CA     C N S 276 
PHE C      C N N 277 
PHE O      O N N 278 
PHE CB     C N N 279 
PHE CG     C Y N 280 
PHE CD1    C Y N 281 
PHE CD2    C Y N 282 
PHE CE1    C Y N 283 
PHE CE2    C Y N 284 
PHE CZ     C Y N 285 
PHE OXT    O N N 286 
PHE H      H N N 287 
PHE H2     H N N 288 
PHE HA     H N N 289 
PHE HB2    H N N 290 
PHE HB3    H N N 291 
PHE HD1    H N N 292 
PHE HD2    H N N 293 
PHE HE1    H N N 294 
PHE HE2    H N N 295 
PHE HZ     H N N 296 
PHE HXT    H N N 297 
PRO N      N N N 298 
PRO CA     C N S 299 
PRO C      C N N 300 
PRO O      O N N 301 
PRO CB     C N N 302 
PRO CG     C N N 303 
PRO CD     C N N 304 
PRO OXT    O N N 305 
PRO H      H N N 306 
PRO HA     H N N 307 
PRO HB2    H N N 308 
PRO HB3    H N N 309 
PRO HG2    H N N 310 
PRO HG3    H N N 311 
PRO HD2    H N N 312 
PRO HD3    H N N 313 
PRO HXT    H N N 314 
SER N      N N N 315 
SER CA     C N S 316 
SER C      C N N 317 
SER O      O N N 318 
SER CB     C N N 319 
SER OG     O N N 320 
SER OXT    O N N 321 
SER H      H N N 322 
SER H2     H N N 323 
SER HA     H N N 324 
SER HB2    H N N 325 
SER HB3    H N N 326 
SER HG     H N N 327 
SER HXT    H N N 328 
THR N      N N N 329 
THR CA     C N S 330 
THR C      C N N 331 
THR O      O N N 332 
THR CB     C N R 333 
THR OG1    O N N 334 
THR CG2    C N N 335 
THR OXT    O N N 336 
THR H      H N N 337 
THR H2     H N N 338 
THR HA     H N N 339 
THR HB     H N N 340 
THR HG1    H N N 341 
THR HG21   H N N 342 
THR HG22   H N N 343 
THR HG23   H N N 344 
THR HXT    H N N 345 
TYR N      N N N 346 
TYR CA     C N S 347 
TYR C      C N N 348 
TYR O      O N N 349 
TYR CB     C N N 350 
TYR CG     C Y N 351 
TYR CD1    C Y N 352 
TYR CD2    C Y N 353 
TYR CE1    C Y N 354 
TYR CE2    C Y N 355 
TYR CZ     C Y N 356 
TYR OH     O N N 357 
TYR OXT    O N N 358 
TYR H      H N N 359 
TYR H2     H N N 360 
TYR HA     H N N 361 
TYR HB2    H N N 362 
TYR HB3    H N N 363 
TYR HD1    H N N 364 
TYR HD2    H N N 365 
TYR HE1    H N N 366 
TYR HE2    H N N 367 
TYR HH     H N N 368 
TYR HXT    H N N 369 
U   OP3    O N N 370 
U   P      P N N 371 
U   OP1    O N N 372 
U   OP2    O N N 373 
U   "O5'"  O N N 374 
U   "C5'"  C N N 375 
U   "C4'"  C N R 376 
U   "O4'"  O N N 377 
U   "C3'"  C N S 378 
U   "O3'"  O N N 379 
U   "C2'"  C N R 380 
U   "O2'"  O N N 381 
U   "C1'"  C N R 382 
U   N1     N N N 383 
U   C2     C N N 384 
U   O2     O N N 385 
U   N3     N N N 386 
U   C4     C N N 387 
U   O4     O N N 388 
U   C5     C N N 389 
U   C6     C N N 390 
U   HOP3   H N N 391 
U   HOP2   H N N 392 
U   "H5'"  H N N 393 
U   "H5''" H N N 394 
U   "H4'"  H N N 395 
U   "H3'"  H N N 396 
U   "HO3'" H N N 397 
U   "H2'"  H N N 398 
U   "HO2'" H N N 399 
U   "H1'"  H N N 400 
U   H3     H N N 401 
U   H5     H N N 402 
U   H6     H N N 403 
VAL N      N N N 404 
VAL CA     C N S 405 
VAL C      C N N 406 
VAL O      O N N 407 
VAL CB     C N N 408 
VAL CG1    C N N 409 
VAL CG2    C N N 410 
VAL OXT    O N N 411 
VAL H      H N N 412 
VAL H2     H N N 413 
VAL HA     H N N 414 
VAL HB     H N N 415 
VAL HG11   H N N 416 
VAL HG12   H N N 417 
VAL HG13   H N N 418 
VAL HG21   H N N 419 
VAL HG22   H N N 420 
VAL HG23   H N N 421 
VAL HXT    H N N 422 
# 
loop_
_chem_comp_bond.comp_id 
_chem_comp_bond.atom_id_1 
_chem_comp_bond.atom_id_2 
_chem_comp_bond.value_order 
_chem_comp_bond.pdbx_aromatic_flag 
_chem_comp_bond.pdbx_stereo_config 
_chem_comp_bond.pdbx_ordinal 
ALA N     CA     sing N N 1   
ALA N     H      sing N N 2   
ALA N     H2     sing N N 3   
ALA CA    C      sing N N 4   
ALA CA    CB     sing N N 5   
ALA CA    HA     sing N N 6   
ALA C     O      doub N N 7   
ALA C     OXT    sing N N 8   
ALA CB    HB1    sing N N 9   
ALA CB    HB2    sing N N 10  
ALA CB    HB3    sing N N 11  
ALA OXT   HXT    sing N N 12  
ARG N     CA     sing N N 13  
ARG N     H      sing N N 14  
ARG N     H2     sing N N 15  
ARG CA    C      sing N N 16  
ARG CA    CB     sing N N 17  
ARG CA    HA     sing N N 18  
ARG C     O      doub N N 19  
ARG C     OXT    sing N N 20  
ARG CB    CG     sing N N 21  
ARG CB    HB2    sing N N 22  
ARG CB    HB3    sing N N 23  
ARG CG    CD     sing N N 24  
ARG CG    HG2    sing N N 25  
ARG CG    HG3    sing N N 26  
ARG CD    NE     sing N N 27  
ARG CD    HD2    sing N N 28  
ARG CD    HD3    sing N N 29  
ARG NE    CZ     sing N N 30  
ARG NE    HE     sing N N 31  
ARG CZ    NH1    sing N N 32  
ARG CZ    NH2    doub N N 33  
ARG NH1   HH11   sing N N 34  
ARG NH1   HH12   sing N N 35  
ARG NH2   HH21   sing N N 36  
ARG NH2   HH22   sing N N 37  
ARG OXT   HXT    sing N N 38  
ASN N     CA     sing N N 39  
ASN N     H      sing N N 40  
ASN N     H2     sing N N 41  
ASN CA    C      sing N N 42  
ASN CA    CB     sing N N 43  
ASN CA    HA     sing N N 44  
ASN C     O      doub N N 45  
ASN C     OXT    sing N N 46  
ASN CB    CG     sing N N 47  
ASN CB    HB2    sing N N 48  
ASN CB    HB3    sing N N 49  
ASN CG    OD1    doub N N 50  
ASN CG    ND2    sing N N 51  
ASN ND2   HD21   sing N N 52  
ASN ND2   HD22   sing N N 53  
ASN OXT   HXT    sing N N 54  
ASP N     CA     sing N N 55  
ASP N     H      sing N N 56  
ASP N     H2     sing N N 57  
ASP CA    C      sing N N 58  
ASP CA    CB     sing N N 59  
ASP CA    HA     sing N N 60  
ASP C     O      doub N N 61  
ASP C     OXT    sing N N 62  
ASP CB    CG     sing N N 63  
ASP CB    HB2    sing N N 64  
ASP CB    HB3    sing N N 65  
ASP CG    OD1    doub N N 66  
ASP CG    OD2    sing N N 67  
ASP OD2   HD2    sing N N 68  
ASP OXT   HXT    sing N N 69  
GLN N     CA     sing N N 70  
GLN N     H      sing N N 71  
GLN N     H2     sing N N 72  
GLN CA    C      sing N N 73  
GLN CA    CB     sing N N 74  
GLN CA    HA     sing N N 75  
GLN C     O      doub N N 76  
GLN C     OXT    sing N N 77  
GLN CB    CG     sing N N 78  
GLN CB    HB2    sing N N 79  
GLN CB    HB3    sing N N 80  
GLN CG    CD     sing N N 81  
GLN CG    HG2    sing N N 82  
GLN CG    HG3    sing N N 83  
GLN CD    OE1    doub N N 84  
GLN CD    NE2    sing N N 85  
GLN NE2   HE21   sing N N 86  
GLN NE2   HE22   sing N N 87  
GLN OXT   HXT    sing N N 88  
GLU N     CA     sing N N 89  
GLU N     H      sing N N 90  
GLU N     H2     sing N N 91  
GLU CA    C      sing N N 92  
GLU CA    CB     sing N N 93  
GLU CA    HA     sing N N 94  
GLU C     O      doub N N 95  
GLU C     OXT    sing N N 96  
GLU CB    CG     sing N N 97  
GLU CB    HB2    sing N N 98  
GLU CB    HB3    sing N N 99  
GLU CG    CD     sing N N 100 
GLU CG    HG2    sing N N 101 
GLU CG    HG3    sing N N 102 
GLU CD    OE1    doub N N 103 
GLU CD    OE2    sing N N 104 
GLU OE2   HE2    sing N N 105 
GLU OXT   HXT    sing N N 106 
GLY N     CA     sing N N 107 
GLY N     H      sing N N 108 
GLY N     H2     sing N N 109 
GLY CA    C      sing N N 110 
GLY CA    HA2    sing N N 111 
GLY CA    HA3    sing N N 112 
GLY C     O      doub N N 113 
GLY C     OXT    sing N N 114 
GLY OXT   HXT    sing N N 115 
HIS N     CA     sing N N 116 
HIS N     H      sing N N 117 
HIS N     H2     sing N N 118 
HIS CA    C      sing N N 119 
HIS CA    CB     sing N N 120 
HIS CA    HA     sing N N 121 
HIS C     O      doub N N 122 
HIS C     OXT    sing N N 123 
HIS CB    CG     sing N N 124 
HIS CB    HB2    sing N N 125 
HIS CB    HB3    sing N N 126 
HIS CG    ND1    sing Y N 127 
HIS CG    CD2    doub Y N 128 
HIS ND1   CE1    doub Y N 129 
HIS ND1   HD1    sing N N 130 
HIS CD2   NE2    sing Y N 131 
HIS CD2   HD2    sing N N 132 
HIS CE1   NE2    sing Y N 133 
HIS CE1   HE1    sing N N 134 
HIS NE2   HE2    sing N N 135 
HIS OXT   HXT    sing N N 136 
HOH O     H1     sing N N 137 
HOH O     H2     sing N N 138 
ILE N     CA     sing N N 139 
ILE N     H      sing N N 140 
ILE N     H2     sing N N 141 
ILE CA    C      sing N N 142 
ILE CA    CB     sing N N 143 
ILE CA    HA     sing N N 144 
ILE C     O      doub N N 145 
ILE C     OXT    sing N N 146 
ILE CB    CG1    sing N N 147 
ILE CB    CG2    sing N N 148 
ILE CB    HB     sing N N 149 
ILE CG1   CD1    sing N N 150 
ILE CG1   HG12   sing N N 151 
ILE CG1   HG13   sing N N 152 
ILE CG2   HG21   sing N N 153 
ILE CG2   HG22   sing N N 154 
ILE CG2   HG23   sing N N 155 
ILE CD1   HD11   sing N N 156 
ILE CD1   HD12   sing N N 157 
ILE CD1   HD13   sing N N 158 
ILE OXT   HXT    sing N N 159 
LEU N     CA     sing N N 160 
LEU N     H      sing N N 161 
LEU N     H2     sing N N 162 
LEU CA    C      sing N N 163 
LEU CA    CB     sing N N 164 
LEU CA    HA     sing N N 165 
LEU C     O      doub N N 166 
LEU C     OXT    sing N N 167 
LEU CB    CG     sing N N 168 
LEU CB    HB2    sing N N 169 
LEU CB    HB3    sing N N 170 
LEU CG    CD1    sing N N 171 
LEU CG    CD2    sing N N 172 
LEU CG    HG     sing N N 173 
LEU CD1   HD11   sing N N 174 
LEU CD1   HD12   sing N N 175 
LEU CD1   HD13   sing N N 176 
LEU CD2   HD21   sing N N 177 
LEU CD2   HD22   sing N N 178 
LEU CD2   HD23   sing N N 179 
LEU OXT   HXT    sing N N 180 
LYS N     CA     sing N N 181 
LYS N     H      sing N N 182 
LYS N     H2     sing N N 183 
LYS CA    C      sing N N 184 
LYS CA    CB     sing N N 185 
LYS CA    HA     sing N N 186 
LYS C     O      doub N N 187 
LYS C     OXT    sing N N 188 
LYS CB    CG     sing N N 189 
LYS CB    HB2    sing N N 190 
LYS CB    HB3    sing N N 191 
LYS CG    CD     sing N N 192 
LYS CG    HG2    sing N N 193 
LYS CG    HG3    sing N N 194 
LYS CD    CE     sing N N 195 
LYS CD    HD2    sing N N 196 
LYS CD    HD3    sing N N 197 
LYS CE    NZ     sing N N 198 
LYS CE    HE2    sing N N 199 
LYS CE    HE3    sing N N 200 
LYS NZ    HZ1    sing N N 201 
LYS NZ    HZ2    sing N N 202 
LYS NZ    HZ3    sing N N 203 
LYS OXT   HXT    sing N N 204 
MET N     CA     sing N N 205 
MET N     H      sing N N 206 
MET N     H2     sing N N 207 
MET CA    C      sing N N 208 
MET CA    CB     sing N N 209 
MET CA    HA     sing N N 210 
MET C     O      doub N N 211 
MET C     OXT    sing N N 212 
MET CB    CG     sing N N 213 
MET CB    HB2    sing N N 214 
MET CB    HB3    sing N N 215 
MET CG    SD     sing N N 216 
MET CG    HG2    sing N N 217 
MET CG    HG3    sing N N 218 
MET SD    CE     sing N N 219 
MET CE    HE1    sing N N 220 
MET CE    HE2    sing N N 221 
MET CE    HE3    sing N N 222 
MET OXT   HXT    sing N N 223 
MRD C1    C2     sing N N 224 
MRD C1    H1C1   sing N N 225 
MRD C1    H1C2   sing N N 226 
MRD C1    H1C3   sing N N 227 
MRD C2    O2     sing N N 228 
MRD C2    CM     sing N N 229 
MRD C2    C3     sing N N 230 
MRD O2    H2     sing N N 231 
MRD CM    HMC1   sing N N 232 
MRD CM    HMC2   sing N N 233 
MRD CM    HMC3   sing N N 234 
MRD C3    C4     sing N N 235 
MRD C3    H3C1   sing N N 236 
MRD C3    H3C2   sing N N 237 
MRD C4    O4     sing N N 238 
MRD C4    C5     sing N N 239 
MRD C4    H4     sing N N 240 
MRD O4    HA     sing N N 241 
MRD C5    H5C1   sing N N 242 
MRD C5    H5C2   sing N N 243 
MRD C5    H5C3   sing N N 244 
PEG C1    O1     sing N N 245 
PEG C1    C2     sing N N 246 
PEG C1    H11    sing N N 247 
PEG C1    H12    sing N N 248 
PEG O1    HO1    sing N N 249 
PEG C2    O2     sing N N 250 
PEG C2    H21    sing N N 251 
PEG C2    H22    sing N N 252 
PEG O2    C3     sing N N 253 
PEG C3    C4     sing N N 254 
PEG C3    H31    sing N N 255 
PEG C3    H32    sing N N 256 
PEG C4    O4     sing N N 257 
PEG C4    H41    sing N N 258 
PEG C4    H42    sing N N 259 
PEG O4    HO4    sing N N 260 
PHE N     CA     sing N N 261 
PHE N     H      sing N N 262 
PHE N     H2     sing N N 263 
PHE CA    C      sing N N 264 
PHE CA    CB     sing N N 265 
PHE CA    HA     sing N N 266 
PHE C     O      doub N N 267 
PHE C     OXT    sing N N 268 
PHE CB    CG     sing N N 269 
PHE CB    HB2    sing N N 270 
PHE CB    HB3    sing N N 271 
PHE CG    CD1    doub Y N 272 
PHE CG    CD2    sing Y N 273 
PHE CD1   CE1    sing Y N 274 
PHE CD1   HD1    sing N N 275 
PHE CD2   CE2    doub Y N 276 
PHE CD2   HD2    sing N N 277 
PHE CE1   CZ     doub Y N 278 
PHE CE1   HE1    sing N N 279 
PHE CE2   CZ     sing Y N 280 
PHE CE2   HE2    sing N N 281 
PHE CZ    HZ     sing N N 282 
PHE OXT   HXT    sing N N 283 
PRO N     CA     sing N N 284 
PRO N     CD     sing N N 285 
PRO N     H      sing N N 286 
PRO CA    C      sing N N 287 
PRO CA    CB     sing N N 288 
PRO CA    HA     sing N N 289 
PRO C     O      doub N N 290 
PRO C     OXT    sing N N 291 
PRO CB    CG     sing N N 292 
PRO CB    HB2    sing N N 293 
PRO CB    HB3    sing N N 294 
PRO CG    CD     sing N N 295 
PRO CG    HG2    sing N N 296 
PRO CG    HG3    sing N N 297 
PRO CD    HD2    sing N N 298 
PRO CD    HD3    sing N N 299 
PRO OXT   HXT    sing N N 300 
SER N     CA     sing N N 301 
SER N     H      sing N N 302 
SER N     H2     sing N N 303 
SER CA    C      sing N N 304 
SER CA    CB     sing N N 305 
SER CA    HA     sing N N 306 
SER C     O      doub N N 307 
SER C     OXT    sing N N 308 
SER CB    OG     sing N N 309 
SER CB    HB2    sing N N 310 
SER CB    HB3    sing N N 311 
SER OG    HG     sing N N 312 
SER OXT   HXT    sing N N 313 
THR N     CA     sing N N 314 
THR N     H      sing N N 315 
THR N     H2     sing N N 316 
THR CA    C      sing N N 317 
THR CA    CB     sing N N 318 
THR CA    HA     sing N N 319 
THR C     O      doub N N 320 
THR C     OXT    sing N N 321 
THR CB    OG1    sing N N 322 
THR CB    CG2    sing N N 323 
THR CB    HB     sing N N 324 
THR OG1   HG1    sing N N 325 
THR CG2   HG21   sing N N 326 
THR CG2   HG22   sing N N 327 
THR CG2   HG23   sing N N 328 
THR OXT   HXT    sing N N 329 
TYR N     CA     sing N N 330 
TYR N     H      sing N N 331 
TYR N     H2     sing N N 332 
TYR CA    C      sing N N 333 
TYR CA    CB     sing N N 334 
TYR CA    HA     sing N N 335 
TYR C     O      doub N N 336 
TYR C     OXT    sing N N 337 
TYR CB    CG     sing N N 338 
TYR CB    HB2    sing N N 339 
TYR CB    HB3    sing N N 340 
TYR CG    CD1    doub Y N 341 
TYR CG    CD2    sing Y N 342 
TYR CD1   CE1    sing Y N 343 
TYR CD1   HD1    sing N N 344 
TYR CD2   CE2    doub Y N 345 
TYR CD2   HD2    sing N N 346 
TYR CE1   CZ     doub Y N 347 
TYR CE1   HE1    sing N N 348 
TYR CE2   CZ     sing Y N 349 
TYR CE2   HE2    sing N N 350 
TYR CZ    OH     sing N N 351 
TYR OH    HH     sing N N 352 
TYR OXT   HXT    sing N N 353 
U   OP3   P      sing N N 354 
U   OP3   HOP3   sing N N 355 
U   P     OP1    doub N N 356 
U   P     OP2    sing N N 357 
U   P     "O5'"  sing N N 358 
U   OP2   HOP2   sing N N 359 
U   "O5'" "C5'"  sing N N 360 
U   "C5'" "C4'"  sing N N 361 
U   "C5'" "H5'"  sing N N 362 
U   "C5'" "H5''" sing N N 363 
U   "C4'" "O4'"  sing N N 364 
U   "C4'" "C3'"  sing N N 365 
U   "C4'" "H4'"  sing N N 366 
U   "O4'" "C1'"  sing N N 367 
U   "C3'" "O3'"  sing N N 368 
U   "C3'" "C2'"  sing N N 369 
U   "C3'" "H3'"  sing N N 370 
U   "O3'" "HO3'" sing N N 371 
U   "C2'" "O2'"  sing N N 372 
U   "C2'" "C1'"  sing N N 373 
U   "C2'" "H2'"  sing N N 374 
U   "O2'" "HO2'" sing N N 375 
U   "C1'" N1     sing N N 376 
U   "C1'" "H1'"  sing N N 377 
U   N1    C2     sing N N 378 
U   N1    C6     sing N N 379 
U   C2    O2     doub N N 380 
U   C2    N3     sing N N 381 
U   N3    C4     sing N N 382 
U   N3    H3     sing N N 383 
U   C4    O4     doub N N 384 
U   C4    C5     sing N N 385 
U   C5    C6     doub N N 386 
U   C5    H5     sing N N 387 
U   C6    H6     sing N N 388 
VAL N     CA     sing N N 389 
VAL N     H      sing N N 390 
VAL N     H2     sing N N 391 
VAL CA    C      sing N N 392 
VAL CA    CB     sing N N 393 
VAL CA    HA     sing N N 394 
VAL C     O      doub N N 395 
VAL C     OXT    sing N N 396 
VAL CB    CG1    sing N N 397 
VAL CB    CG2    sing N N 398 
VAL CB    HB     sing N N 399 
VAL CG1   HG11   sing N N 400 
VAL CG1   HG12   sing N N 401 
VAL CG1   HG13   sing N N 402 
VAL CG2   HG21   sing N N 403 
VAL CG2   HG22   sing N N 404 
VAL CG2   HG23   sing N N 405 
VAL OXT   HXT    sing N N 406 
# 
_pdbx_audit_support.country                'United States' 
_pdbx_audit_support.funding_organization   'National Science Foundation (NSF, United States)' 
_pdbx_audit_support.grant_number           MCB-135095 
_pdbx_audit_support.ordinal                1 
# 
loop_
_pdbx_entity_nonpoly.entity_id 
_pdbx_entity_nonpoly.name 
_pdbx_entity_nonpoly.comp_id 
3 '(4R)-2-METHYLPENTANE-2,4-DIOL' MRD 
4 'DI(HYDROXYETHYL)ETHER'         PEG 
5 water                           HOH 
# 
_pdbx_initial_refinement_model.id               1 
_pdbx_initial_refinement_model.entity_id_list   ? 
_pdbx_initial_refinement_model.type             'experimental model' 
_pdbx_initial_refinement_model.source_name      PDB 
_pdbx_initial_refinement_model.accession_code   1U1S 
_pdbx_initial_refinement_model.details          ? 
# 
